data_7UMN
#
_entry.id   7UMN
#
loop_
_entity.id
_entity.type
_entity.pdbx_description
1 polymer Hemagglutinin
2 polymer 'Ab36 Fab heavy chain'
3 polymer 'Ab36 Fab light chain'
#
loop_
_entity_poly.entity_id
_entity_poly.type
_entity_poly.pdbx_seq_one_letter_code
_entity_poly.pdbx_strand_id
1 'polypeptide(L)'
;ADPGYLLEDTICIGYHANNSTDTVDTVLEKNVTVTHSVNLLEDSHNGKLCLLKGIAPLQLGNCSVAGWILGNPECELLIS
RESWSYIVEKPNPENGTCYPGHFADYEELREQLSSVSSFERFEIFPKESSWPNHTTTGVSASCSHNGESSFYKNLLWLTG
KNGLYPNLSKSYANNKEKEVLVLWGVHHPPNIGDQRALYHTENAYVSVVSSHYSRKFTPEIAKRPKVRDQEGRINYYWTL
LEPGDTIIFEANGNLIAPRYAFALSRGFGSGIINSNAPMDECDAKCQTPQGAINSSLPFQNVHPVTIGECPKYVRSAKLR
MVTGLRNIPSIQSRGLFGAIAGFIEGGWTGMVDGWYGYHHQNEQGSGYAADQKSTQNAINGITNKVNSVIEKMNTQFTAV
GKEFNKLERRMENLNKKVDDGFIDIWTYNAELLVLLENERTLDFHDSNVKNLYEKVKSQLKNNAKEIGNGCFEFYHKCND
ECMESVKNGTYDYPKYSEESKLNREKIDGVRSGSGGALEVLFQ
;
A,B,C
2 'polypeptide(L)'
;EFQLQQSGPELVKPGASVKISCKASGYSFTDYNMNWVKQSDGKSLEWIGIINPNYGIISYNQKFKGKATLTVDQSSSTAY
MQLNSLTSEDSAVYYCARWGNSPYYYYYMDVWGKGTTVTVSGAKTTPPSVYPLAPGSAAQTNSMVTLGCLVKGYFPEPVT
VTWNSGSLSSGVHTFPAVLQSDLYTLSSSVTVPSSTWPSETVTCNVAHPASSTKVDKKIVPRDCGGSGLEVLFQ
;
H,I,J
3 'polypeptide(L)'
;ENVLTQSPAIMSASPGEKVTMTCRATSSVSSSYLHWYQQKSGASPKLWIYGTSNLASGVPARFSGSGSGTSYSLTISTVE
AEDAATYYCQQYSGYPLTFGAGTKLELKRADGAPTVSIFPPSSEQLTSGGASVVCFLNNFYPKDINVKWKIDGSERQNGV
LNSWTDQDSKDSTYSMSSTLTLTKDEYERHNSYTCEATHKTSTSPIVKSFNRNEC
;
L,M,N
#
# COMPACT_ATOMS: atom_id res chain seq x y z
N HIS A 45 -5.83 -18.74 -51.31
CA HIS A 45 -4.57 -18.88 -50.54
C HIS A 45 -4.27 -20.35 -50.22
N ASN A 46 -3.01 -20.62 -49.86
CA ASN A 46 -2.50 -21.97 -49.74
C ASN A 46 -3.17 -22.78 -48.63
N GLY A 47 -3.82 -22.13 -47.68
CA GLY A 47 -4.64 -22.83 -46.72
C GLY A 47 -3.91 -23.61 -45.65
N LYS A 48 -2.60 -23.43 -45.51
CA LYS A 48 -1.81 -24.22 -44.58
C LYS A 48 -0.86 -23.32 -43.82
N LEU A 49 -0.45 -23.81 -42.64
CA LEU A 49 0.56 -23.14 -41.82
C LEU A 49 1.94 -23.40 -42.40
N CYS A 50 2.21 -22.73 -43.51
CA CYS A 50 3.45 -22.90 -44.26
C CYS A 50 4.64 -22.37 -43.47
N LEU A 51 5.79 -22.37 -44.13
CA LEU A 51 7.02 -21.80 -43.60
C LEU A 51 7.37 -20.56 -44.40
N LEU A 52 7.83 -19.52 -43.71
CA LEU A 52 8.12 -18.27 -44.38
C LEU A 52 9.37 -18.37 -45.25
N LYS A 53 10.46 -18.84 -44.67
CA LYS A 53 11.74 -18.92 -45.37
C LYS A 53 12.43 -20.26 -45.14
N GLY A 54 11.65 -21.31 -44.90
CA GLY A 54 12.17 -22.56 -44.41
C GLY A 54 12.28 -22.66 -42.91
N ILE A 55 12.22 -21.52 -42.22
CA ILE A 55 12.26 -21.51 -40.75
C ILE A 55 10.86 -21.76 -40.23
N ALA A 56 10.73 -22.72 -39.33
CA ALA A 56 9.43 -23.27 -38.99
C ALA A 56 8.76 -22.50 -37.86
N PRO A 57 7.44 -22.54 -37.82
CA PRO A 57 6.72 -21.88 -36.71
C PRO A 57 6.91 -22.61 -35.40
N LEU A 58 6.17 -22.13 -34.42
CA LEU A 58 6.03 -22.77 -33.12
C LEU A 58 4.56 -23.11 -32.95
N GLN A 59 4.28 -24.35 -32.59
CA GLN A 59 2.90 -24.85 -32.46
C GLN A 59 2.65 -25.15 -31.00
N LEU A 60 1.78 -24.35 -30.40
CA LEU A 60 1.44 -24.56 -29.00
C LEU A 60 0.19 -25.42 -28.87
N GLY A 61 -0.62 -25.48 -29.92
CA GLY A 61 -1.84 -26.26 -29.89
C GLY A 61 -2.67 -25.99 -28.65
N ASN A 62 -2.77 -26.98 -27.79
CA ASN A 62 -3.55 -26.85 -26.56
C ASN A 62 -2.80 -26.07 -25.50
N CYS A 63 -1.57 -25.64 -25.80
CA CYS A 63 -0.85 -24.73 -24.95
C CYS A 63 -1.26 -23.30 -25.29
N SER A 64 -0.84 -22.35 -24.46
CA SER A 64 -1.03 -20.93 -24.77
C SER A 64 0.23 -20.16 -24.44
N VAL A 65 0.30 -18.93 -24.97
CA VAL A 65 1.44 -18.08 -24.69
C VAL A 65 1.61 -17.90 -23.20
N ALA A 66 0.50 -17.89 -22.48
CA ALA A 66 0.57 -17.79 -21.04
C ALA A 66 1.26 -18.99 -20.44
N GLY A 67 0.99 -20.18 -20.96
CA GLY A 67 1.55 -21.40 -20.42
C GLY A 67 2.89 -21.75 -21.03
N TRP A 68 2.99 -21.55 -22.34
CA TRP A 68 4.26 -21.70 -23.04
C TRP A 68 5.40 -21.10 -22.25
N ILE A 69 5.32 -19.80 -21.99
CA ILE A 69 6.38 -19.13 -21.25
C ILE A 69 6.50 -19.68 -19.85
N LEU A 70 5.39 -19.88 -19.16
CA LEU A 70 5.44 -20.50 -17.85
C LEU A 70 5.86 -21.95 -17.92
N GLY A 71 5.90 -22.53 -19.11
CA GLY A 71 6.25 -23.93 -19.19
C GLY A 71 5.14 -24.80 -18.65
N ASN A 72 4.05 -24.90 -19.39
CA ASN A 72 2.91 -25.67 -18.93
C ASN A 72 3.27 -27.16 -18.92
N PRO A 73 3.01 -27.87 -17.81
CA PRO A 73 3.40 -29.27 -17.76
C PRO A 73 2.86 -30.09 -18.91
N GLU A 74 1.62 -29.85 -19.31
CA GLU A 74 1.07 -30.54 -20.47
C GLU A 74 1.59 -29.84 -21.72
N CYS A 75 2.90 -29.72 -21.84
CA CYS A 75 3.45 -28.99 -22.97
C CYS A 75 4.95 -29.29 -22.99
N GLU A 76 5.46 -29.57 -24.18
CA GLU A 76 6.90 -29.75 -24.31
C GLU A 76 7.62 -28.56 -23.71
N LEU A 77 8.84 -28.80 -23.21
CA LEU A 77 9.72 -27.68 -22.89
C LEU A 77 9.90 -26.78 -24.10
N LEU A 78 9.50 -27.24 -25.28
CA LEU A 78 9.59 -26.50 -26.53
C LEU A 78 11.01 -26.00 -26.78
N ILE A 79 11.97 -26.67 -26.15
CA ILE A 79 13.38 -26.51 -26.49
C ILE A 79 13.60 -26.86 -27.94
N SER A 80 12.79 -27.76 -28.48
CA SER A 80 12.87 -28.10 -29.89
C SER A 80 12.62 -26.89 -30.79
N ARG A 81 11.97 -25.84 -30.28
CA ARG A 81 11.50 -24.72 -31.09
C ARG A 81 11.95 -23.39 -30.49
N GLU A 82 13.23 -23.27 -30.18
CA GLU A 82 13.74 -21.99 -29.68
C GLU A 82 13.98 -20.97 -30.78
N SER A 83 13.45 -21.20 -31.97
CA SER A 83 13.50 -20.23 -33.06
C SER A 83 12.33 -20.49 -33.98
N TRP A 84 11.76 -19.42 -34.54
CA TRP A 84 10.60 -19.60 -35.40
C TRP A 84 10.40 -18.40 -36.30
N SER A 85 9.45 -18.56 -37.23
CA SER A 85 8.93 -17.43 -37.98
C SER A 85 7.68 -16.85 -37.34
N TYR A 86 6.91 -17.70 -36.65
CA TYR A 86 5.71 -17.20 -36.00
C TYR A 86 5.17 -18.21 -35.00
N ILE A 87 4.51 -17.69 -34.01
CA ILE A 87 3.81 -18.47 -33.01
C ILE A 87 2.40 -18.73 -33.50
N VAL A 88 1.87 -19.89 -33.15
CA VAL A 88 0.54 -20.33 -33.56
C VAL A 88 -0.27 -20.58 -32.30
N GLU A 89 -1.46 -20.01 -32.25
CA GLU A 89 -2.31 -20.06 -31.07
C GLU A 89 -3.71 -20.46 -31.53
N LYS A 90 -4.33 -21.35 -30.78
CA LYS A 90 -5.71 -21.70 -31.07
C LYS A 90 -6.64 -20.66 -30.46
N PRO A 91 -7.87 -20.57 -30.93
CA PRO A 91 -8.72 -19.45 -30.53
C PRO A 91 -8.87 -19.29 -29.03
N ASN A 92 -8.95 -20.39 -28.30
CA ASN A 92 -9.10 -20.36 -26.85
C ASN A 92 -8.51 -21.64 -26.28
N PRO A 93 -7.19 -21.74 -26.26
CA PRO A 93 -6.56 -23.01 -25.89
C PRO A 93 -6.86 -23.37 -24.45
N GLU A 94 -7.24 -24.64 -24.25
CA GLU A 94 -7.74 -25.08 -22.96
C GLU A 94 -6.65 -25.03 -21.90
N ASN A 95 -5.51 -25.63 -22.18
CA ASN A 95 -4.48 -25.81 -21.16
C ASN A 95 -3.41 -24.73 -21.31
N GLY A 96 -3.72 -23.59 -20.70
CA GLY A 96 -2.78 -22.49 -20.60
C GLY A 96 -2.11 -22.55 -19.24
N THR A 97 -2.43 -21.64 -18.35
CA THR A 97 -1.88 -21.70 -17.00
C THR A 97 -2.57 -22.85 -16.29
N CYS A 98 -1.82 -23.91 -16.02
CA CYS A 98 -2.40 -25.05 -15.34
C CYS A 98 -2.96 -24.67 -13.98
N TYR A 99 -2.50 -23.56 -13.42
CA TYR A 99 -2.97 -23.10 -12.14
C TYR A 99 -3.67 -21.77 -12.33
N PRO A 100 -4.82 -21.57 -11.72
CA PRO A 100 -5.58 -20.35 -11.97
C PRO A 100 -4.91 -19.12 -11.39
N GLY A 101 -5.03 -18.02 -12.10
CA GLY A 101 -4.55 -16.75 -11.60
C GLY A 101 -4.42 -15.75 -12.74
N HIS A 102 -4.12 -14.52 -12.35
CA HIS A 102 -4.12 -13.40 -13.28
C HIS A 102 -2.68 -13.13 -13.71
N PHE A 103 -2.47 -13.10 -15.02
CA PHE A 103 -1.14 -13.00 -15.60
C PHE A 103 -0.87 -11.54 -15.90
N ALA A 104 -0.24 -10.85 -14.95
CA ALA A 104 -0.13 -9.41 -15.02
C ALA A 104 0.55 -8.95 -16.29
N ASP A 105 0.01 -7.90 -16.89
CA ASP A 105 0.52 -7.34 -18.13
C ASP A 105 0.69 -8.41 -19.19
N TYR A 106 -0.26 -9.34 -19.19
CA TYR A 106 -0.28 -10.40 -20.19
C TYR A 106 -0.34 -9.83 -21.59
N GLU A 107 -1.18 -8.82 -21.79
CA GLU A 107 -1.42 -8.30 -23.12
C GLU A 107 -0.20 -7.55 -23.65
N GLU A 108 0.74 -7.25 -22.76
CA GLU A 108 1.98 -6.58 -23.16
C GLU A 108 3.07 -7.61 -23.43
N LEU A 109 3.12 -8.66 -22.62
CA LEU A 109 4.04 -9.75 -22.85
C LEU A 109 3.80 -10.38 -24.20
N ARG A 110 2.53 -10.64 -24.52
CA ARG A 110 2.24 -11.16 -25.84
C ARG A 110 2.84 -10.27 -26.92
N GLU A 111 2.79 -8.95 -26.73
CA GLU A 111 3.24 -8.06 -27.78
C GLU A 111 4.75 -8.02 -27.87
N GLN A 112 5.44 -8.03 -26.73
CA GLN A 112 6.89 -8.00 -26.80
C GLN A 112 7.44 -9.32 -27.30
N LEU A 113 6.72 -10.41 -27.09
CA LEU A 113 7.10 -11.69 -27.66
C LEU A 113 6.67 -11.83 -29.10
N SER A 114 5.73 -11.01 -29.55
CA SER A 114 5.35 -11.05 -30.96
C SER A 114 6.54 -10.73 -31.86
N SER A 115 7.34 -9.73 -31.48
CA SER A 115 8.51 -9.37 -32.28
C SER A 115 9.60 -10.42 -32.17
N VAL A 116 9.68 -11.09 -31.02
CA VAL A 116 10.78 -12.01 -30.76
C VAL A 116 10.78 -13.14 -31.78
N SER A 117 11.96 -13.60 -32.15
CA SER A 117 12.13 -14.71 -33.07
C SER A 117 13.02 -15.82 -32.53
N SER A 118 13.56 -15.67 -31.32
CA SER A 118 14.36 -16.72 -30.73
C SER A 118 14.54 -16.46 -29.24
N PHE A 119 14.82 -17.51 -28.48
CA PHE A 119 15.13 -17.40 -27.08
C PHE A 119 16.57 -17.82 -26.83
N GLU A 120 16.87 -17.94 -25.53
CA GLU A 120 17.89 -18.84 -25.04
C GLU A 120 17.41 -19.24 -23.64
N ARG A 121 16.71 -20.36 -23.56
CA ARG A 121 16.03 -20.77 -22.33
C ARG A 121 17.06 -21.29 -21.35
N PHE A 122 17.71 -20.37 -20.66
CA PHE A 122 18.71 -20.72 -19.68
C PHE A 122 18.11 -20.84 -18.30
N GLU A 123 18.75 -21.66 -17.46
CA GLU A 123 18.32 -21.85 -16.08
C GLU A 123 18.93 -20.75 -15.25
N ILE A 124 18.33 -19.57 -15.37
CA ILE A 124 18.70 -18.37 -14.63
C ILE A 124 18.96 -18.69 -13.17
N PHE A 125 18.33 -19.75 -12.67
CA PHE A 125 18.59 -20.26 -11.33
C PHE A 125 18.41 -21.76 -11.35
N PRO A 126 19.49 -22.52 -11.30
CA PRO A 126 19.35 -23.98 -11.29
C PRO A 126 18.46 -24.46 -10.15
N LYS A 127 17.60 -25.43 -10.47
CA LYS A 127 16.69 -25.97 -9.47
C LYS A 127 17.47 -26.48 -8.27
N GLU A 128 18.54 -27.23 -8.51
CA GLU A 128 19.47 -27.60 -7.45
C GLU A 128 20.62 -26.60 -7.39
N SER A 129 21.12 -26.39 -6.17
CA SER A 129 22.28 -25.54 -5.94
C SER A 129 21.98 -24.05 -5.97
N SER A 130 20.73 -23.68 -6.28
CA SER A 130 20.36 -22.28 -6.16
C SER A 130 19.56 -22.02 -4.89
N TRP A 131 18.86 -23.03 -4.39
CA TRP A 131 17.95 -22.87 -3.24
C TRP A 131 18.21 -23.95 -2.20
N PRO A 132 19.39 -23.98 -1.61
CA PRO A 132 19.70 -25.04 -0.63
C PRO A 132 18.80 -25.04 0.58
N ASN A 133 18.21 -23.90 0.95
CA ASN A 133 17.37 -23.82 2.13
C ASN A 133 15.89 -23.66 1.79
N HIS A 134 15.49 -24.10 0.60
CA HIS A 134 14.09 -24.08 0.18
C HIS A 134 13.73 -25.40 -0.48
N THR A 135 12.47 -25.78 -0.31
CA THR A 135 11.94 -26.94 -1.00
C THR A 135 11.48 -26.52 -2.39
N THR A 136 12.05 -27.14 -3.40
CA THR A 136 11.80 -26.74 -4.77
C THR A 136 10.80 -27.66 -5.49
N THR A 137 10.44 -28.79 -4.89
CA THR A 137 9.66 -29.81 -5.56
C THR A 137 8.16 -29.64 -5.35
N GLY A 138 7.70 -28.42 -5.08
CA GLY A 138 6.28 -28.22 -4.92
C GLY A 138 5.53 -28.55 -6.20
N VAL A 139 4.31 -29.07 -6.04
CA VAL A 139 3.48 -29.48 -7.15
C VAL A 139 2.02 -29.29 -6.77
N SER A 140 1.16 -29.33 -7.77
CA SER A 140 -0.27 -29.18 -7.56
C SER A 140 -1.03 -30.14 -8.46
N ALA A 141 -2.20 -30.55 -7.99
CA ALA A 141 -3.05 -31.42 -8.78
C ALA A 141 -3.56 -30.72 -10.01
N SER A 142 -3.79 -29.42 -9.92
CA SER A 142 -4.27 -28.65 -11.06
C SER A 142 -3.33 -28.74 -12.24
N CYS A 143 -2.05 -28.99 -11.98
CA CYS A 143 -1.02 -29.04 -13.00
C CYS A 143 -0.61 -30.48 -13.30
N SER A 144 -1.59 -31.39 -13.31
CA SER A 144 -1.34 -32.79 -13.56
C SER A 144 -0.75 -33.02 -14.95
N HIS A 145 0.14 -33.99 -15.05
CA HIS A 145 0.75 -34.35 -16.33
C HIS A 145 1.13 -35.82 -16.28
N ASN A 146 0.35 -36.68 -16.94
CA ASN A 146 0.58 -38.12 -16.94
C ASN A 146 0.72 -38.67 -15.52
N GLY A 147 0.07 -38.01 -14.57
CA GLY A 147 0.26 -38.36 -13.18
C GLY A 147 -0.57 -37.46 -12.30
N GLU A 148 -0.50 -37.72 -11.00
CA GLU A 148 -1.35 -37.02 -10.06
C GLU A 148 -1.00 -35.55 -9.93
N SER A 149 0.27 -35.18 -10.13
CA SER A 149 0.66 -33.79 -9.90
C SER A 149 2.00 -33.50 -10.54
N SER A 150 2.24 -32.19 -10.72
CA SER A 150 3.48 -31.65 -11.22
C SER A 150 3.47 -30.16 -10.93
N PHE A 151 4.32 -29.41 -11.62
CA PHE A 151 4.25 -27.95 -11.61
C PHE A 151 4.90 -27.44 -12.88
N TYR A 152 4.82 -26.14 -13.08
CA TYR A 152 5.36 -25.54 -14.29
C TYR A 152 6.84 -25.90 -14.44
N LYS A 153 7.32 -25.87 -15.68
CA LYS A 153 8.70 -26.22 -15.96
C LYS A 153 9.64 -25.02 -15.96
N ASN A 154 9.11 -23.80 -15.93
CA ASN A 154 9.91 -22.60 -15.89
C ASN A 154 9.72 -21.80 -14.62
N LEU A 155 9.20 -22.42 -13.56
CA LEU A 155 9.11 -21.78 -12.26
C LEU A 155 9.23 -22.83 -11.19
N LEU A 156 9.53 -22.36 -9.98
CA LEU A 156 9.72 -23.22 -8.82
C LEU A 156 8.83 -22.73 -7.70
N TRP A 157 7.93 -23.59 -7.27
CA TRP A 157 7.02 -23.28 -6.18
C TRP A 157 7.77 -23.45 -4.87
N LEU A 158 8.61 -22.48 -4.57
CA LEU A 158 9.42 -22.56 -3.38
C LEU A 158 8.55 -22.65 -2.15
N THR A 159 8.86 -23.62 -1.30
CA THR A 159 8.25 -23.77 -0.01
C THR A 159 9.33 -24.11 1.00
N GLY A 160 8.94 -24.12 2.26
CA GLY A 160 9.92 -24.24 3.31
C GLY A 160 10.61 -25.59 3.31
N LYS A 161 11.84 -25.59 3.79
CA LYS A 161 12.59 -26.80 4.08
C LYS A 161 12.78 -26.88 5.59
N ASN A 162 12.68 -28.08 6.14
CA ASN A 162 12.71 -28.24 7.59
C ASN A 162 11.74 -27.28 8.27
N GLY A 163 10.65 -26.97 7.60
CA GLY A 163 9.69 -26.09 8.20
C GLY A 163 10.13 -24.66 8.29
N LEU A 164 11.18 -24.32 7.57
CA LEU A 164 11.75 -22.97 7.59
C LEU A 164 11.73 -22.41 6.17
N TYR A 165 11.29 -21.16 6.04
CA TYR A 165 11.34 -20.43 4.79
C TYR A 165 12.17 -19.18 5.02
N PRO A 166 13.49 -19.24 4.79
CA PRO A 166 14.34 -18.10 5.11
C PRO A 166 14.19 -16.98 4.11
N ASN A 167 14.21 -15.75 4.62
CA ASN A 167 14.09 -14.58 3.77
C ASN A 167 15.15 -14.64 2.70
N LEU A 168 14.73 -14.85 1.45
CA LEU A 168 15.67 -15.04 0.36
C LEU A 168 15.99 -13.72 -0.30
N SER A 169 17.16 -13.66 -0.94
CA SER A 169 17.63 -12.45 -1.59
C SER A 169 18.33 -12.76 -2.90
N LYS A 170 18.06 -13.92 -3.48
CA LYS A 170 18.69 -14.32 -4.72
C LYS A 170 18.67 -13.19 -5.74
N SER A 171 19.72 -13.13 -6.56
CA SER A 171 19.85 -12.10 -7.57
C SER A 171 20.63 -12.64 -8.74
N TYR A 172 20.42 -12.03 -9.89
CA TYR A 172 21.06 -12.46 -11.13
C TYR A 172 21.38 -11.27 -11.99
N ALA A 173 22.57 -11.29 -12.59
CA ALA A 173 23.08 -10.17 -13.38
C ALA A 173 23.19 -10.62 -14.83
N ASN A 174 22.59 -9.84 -15.73
CA ASN A 174 22.46 -10.22 -17.13
C ASN A 174 23.78 -10.00 -17.86
N ASN A 175 24.66 -10.98 -17.72
CA ASN A 175 25.93 -10.96 -18.42
C ASN A 175 25.84 -11.53 -19.84
N LYS A 176 24.64 -11.80 -20.32
CA LYS A 176 24.48 -12.43 -21.62
C LYS A 176 24.38 -11.44 -22.76
N GLU A 177 24.46 -10.15 -22.46
CA GLU A 177 24.52 -9.08 -23.47
C GLU A 177 23.27 -9.02 -24.33
N LYS A 178 22.16 -9.59 -23.84
CA LYS A 178 20.89 -9.45 -24.51
C LYS A 178 19.78 -9.48 -23.47
N GLU A 179 18.65 -8.87 -23.81
CA GLU A 179 17.57 -8.70 -22.84
C GLU A 179 17.10 -10.04 -22.33
N VAL A 180 16.75 -10.07 -21.04
CA VAL A 180 16.34 -11.29 -20.37
C VAL A 180 14.90 -11.10 -19.90
N LEU A 181 14.02 -11.99 -20.34
CA LEU A 181 12.65 -12.03 -19.88
C LEU A 181 12.55 -12.89 -18.63
N VAL A 182 12.35 -12.26 -17.51
CA VAL A 182 12.18 -12.95 -16.25
C VAL A 182 10.71 -13.10 -15.95
N LEU A 183 10.36 -14.24 -15.38
CA LEU A 183 9.01 -14.54 -14.92
C LEU A 183 9.06 -15.05 -13.49
N TRP A 184 8.09 -14.61 -12.71
CA TRP A 184 7.89 -15.16 -11.39
C TRP A 184 6.42 -15.09 -11.07
N GLY A 185 6.08 -15.47 -9.85
CA GLY A 185 4.71 -15.48 -9.43
C GLY A 185 4.63 -15.26 -7.93
N VAL A 186 3.46 -14.81 -7.51
CA VAL A 186 3.14 -14.69 -6.10
C VAL A 186 1.85 -15.43 -5.86
N HIS A 187 1.85 -16.26 -4.83
CA HIS A 187 0.77 -17.17 -4.56
C HIS A 187 -0.19 -16.54 -3.57
N HIS A 188 -1.45 -16.48 -3.95
CA HIS A 188 -2.52 -15.97 -3.13
C HIS A 188 -3.30 -17.17 -2.63
N PRO A 189 -2.85 -17.80 -1.56
CA PRO A 189 -3.46 -19.04 -1.12
C PRO A 189 -4.84 -18.79 -0.55
N PRO A 190 -5.73 -19.79 -0.58
CA PRO A 190 -7.11 -19.56 -0.20
C PRO A 190 -7.36 -19.44 1.29
N ASN A 191 -6.35 -19.65 2.12
CA ASN A 191 -6.57 -19.53 3.55
C ASN A 191 -5.23 -19.42 4.25
N ILE A 192 -5.29 -18.97 5.51
CA ILE A 192 -4.07 -18.81 6.29
C ILE A 192 -3.41 -20.15 6.53
N GLY A 193 -4.17 -21.22 6.60
CA GLY A 193 -3.56 -22.52 6.85
C GLY A 193 -2.61 -22.93 5.75
N ASP A 194 -3.03 -22.78 4.50
CA ASP A 194 -2.15 -23.14 3.39
C ASP A 194 -0.95 -22.20 3.31
N GLN A 195 -1.20 -20.90 3.53
CA GLN A 195 -0.11 -19.93 3.56
C GLN A 195 0.96 -20.36 4.55
N ARG A 196 0.56 -20.70 5.77
CA ARG A 196 1.52 -20.98 6.81
C ARG A 196 2.04 -22.41 6.77
N ALA A 197 1.44 -23.27 5.96
CA ALA A 197 2.02 -24.58 5.75
C ALA A 197 3.03 -24.58 4.63
N LEU A 198 2.83 -23.72 3.64
CA LEU A 198 3.80 -23.57 2.57
C LEU A 198 4.94 -22.67 2.98
N TYR A 199 4.62 -21.41 3.29
CA TYR A 199 5.58 -20.35 3.43
C TYR A 199 5.86 -19.97 4.87
N HIS A 200 5.06 -20.43 5.81
CA HIS A 200 5.30 -20.30 7.23
C HIS A 200 5.31 -18.85 7.71
N THR A 201 4.81 -17.92 6.92
CA THR A 201 4.62 -16.55 7.36
C THR A 201 3.29 -16.00 6.88
N GLU A 202 2.71 -15.14 7.70
CA GLU A 202 1.38 -14.60 7.48
C GLU A 202 1.42 -13.28 6.72
N ASN A 203 2.19 -12.32 7.22
CA ASN A 203 2.32 -11.02 6.58
C ASN A 203 3.42 -11.08 5.53
N ALA A 204 3.25 -11.95 4.57
CA ALA A 204 4.32 -12.23 3.63
C ALA A 204 4.36 -11.18 2.53
N TYR A 205 5.54 -11.02 1.94
CA TYR A 205 5.77 -10.06 0.89
C TYR A 205 6.74 -10.61 -0.13
N VAL A 206 6.76 -9.96 -1.28
CA VAL A 206 7.72 -10.21 -2.33
C VAL A 206 8.21 -8.87 -2.83
N SER A 207 9.41 -8.86 -3.40
CA SER A 207 10.01 -7.63 -3.85
C SER A 207 10.94 -7.93 -5.01
N VAL A 208 10.81 -7.15 -6.07
CA VAL A 208 11.58 -7.37 -7.28
C VAL A 208 12.15 -6.05 -7.73
N VAL A 209 13.46 -6.00 -7.94
CA VAL A 209 14.14 -4.75 -8.19
C VAL A 209 15.14 -4.91 -9.34
N SER A 210 15.25 -3.87 -10.14
CA SER A 210 16.25 -3.78 -11.19
C SER A 210 16.37 -2.30 -11.57
N SER A 211 17.36 -2.01 -12.41
CA SER A 211 17.79 -0.63 -12.60
C SER A 211 16.63 0.34 -12.76
N HIS A 212 15.59 -0.06 -13.48
CA HIS A 212 14.46 0.82 -13.70
C HIS A 212 13.14 0.08 -13.54
N TYR A 213 13.06 -0.81 -12.55
CA TYR A 213 11.82 -1.52 -12.28
C TYR A 213 11.85 -1.97 -10.84
N SER A 214 10.98 -1.43 -10.01
CA SER A 214 10.82 -1.91 -8.65
C SER A 214 9.35 -2.14 -8.39
N ARG A 215 9.02 -3.32 -7.88
CA ARG A 215 7.67 -3.58 -7.46
C ARG A 215 7.68 -4.44 -6.21
N LYS A 216 6.72 -4.18 -5.34
CA LYS A 216 6.57 -4.90 -4.10
C LYS A 216 5.15 -5.45 -4.04
N PHE A 217 5.03 -6.69 -3.57
CA PHE A 217 3.76 -7.37 -3.53
C PHE A 217 3.47 -7.83 -2.11
N THR A 218 2.24 -7.61 -1.67
CA THR A 218 1.71 -8.28 -0.49
C THR A 218 0.51 -9.08 -0.95
N PRO A 219 0.61 -10.40 -1.07
CA PRO A 219 -0.50 -11.18 -1.61
C PRO A 219 -1.58 -11.41 -0.58
N GLU A 220 -2.82 -11.44 -1.06
CA GLU A 220 -3.98 -11.52 -0.20
C GLU A 220 -4.42 -12.96 -0.04
N ILE A 221 -4.81 -13.31 1.18
CA ILE A 221 -5.30 -14.65 1.48
C ILE A 221 -6.79 -14.68 1.18
N ALA A 222 -7.13 -14.92 -0.08
CA ALA A 222 -8.50 -14.81 -0.57
C ALA A 222 -9.01 -16.18 -0.96
N LYS A 223 -10.16 -16.57 -0.41
CA LYS A 223 -10.79 -17.85 -0.73
C LYS A 223 -11.67 -17.73 -1.98
N ARG A 224 -11.00 -17.57 -3.10
CA ARG A 224 -11.69 -17.43 -4.37
C ARG A 224 -12.42 -18.72 -4.73
N PRO A 225 -13.38 -18.65 -5.64
CA PRO A 225 -14.07 -19.86 -6.08
C PRO A 225 -13.14 -20.80 -6.83
N LYS A 226 -13.46 -22.09 -6.76
CA LYS A 226 -12.64 -23.09 -7.40
C LYS A 226 -12.58 -22.89 -8.90
N VAL A 227 -11.36 -22.94 -9.43
CA VAL A 227 -11.11 -23.02 -10.86
C VAL A 227 -9.99 -24.04 -11.06
N ARG A 228 -10.11 -24.85 -12.10
CA ARG A 228 -9.23 -25.99 -12.31
C ARG A 228 -8.94 -26.69 -10.99
N ASP A 229 -9.98 -26.82 -10.17
CA ASP A 229 -9.97 -27.58 -8.92
C ASP A 229 -9.23 -26.88 -7.81
N GLN A 230 -8.87 -25.61 -7.98
CA GLN A 230 -8.07 -24.91 -7.00
C GLN A 230 -8.64 -23.53 -6.73
N GLU A 231 -8.55 -23.11 -5.48
CA GLU A 231 -9.15 -21.86 -5.04
C GLU A 231 -8.19 -20.68 -5.12
N GLY A 232 -7.14 -20.72 -4.31
CA GLY A 232 -6.16 -19.66 -4.32
C GLY A 232 -5.50 -19.56 -5.67
N ARG A 233 -4.95 -18.39 -5.99
CA ARG A 233 -4.46 -18.13 -7.32
C ARG A 233 -2.95 -17.90 -7.30
N ILE A 234 -2.38 -17.78 -8.49
CA ILE A 234 -0.96 -17.49 -8.65
C ILE A 234 -0.81 -16.33 -9.61
N ASN A 235 -0.72 -15.13 -9.06
CA ASN A 235 -0.56 -13.97 -9.91
C ASN A 235 0.84 -13.96 -10.48
N TYR A 236 0.91 -13.93 -11.81
CA TYR A 236 2.16 -14.14 -12.52
C TYR A 236 2.65 -12.79 -13.02
N TYR A 237 3.96 -12.57 -12.91
CA TYR A 237 4.55 -11.30 -13.22
C TYR A 237 5.76 -11.50 -14.10
N TRP A 238 5.99 -10.54 -14.99
CA TRP A 238 7.12 -10.61 -15.90
C TRP A 238 7.80 -9.26 -16.02
N THR A 239 9.11 -9.30 -16.21
CA THR A 239 9.87 -8.10 -16.50
C THR A 239 11.00 -8.41 -17.47
N LEU A 240 11.24 -7.49 -18.39
CA LEU A 240 12.45 -7.54 -19.16
C LEU A 240 13.59 -6.97 -18.33
N LEU A 241 14.81 -7.37 -18.69
CA LEU A 241 15.98 -7.04 -17.89
C LEU A 241 17.12 -6.78 -18.85
N GLU A 242 17.58 -5.53 -18.90
CA GLU A 242 18.47 -5.09 -19.96
C GLU A 242 19.83 -5.76 -19.82
N PRO A 243 20.64 -5.73 -20.88
CA PRO A 243 22.01 -6.21 -20.77
C PRO A 243 22.75 -5.49 -19.67
N GLY A 244 23.57 -6.23 -18.93
CA GLY A 244 24.31 -5.67 -17.83
C GLY A 244 23.47 -5.27 -16.63
N ASP A 245 22.16 -5.19 -16.78
CA ASP A 245 21.30 -4.95 -15.64
C ASP A 245 21.22 -6.20 -14.77
N THR A 246 20.86 -6.00 -13.52
CA THR A 246 20.74 -7.08 -12.57
C THR A 246 19.39 -7.00 -11.90
N ILE A 247 18.78 -8.16 -11.69
CA ILE A 247 17.49 -8.25 -11.02
C ILE A 247 17.68 -8.93 -9.67
N ILE A 248 17.03 -8.35 -8.66
CA ILE A 248 17.12 -8.78 -7.28
C ILE A 248 15.74 -9.26 -6.87
N PHE A 249 15.66 -10.50 -6.42
CA PHE A 249 14.45 -11.05 -5.83
C PHE A 249 14.60 -11.11 -4.33
N GLU A 250 13.53 -10.78 -3.65
CA GLU A 250 13.49 -10.85 -2.20
C GLU A 250 12.11 -11.32 -1.80
N ALA A 251 12.03 -12.06 -0.71
CA ALA A 251 10.74 -12.59 -0.31
C ALA A 251 10.82 -13.13 1.10
N ASN A 252 9.81 -12.81 1.89
CA ASN A 252 9.55 -13.52 3.11
C ASN A 252 8.70 -14.75 2.83
N GLY A 253 8.13 -14.84 1.62
CA GLY A 253 7.18 -15.88 1.32
C GLY A 253 6.46 -15.65 0.01
N ASN A 254 5.63 -16.65 -0.31
CA ASN A 254 4.70 -16.59 -1.43
C ASN A 254 5.40 -16.34 -2.75
N LEU A 255 6.70 -16.57 -2.84
CA LEU A 255 7.38 -16.40 -4.11
C LEU A 255 7.32 -17.70 -4.90
N ILE A 256 6.74 -17.63 -6.09
CA ILE A 256 6.86 -18.68 -7.08
C ILE A 256 8.08 -18.30 -7.92
N ALA A 257 9.25 -18.73 -7.46
CA ALA A 257 10.49 -18.19 -7.94
C ALA A 257 10.77 -18.62 -9.37
N PRO A 258 11.65 -17.92 -10.05
CA PRO A 258 12.01 -18.27 -11.42
C PRO A 258 13.04 -19.40 -11.43
N ARG A 259 12.82 -20.35 -12.32
CA ARG A 259 13.82 -21.36 -12.61
C ARG A 259 14.57 -21.00 -13.87
N TYR A 260 13.83 -20.83 -14.96
CA TYR A 260 14.37 -20.46 -16.24
C TYR A 260 13.98 -19.03 -16.57
N ALA A 261 14.61 -18.51 -17.60
CA ALA A 261 14.32 -17.18 -18.09
C ALA A 261 14.93 -17.05 -19.47
N PHE A 262 14.29 -16.25 -20.29
CA PHE A 262 14.60 -16.18 -21.71
C PHE A 262 15.48 -14.97 -21.99
N ALA A 263 16.73 -15.23 -22.31
CA ALA A 263 17.61 -14.23 -22.92
C ALA A 263 17.30 -14.23 -24.40
N LEU A 264 16.50 -13.28 -24.83
CA LEU A 264 15.75 -13.39 -26.07
C LEU A 264 16.15 -12.33 -27.08
N SER A 265 16.38 -12.77 -28.32
CA SER A 265 16.75 -11.92 -29.45
C SER A 265 15.49 -11.24 -29.96
N ARG A 266 15.39 -9.93 -29.73
CA ARG A 266 14.11 -9.25 -29.92
C ARG A 266 13.62 -9.37 -31.36
N GLY A 267 14.52 -9.37 -32.31
CA GLY A 267 14.14 -9.68 -33.67
C GLY A 267 12.98 -8.87 -34.24
N PHE A 268 12.55 -9.34 -35.40
CA PHE A 268 11.44 -8.76 -36.14
C PHE A 268 10.88 -9.85 -37.04
N GLY A 269 9.78 -9.53 -37.71
CA GLY A 269 9.17 -10.49 -38.61
C GLY A 269 8.60 -11.68 -37.87
N SER A 270 7.77 -11.39 -36.88
CA SER A 270 7.21 -12.41 -36.01
C SER A 270 5.85 -11.93 -35.53
N GLY A 271 5.20 -12.76 -34.72
CA GLY A 271 3.89 -12.44 -34.21
C GLY A 271 3.11 -13.67 -33.85
N ILE A 272 2.07 -13.45 -33.06
CA ILE A 272 1.22 -14.53 -32.54
C ILE A 272 0.03 -14.65 -33.47
N ILE A 273 0.16 -15.50 -34.49
CA ILE A 273 -1.01 -15.85 -35.29
C ILE A 273 -1.93 -16.68 -34.44
N ASN A 274 -3.23 -16.56 -34.70
CA ASN A 274 -4.23 -17.40 -34.05
C ASN A 274 -5.10 -17.99 -35.13
N SER A 275 -5.18 -19.32 -35.18
CA SER A 275 -5.99 -20.01 -36.16
C SER A 275 -5.92 -21.50 -35.90
N ASN A 276 -6.92 -22.22 -36.39
CA ASN A 276 -6.95 -23.67 -36.39
C ASN A 276 -6.76 -24.12 -37.83
N ALA A 277 -5.74 -24.94 -38.07
CA ALA A 277 -5.46 -25.39 -39.42
C ALA A 277 -4.35 -26.43 -39.37
N PRO A 278 -4.14 -27.16 -40.46
CA PRO A 278 -3.05 -28.13 -40.51
C PRO A 278 -1.68 -27.45 -40.54
N MET A 279 -0.68 -28.20 -40.08
CA MET A 279 0.69 -27.71 -39.96
C MET A 279 1.63 -28.24 -41.03
N ASP A 280 1.09 -28.69 -42.17
CA ASP A 280 1.92 -29.33 -43.18
C ASP A 280 2.97 -28.37 -43.72
N GLU A 281 4.10 -28.92 -44.13
CA GLU A 281 5.21 -28.11 -44.63
C GLU A 281 4.87 -27.59 -46.02
N CYS A 282 5.06 -26.28 -46.19
CA CYS A 282 4.82 -25.61 -47.47
C CYS A 282 5.48 -24.24 -47.39
N ASP A 283 5.69 -23.64 -48.56
CA ASP A 283 6.59 -22.50 -48.69
C ASP A 283 5.88 -21.31 -49.32
N ALA A 284 6.05 -20.14 -48.70
CA ALA A 284 5.66 -18.87 -49.30
C ALA A 284 6.20 -17.76 -48.40
N LYS A 285 6.48 -16.61 -49.02
CA LYS A 285 7.11 -15.52 -48.31
C LYS A 285 6.21 -14.88 -47.26
N CYS A 286 4.92 -15.18 -47.28
CA CYS A 286 3.96 -14.55 -46.38
C CYS A 286 3.00 -15.56 -45.82
N GLN A 287 2.75 -15.47 -44.52
CA GLN A 287 1.76 -16.29 -43.85
C GLN A 287 0.63 -15.42 -43.33
N THR A 288 -0.59 -15.93 -43.44
CA THR A 288 -1.78 -15.45 -42.78
C THR A 288 -2.42 -16.62 -42.06
N PRO A 289 -3.28 -16.35 -41.08
CA PRO A 289 -3.71 -17.44 -40.18
C PRO A 289 -4.40 -18.59 -40.88
N GLN A 290 -5.18 -18.33 -41.92
CA GLN A 290 -5.83 -19.38 -42.68
C GLN A 290 -4.97 -19.95 -43.80
N GLY A 291 -3.81 -19.35 -44.08
CA GLY A 291 -2.96 -19.87 -45.13
C GLY A 291 -1.85 -18.93 -45.55
N ALA A 292 -0.86 -19.46 -46.26
CA ALA A 292 0.17 -18.61 -46.81
C ALA A 292 -0.30 -17.96 -48.10
N ILE A 293 0.48 -17.00 -48.56
CA ILE A 293 0.20 -16.27 -49.78
C ILE A 293 1.42 -16.35 -50.68
N ASN A 294 1.20 -16.79 -51.91
CA ASN A 294 2.15 -16.54 -52.99
C ASN A 294 1.74 -15.28 -53.73
N SER A 295 2.73 -14.56 -54.25
CA SER A 295 2.51 -13.22 -54.78
C SER A 295 1.87 -13.28 -56.16
N SER A 296 0.54 -13.47 -56.16
CA SER A 296 -0.26 -13.16 -57.34
C SER A 296 -0.67 -11.69 -57.35
N LEU A 297 -1.02 -11.16 -56.18
CA LEU A 297 -1.31 -9.74 -56.00
C LEU A 297 -0.71 -9.32 -54.68
N PRO A 298 -0.45 -8.03 -54.49
CA PRO A 298 -0.08 -7.52 -53.15
C PRO A 298 -1.27 -7.25 -52.26
N PHE A 299 -2.42 -7.83 -52.60
CA PHE A 299 -3.67 -7.60 -51.89
C PHE A 299 -4.05 -8.82 -51.08
N GLN A 300 -4.46 -8.58 -49.83
CA GLN A 300 -4.92 -9.63 -48.95
C GLN A 300 -6.32 -9.33 -48.47
N ASN A 301 -7.14 -10.38 -48.37
CA ASN A 301 -8.45 -10.32 -47.73
C ASN A 301 -8.53 -11.18 -46.49
N VAL A 302 -7.50 -11.96 -46.20
CA VAL A 302 -7.52 -12.91 -45.11
C VAL A 302 -7.29 -12.20 -43.77
N HIS A 303 -7.56 -12.94 -42.69
CA HIS A 303 -7.59 -12.47 -41.32
C HIS A 303 -6.47 -11.46 -41.05
N PRO A 304 -6.75 -10.37 -40.33
CA PRO A 304 -5.75 -9.31 -40.25
C PRO A 304 -4.39 -9.77 -39.77
N VAL A 305 -4.34 -10.50 -38.67
CA VAL A 305 -3.10 -10.75 -37.98
C VAL A 305 -2.18 -11.53 -38.90
N THR A 306 -1.15 -10.87 -39.38
CA THR A 306 -0.37 -11.31 -40.52
C THR A 306 1.10 -11.23 -40.16
N ILE A 307 1.91 -12.08 -40.80
CA ILE A 307 3.33 -12.17 -40.50
C ILE A 307 4.09 -12.43 -41.79
N GLY A 308 5.19 -11.69 -41.97
CA GLY A 308 6.09 -11.91 -43.08
C GLY A 308 6.01 -10.81 -44.12
N GLU A 309 6.73 -11.06 -45.22
CA GLU A 309 6.75 -10.13 -46.34
C GLU A 309 5.38 -10.19 -47.02
N CYS A 310 4.40 -9.59 -46.34
CA CYS A 310 3.01 -9.84 -46.67
C CYS A 310 2.38 -8.69 -47.45
N PRO A 311 1.40 -9.03 -48.27
CA PRO A 311 0.63 -8.01 -48.98
C PRO A 311 -0.17 -7.15 -48.02
N LYS A 312 -0.92 -6.21 -48.59
CA LYS A 312 -1.68 -5.28 -47.77
C LYS A 312 -3.10 -5.77 -47.60
N TYR A 313 -3.66 -5.50 -46.43
CA TYR A 313 -5.03 -5.90 -46.13
C TYR A 313 -6.02 -5.01 -46.87
N VAL A 314 -7.06 -5.64 -47.39
CA VAL A 314 -8.25 -4.93 -47.85
C VAL A 314 -9.46 -5.77 -47.48
N ARG A 315 -10.63 -5.22 -47.73
CA ARG A 315 -11.87 -5.95 -47.59
C ARG A 315 -12.56 -6.18 -48.93
N SER A 316 -12.10 -5.50 -49.96
CA SER A 316 -12.70 -5.60 -51.27
C SER A 316 -12.30 -6.93 -51.93
N ALA A 317 -13.30 -7.76 -52.22
CA ALA A 317 -13.04 -9.03 -52.86
C ALA A 317 -12.42 -8.81 -54.23
N GLY A 401 0.19 -9.82 -33.28
CA GLY A 401 -1.19 -9.53 -32.96
C GLY A 401 -1.37 -8.99 -31.57
N LYS A 402 -1.94 -7.80 -31.48
CA LYS A 402 -2.11 -7.11 -30.21
C LYS A 402 -3.44 -7.48 -29.57
N GLU A 403 -3.48 -7.38 -28.25
CA GLU A 403 -4.73 -7.48 -27.52
C GLU A 403 -4.65 -6.58 -26.30
N PHE A 404 -5.79 -6.35 -25.70
CA PHE A 404 -5.91 -5.47 -24.54
C PHE A 404 -7.00 -6.02 -23.64
N ASN A 405 -6.98 -5.60 -22.38
CA ASN A 405 -8.03 -6.01 -21.47
C ASN A 405 -9.16 -5.00 -21.46
N LYS A 406 -10.09 -5.17 -20.52
CA LYS A 406 -11.32 -4.40 -20.54
C LYS A 406 -11.07 -2.93 -20.19
N LEU A 407 -10.11 -2.66 -19.32
CA LEU A 407 -9.77 -1.30 -18.95
C LEU A 407 -8.83 -0.65 -19.95
N GLU A 408 -8.87 -1.11 -21.18
CA GLU A 408 -8.09 -0.55 -22.27
C GLU A 408 -8.93 -0.48 -23.53
N ARG A 409 -10.24 -0.33 -23.36
CA ARG A 409 -11.12 -0.21 -24.52
C ARG A 409 -10.71 0.97 -25.39
N ARG A 410 -10.42 2.11 -24.76
CA ARG A 410 -9.89 3.23 -25.50
C ARG A 410 -8.77 2.80 -26.43
N MET A 411 -7.86 1.99 -25.88
CA MET A 411 -6.61 1.56 -26.61
C MET A 411 -7.01 0.64 -27.80
N GLU A 412 -8.00 -0.21 -27.60
CA GLU A 412 -8.47 -1.12 -28.63
C GLU A 412 -9.18 -0.35 -29.74
N ASN A 413 -10.10 0.54 -29.37
CA ASN A 413 -10.73 1.37 -30.37
C ASN A 413 -9.70 2.24 -31.07
N LEU A 414 -8.62 2.59 -30.39
CA LEU A 414 -7.50 3.16 -31.12
C LEU A 414 -7.01 2.17 -32.17
N ASN A 415 -6.54 1.02 -31.72
CA ASN A 415 -5.97 0.06 -32.66
C ASN A 415 -6.95 -0.26 -33.76
N LYS A 416 -8.18 -0.63 -33.41
CA LYS A 416 -9.17 -0.91 -34.43
C LYS A 416 -9.30 0.27 -35.37
N LYS A 417 -9.51 1.46 -34.82
CA LYS A 417 -9.59 2.63 -35.68
C LYS A 417 -8.32 2.75 -36.48
N VAL A 418 -7.17 2.63 -35.81
CA VAL A 418 -5.92 2.70 -36.55
C VAL A 418 -5.99 1.75 -37.72
N ASP A 419 -6.35 0.50 -37.45
CA ASP A 419 -6.45 -0.47 -38.53
C ASP A 419 -7.47 -0.02 -39.55
N ASP A 420 -8.69 0.26 -39.11
CA ASP A 420 -9.81 0.38 -40.04
C ASP A 420 -9.51 1.42 -41.10
N GLY A 421 -9.04 2.58 -40.67
CA GLY A 421 -8.79 3.64 -41.64
C GLY A 421 -7.78 3.21 -42.68
N PHE A 422 -6.66 2.63 -42.24
CA PHE A 422 -5.70 2.16 -43.20
C PHE A 422 -6.36 1.20 -44.17
N ILE A 423 -7.22 0.33 -43.63
CA ILE A 423 -7.86 -0.69 -44.42
C ILE A 423 -8.75 -0.09 -45.49
N ASP A 424 -9.33 1.08 -45.23
CA ASP A 424 -10.02 1.79 -46.30
C ASP A 424 -9.02 2.40 -47.27
N ILE A 425 -8.00 3.05 -46.73
CA ILE A 425 -7.02 3.74 -47.56
C ILE A 425 -6.38 2.78 -48.54
N TRP A 426 -6.27 1.52 -48.16
CA TRP A 426 -5.57 0.55 -48.99
C TRP A 426 -6.36 0.11 -50.21
N THR A 427 -7.65 0.45 -50.29
CA THR A 427 -8.49 -0.08 -51.36
C THR A 427 -8.95 0.99 -52.35
N TYR A 428 -8.19 2.06 -52.52
CA TYR A 428 -8.47 3.00 -53.59
C TYR A 428 -7.82 2.50 -54.88
N HIS B 45 -26.32 21.46 -43.17
CA HIS B 45 -26.85 20.33 -42.39
C HIS B 45 -28.13 20.69 -41.64
N ASN B 46 -28.87 19.68 -41.23
CA ASN B 46 -30.22 19.83 -40.69
C ASN B 46 -30.26 20.62 -39.40
N GLY B 47 -29.16 20.75 -38.67
CA GLY B 47 -29.08 21.66 -37.54
C GLY B 47 -29.81 21.21 -36.30
N LYS B 48 -30.27 19.97 -36.23
CA LYS B 48 -31.05 19.50 -35.10
C LYS B 48 -30.58 18.14 -34.64
N LEU B 49 -30.87 17.84 -33.37
CA LEU B 49 -30.59 16.53 -32.80
C LEU B 49 -31.63 15.52 -33.28
N CYS B 50 -31.50 15.14 -34.54
CA CYS B 50 -32.45 14.25 -35.20
C CYS B 50 -32.37 12.85 -34.62
N LEU B 51 -33.11 11.94 -35.23
CA LEU B 51 -33.09 10.53 -34.91
C LEU B 51 -32.45 9.77 -36.05
N LEU B 52 -31.62 8.78 -35.71
CA LEU B 52 -30.90 8.05 -36.74
C LEU B 52 -31.82 7.13 -37.53
N LYS B 53 -32.61 6.31 -36.84
CA LYS B 53 -33.47 5.34 -37.49
C LYS B 53 -34.86 5.32 -36.85
N GLY B 54 -35.29 6.45 -36.30
CA GLY B 54 -36.46 6.51 -35.46
C GLY B 54 -36.18 6.23 -34.00
N ILE B 55 -35.03 5.65 -33.68
CA ILE B 55 -34.66 5.40 -32.29
C ILE B 55 -34.04 6.66 -31.72
N ALA B 56 -34.55 7.08 -30.57
CA ALA B 56 -34.28 8.41 -30.07
C ALA B 56 -33.01 8.47 -29.23
N PRO B 57 -32.38 9.63 -29.18
CA PRO B 57 -31.20 9.80 -28.33
C PRO B 57 -31.55 9.79 -26.86
N LEU B 58 -30.53 10.04 -26.06
CA LEU B 58 -30.65 10.28 -24.64
C LEU B 58 -30.17 11.70 -24.37
N GLN B 59 -30.97 12.46 -23.64
CA GLN B 59 -30.68 13.87 -23.37
C GLN B 59 -30.42 14.03 -21.89
N LEU B 60 -29.17 14.31 -21.55
CA LEU B 60 -28.80 14.51 -20.16
C LEU B 60 -28.88 15.97 -19.77
N GLY B 61 -28.80 16.86 -20.75
CA GLY B 61 -28.85 18.28 -20.48
C GLY B 61 -27.90 18.69 -19.39
N ASN B 62 -28.44 19.12 -18.25
CA ASN B 62 -27.64 19.54 -17.13
C ASN B 62 -27.07 18.37 -16.35
N CYS B 63 -27.38 17.15 -16.78
CA CYS B 63 -26.76 15.96 -16.24
C CYS B 63 -25.46 15.70 -17.00
N SER B 64 -24.65 14.78 -16.50
CA SER B 64 -23.47 14.33 -17.23
C SER B 64 -23.34 12.82 -17.15
N VAL B 65 -22.50 12.27 -18.03
CA VAL B 65 -22.28 10.84 -18.02
C VAL B 65 -21.81 10.39 -16.66
N ALA B 66 -21.07 11.24 -15.98
CA ALA B 66 -20.64 10.92 -14.63
C ALA B 66 -21.82 10.78 -13.69
N GLY B 67 -22.81 11.65 -13.83
CA GLY B 67 -23.97 11.65 -12.95
C GLY B 67 -25.07 10.73 -13.43
N TRP B 68 -25.30 10.74 -14.74
CA TRP B 68 -26.23 9.82 -15.36
C TRP B 68 -26.08 8.42 -14.78
N ILE B 69 -24.89 7.84 -14.92
CA ILE B 69 -24.65 6.50 -14.43
C ILE B 69 -24.80 6.44 -12.92
N LEU B 70 -24.24 7.41 -12.21
CA LEU B 70 -24.43 7.44 -10.78
C LEU B 70 -25.86 7.77 -10.40
N GLY B 71 -26.68 8.18 -11.35
CA GLY B 71 -28.04 8.54 -11.01
C GLY B 71 -28.08 9.84 -10.22
N ASN B 72 -27.82 10.94 -10.90
CA ASN B 72 -27.78 12.23 -10.23
C ASN B 72 -29.19 12.60 -9.76
N PRO B 73 -29.35 12.99 -8.50
CA PRO B 73 -30.71 13.29 -8.02
C PRO B 73 -31.43 14.32 -8.87
N GLU B 74 -30.73 15.35 -9.32
CA GLU B 74 -31.33 16.32 -10.22
C GLU B 74 -31.34 15.73 -11.62
N CYS B 75 -31.91 14.55 -11.76
CA CYS B 75 -31.88 13.89 -13.06
C CYS B 75 -32.86 12.74 -13.00
N GLU B 76 -33.66 12.59 -14.05
CA GLU B 76 -34.54 11.45 -14.12
C GLU B 76 -33.74 10.17 -13.90
N LEU B 77 -34.42 9.15 -13.37
CA LEU B 77 -33.83 7.81 -13.41
C LEU B 77 -33.49 7.41 -14.82
N LEU B 78 -33.99 8.15 -15.82
CA LEU B 78 -33.75 7.91 -17.23
C LEU B 78 -34.09 6.48 -17.61
N ILE B 79 -34.96 5.85 -16.81
CA ILE B 79 -35.59 4.60 -17.19
C ILE B 79 -36.37 4.78 -18.47
N SER B 80 -36.87 6.00 -18.71
CA SER B 80 -37.57 6.30 -19.95
C SER B 80 -36.68 6.09 -21.17
N ARG B 81 -35.36 6.10 -20.99
CA ARG B 81 -34.40 6.11 -22.11
C ARG B 81 -33.36 5.01 -21.94
N GLU B 82 -33.80 3.78 -21.70
CA GLU B 82 -32.86 2.66 -21.60
C GLU B 82 -32.42 2.15 -22.95
N SER B 83 -32.66 2.90 -24.03
CA SER B 83 -32.17 2.56 -25.35
C SER B 83 -32.06 3.85 -26.16
N TRP B 84 -31.04 3.93 -27.01
CA TRP B 84 -30.85 5.15 -27.77
C TRP B 84 -29.99 4.91 -28.99
N SER B 85 -29.90 5.95 -29.82
CA SER B 85 -28.91 5.99 -30.88
C SER B 85 -27.65 6.72 -30.45
N TYR B 86 -27.78 7.68 -29.54
CA TYR B 86 -26.62 8.40 -29.07
C TYR B 86 -26.93 9.18 -27.82
N ILE B 87 -25.92 9.37 -27.02
CA ILE B 87 -25.96 10.20 -25.84
C ILE B 87 -25.62 11.62 -26.23
N VAL B 88 -26.23 12.58 -25.53
CA VAL B 88 -26.05 14.00 -25.78
C VAL B 88 -25.54 14.63 -24.50
N GLU B 89 -24.47 15.39 -24.62
CA GLU B 89 -23.77 15.99 -23.49
C GLU B 89 -23.55 17.46 -23.79
N LYS B 90 -23.79 18.31 -22.83
CA LYS B 90 -23.48 19.72 -22.99
C LYS B 90 -22.01 19.94 -22.72
N PRO B 91 -21.45 21.06 -23.20
CA PRO B 91 -19.99 21.22 -23.15
C PRO B 91 -19.40 21.04 -21.77
N ASN B 92 -20.08 21.52 -20.74
CA ASN B 92 -19.59 21.41 -19.37
C ASN B 92 -20.79 21.41 -18.45
N PRO B 93 -21.52 20.31 -18.39
CA PRO B 93 -22.79 20.29 -17.66
C PRO B 93 -22.57 20.51 -16.16
N GLU B 94 -23.37 21.39 -15.59
CA GLU B 94 -23.15 21.84 -14.23
C GLU B 94 -23.37 20.72 -13.23
N ASN B 95 -24.50 20.03 -13.33
CA ASN B 95 -24.88 19.07 -12.30
C ASN B 95 -24.55 17.65 -12.76
N GLY B 96 -23.28 17.30 -12.54
CA GLY B 96 -22.79 15.96 -12.77
C GLY B 96 -22.83 15.20 -11.47
N THR B 97 -21.66 14.92 -10.89
CA THR B 97 -21.63 14.27 -9.59
C THR B 97 -22.06 15.29 -8.56
N CYS B 98 -23.24 15.09 -7.98
CA CYS B 98 -23.72 16.03 -6.99
C CYS B 98 -22.78 16.14 -5.81
N TYR B 99 -21.93 15.14 -5.60
CA TYR B 99 -20.97 15.14 -4.53
C TYR B 99 -19.58 15.16 -5.12
N PRO B 100 -18.69 15.98 -4.60
CA PRO B 100 -17.36 16.11 -5.21
C PRO B 100 -16.52 14.86 -5.02
N GLY B 101 -15.73 14.57 -6.03
CA GLY B 101 -14.77 13.49 -5.95
C GLY B 101 -14.31 13.09 -7.34
N HIS B 102 -13.33 12.19 -7.34
CA HIS B 102 -12.65 11.80 -8.56
C HIS B 102 -13.23 10.48 -9.07
N PHE B 103 -13.66 10.48 -10.32
CA PHE B 103 -14.39 9.37 -10.91
C PHE B 103 -13.37 8.50 -11.63
N ALA B 104 -12.87 7.49 -10.94
CA ALA B 104 -11.74 6.73 -11.44
C ALA B 104 -12.02 6.11 -12.79
N ASP B 105 -11.04 6.18 -13.68
CA ASP B 105 -11.16 5.66 -15.03
C ASP B 105 -12.41 6.17 -15.71
N TYR B 106 -12.73 7.44 -15.43
CA TYR B 106 -13.86 8.09 -16.07
C TYR B 106 -13.72 8.08 -17.58
N GLU B 107 -12.53 8.39 -18.07
CA GLU B 107 -12.34 8.56 -19.50
C GLU B 107 -12.44 7.23 -20.23
N GLU B 108 -12.43 6.12 -19.48
CA GLU B 108 -12.58 4.79 -20.06
C GLU B 108 -14.03 4.36 -20.00
N LEU B 109 -14.71 4.68 -18.91
CA LEU B 109 -16.13 4.42 -18.80
C LEU B 109 -16.90 5.14 -19.89
N ARG B 110 -16.58 6.40 -20.12
CA ARG B 110 -17.22 7.10 -21.22
C ARG B 110 -17.05 6.32 -22.51
N GLU B 111 -15.88 5.72 -22.73
CA GLU B 111 -15.64 5.07 -24.01
C GLU B 111 -16.37 3.75 -24.11
N GLN B 112 -16.42 2.98 -23.02
CA GLN B 112 -17.12 1.71 -23.10
C GLN B 112 -18.62 1.92 -23.17
N LEU B 113 -19.11 3.03 -22.64
CA LEU B 113 -20.51 3.38 -22.79
C LEU B 113 -20.80 4.02 -24.13
N SER B 114 -19.78 4.54 -24.81
CA SER B 114 -19.99 5.10 -26.14
C SER B 114 -20.55 4.04 -27.09
N SER B 115 -20.02 2.82 -27.04
CA SER B 115 -20.49 1.75 -27.91
C SER B 115 -21.87 1.27 -27.48
N VAL B 116 -22.17 1.34 -26.18
CA VAL B 116 -23.40 0.77 -25.66
C VAL B 116 -24.60 1.46 -26.29
N SER B 117 -25.67 0.69 -26.50
CA SER B 117 -26.91 1.20 -27.04
C SER B 117 -28.12 0.85 -26.19
N SER B 118 -27.95 0.13 -25.09
CA SER B 118 -29.06 -0.17 -24.20
C SER B 118 -28.52 -0.67 -22.87
N PHE B 119 -29.34 -0.54 -21.83
CA PHE B 119 -29.03 -1.06 -20.52
C PHE B 119 -30.01 -2.17 -20.16
N GLU B 120 -29.92 -2.57 -18.89
CA GLU B 120 -31.04 -3.12 -18.14
C GLU B 120 -30.76 -2.72 -16.69
N ARG B 121 -31.34 -1.59 -16.27
CA ARG B 121 -31.02 -1.00 -14.98
C ARG B 121 -31.69 -1.80 -13.88
N PHE B 122 -31.05 -2.89 -13.51
CA PHE B 122 -31.58 -3.76 -12.47
C PHE B 122 -31.01 -3.38 -11.11
N GLU B 123 -31.79 -3.69 -10.07
CA GLU B 123 -31.38 -3.43 -8.70
C GLU B 123 -30.53 -4.60 -8.24
N ILE B 124 -29.30 -4.61 -8.72
CA ILE B 124 -28.28 -5.59 -8.37
C ILE B 124 -28.29 -5.89 -6.88
N PHE B 125 -28.73 -4.92 -6.08
CA PHE B 125 -28.93 -5.12 -4.65
C PHE B 125 -30.10 -4.26 -4.22
N PRO B 126 -31.25 -4.85 -3.93
CA PRO B 126 -32.39 -4.06 -3.48
C PRO B 126 -32.05 -3.23 -2.26
N LYS B 127 -32.53 -1.98 -2.26
CA LYS B 127 -32.27 -1.09 -1.14
C LYS B 127 -32.74 -1.70 0.16
N GLU B 128 -33.94 -2.26 0.15
CA GLU B 128 -34.44 -3.05 1.26
C GLU B 128 -34.15 -4.52 1.02
N SER B 129 -33.89 -5.24 2.12
CA SER B 129 -33.70 -6.69 2.08
C SER B 129 -32.32 -7.11 1.59
N SER B 130 -31.48 -6.15 1.19
CA SER B 130 -30.10 -6.48 0.87
C SER B 130 -29.17 -6.11 2.00
N TRP B 131 -29.53 -5.10 2.80
CA TRP B 131 -28.65 -4.56 3.84
C TRP B 131 -29.39 -4.43 5.16
N PRO B 132 -29.85 -5.54 5.74
CA PRO B 132 -30.62 -5.45 6.98
C PRO B 132 -29.86 -4.84 8.15
N ASN B 133 -28.53 -4.92 8.15
CA ASN B 133 -27.73 -4.41 9.25
C ASN B 133 -26.96 -3.14 8.87
N HIS B 134 -27.45 -2.41 7.88
CA HIS B 134 -26.87 -1.14 7.48
C HIS B 134 -27.95 -0.11 7.25
N THR B 135 -27.62 1.15 7.54
CA THR B 135 -28.50 2.26 7.22
C THR B 135 -28.29 2.67 5.79
N THR B 136 -29.36 2.61 5.00
CA THR B 136 -29.27 2.84 3.57
C THR B 136 -29.73 4.24 3.17
N THR B 137 -30.34 5.00 4.09
CA THR B 137 -30.97 6.26 3.75
C THR B 137 -30.06 7.45 3.92
N GLY B 138 -28.75 7.24 3.79
CA GLY B 138 -27.84 8.37 3.89
C GLY B 138 -28.09 9.37 2.77
N VAL B 139 -27.89 10.64 3.09
CA VAL B 139 -28.11 11.74 2.15
C VAL B 139 -27.14 12.86 2.46
N SER B 140 -27.02 13.78 1.51
CA SER B 140 -26.14 14.92 1.67
C SER B 140 -26.80 16.17 1.12
N ALA B 141 -26.44 17.31 1.69
CA ALA B 141 -26.97 18.57 1.21
C ALA B 141 -26.46 18.88 -0.19
N SER B 142 -25.23 18.46 -0.50
CA SER B 142 -24.67 18.70 -1.81
C SER B 142 -25.52 18.09 -2.91
N CYS B 143 -26.29 17.06 -2.58
CA CYS B 143 -27.10 16.33 -3.55
C CYS B 143 -28.57 16.69 -3.40
N SER B 144 -28.85 17.96 -3.12
CA SER B 144 -30.21 18.43 -2.94
C SER B 144 -31.04 18.24 -4.19
N HIS B 145 -32.32 17.93 -3.99
CA HIS B 145 -33.26 17.76 -5.11
C HIS B 145 -34.65 18.10 -4.61
N ASN B 146 -35.15 19.27 -4.98
CA ASN B 146 -36.47 19.74 -4.55
C ASN B 146 -36.62 19.66 -3.03
N GLY B 147 -35.51 19.77 -2.32
CA GLY B 147 -35.52 19.57 -0.89
C GLY B 147 -34.13 19.74 -0.33
N GLU B 148 -34.04 19.60 1.00
CA GLU B 148 -32.79 19.88 1.68
C GLU B 148 -31.71 18.88 1.35
N SER B 149 -32.07 17.62 1.05
CA SER B 149 -31.04 16.62 0.85
C SER B 149 -31.62 15.40 0.14
N SER B 150 -30.71 14.61 -0.42
CA SER B 150 -31.00 13.34 -1.06
C SER B 150 -29.67 12.62 -1.24
N PHE B 151 -29.64 11.63 -2.13
CA PHE B 151 -28.39 11.02 -2.56
C PHE B 151 -28.63 10.40 -3.93
N TYR B 152 -27.56 9.90 -4.52
CA TYR B 152 -27.64 9.32 -5.86
C TYR B 152 -28.70 8.23 -5.89
N LYS B 153 -29.23 7.98 -7.08
CA LYS B 153 -30.28 6.97 -7.23
C LYS B 153 -29.74 5.60 -7.60
N ASN B 154 -28.46 5.50 -7.95
CA ASN B 154 -27.83 4.23 -8.28
C ASN B 154 -26.74 3.83 -7.30
N LEU B 155 -26.73 4.41 -6.12
CA LEU B 155 -25.81 4.01 -5.07
C LEU B 155 -26.46 4.23 -3.72
N LEU B 156 -25.90 3.58 -2.71
CA LEU B 156 -26.39 3.63 -1.36
C LEU B 156 -25.26 4.00 -0.43
N TRP B 157 -25.41 5.12 0.25
CA TRP B 157 -24.42 5.62 1.19
C TRP B 157 -24.59 4.84 2.49
N LEU B 158 -24.12 3.61 2.48
CA LEU B 158 -24.26 2.76 3.64
C LEU B 158 -23.58 3.38 4.84
N THR B 159 -24.32 3.44 5.93
CA THR B 159 -23.80 3.86 7.22
C THR B 159 -24.35 2.91 8.28
N GLY B 160 -23.82 3.07 9.48
CA GLY B 160 -24.13 2.10 10.52
C GLY B 160 -25.59 2.14 10.91
N LYS B 161 -26.06 0.98 11.39
CA LYS B 161 -27.36 0.86 12.02
C LYS B 161 -27.12 0.50 13.48
N ASN B 162 -27.92 1.05 14.38
CA ASN B 162 -27.68 0.90 15.81
C ASN B 162 -26.23 1.20 16.17
N GLY B 163 -25.62 2.10 15.42
CA GLY B 163 -24.26 2.45 15.74
C GLY B 163 -23.27 1.38 15.38
N LEU B 164 -23.68 0.40 14.59
CA LEU B 164 -22.84 -0.71 14.19
C LEU B 164 -22.73 -0.74 12.69
N TYR B 165 -21.52 -0.93 12.18
CA TYR B 165 -21.26 -1.12 10.77
C TYR B 165 -20.58 -2.46 10.61
N PRO B 166 -21.32 -3.55 10.40
CA PRO B 166 -20.71 -4.87 10.36
C PRO B 166 -19.96 -5.10 9.07
N ASN B 167 -18.82 -5.78 9.18
CA ASN B 167 -18.02 -6.09 8.01
C ASN B 167 -18.87 -6.82 7.01
N LEU B 168 -19.16 -6.17 5.88
CA LEU B 168 -20.07 -6.75 4.90
C LEU B 168 -19.30 -7.54 3.86
N SER B 169 -20.00 -8.49 3.24
CA SER B 169 -19.38 -9.36 2.25
C SER B 169 -20.33 -9.64 1.10
N LYS B 170 -21.31 -8.77 0.90
CA LYS B 170 -22.29 -8.95 -0.16
C LYS B 170 -21.60 -9.31 -1.48
N SER B 171 -22.29 -10.12 -2.28
CA SER B 171 -21.76 -10.58 -3.54
C SER B 171 -22.90 -10.83 -4.50
N TYR B 172 -22.60 -10.75 -5.79
CA TYR B 172 -23.59 -10.92 -6.83
C TYR B 172 -23.00 -11.64 -8.03
N ALA B 173 -23.74 -12.57 -8.59
CA ALA B 173 -23.27 -13.41 -9.68
C ALA B 173 -24.08 -13.08 -10.93
N ASN B 174 -23.38 -12.78 -12.02
CA ASN B 174 -24.00 -12.28 -13.24
C ASN B 174 -24.66 -13.44 -14.00
N ASN B 175 -25.87 -13.76 -13.58
CA ASN B 175 -26.66 -14.79 -14.25
C ASN B 175 -27.45 -14.23 -15.42
N LYS B 176 -27.23 -12.97 -15.80
CA LYS B 176 -28.02 -12.35 -16.85
C LYS B 176 -27.44 -12.56 -18.23
N GLU B 177 -26.32 -13.27 -18.35
CA GLU B 177 -25.74 -13.67 -19.63
C GLU B 177 -25.31 -12.47 -20.47
N LYS B 178 -25.11 -11.32 -19.83
CA LYS B 178 -24.55 -10.17 -20.50
C LYS B 178 -23.76 -9.34 -19.50
N GLU B 179 -22.79 -8.58 -20.01
CA GLU B 179 -21.86 -7.88 -19.14
C GLU B 179 -22.61 -6.91 -18.24
N VAL B 180 -22.13 -6.80 -17.00
CA VAL B 180 -22.76 -5.96 -15.99
C VAL B 180 -21.78 -4.87 -15.59
N LEU B 181 -22.21 -3.63 -15.75
CA LEU B 181 -21.44 -2.47 -15.29
C LEU B 181 -21.77 -2.18 -13.84
N VAL B 182 -20.87 -2.46 -12.96
CA VAL B 182 -21.02 -2.18 -11.55
C VAL B 182 -20.34 -0.88 -11.22
N LEU B 183 -20.98 -0.12 -10.33
CA LEU B 183 -20.45 1.13 -9.80
C LEU B 183 -20.51 1.10 -8.29
N TRP B 184 -19.46 1.62 -7.68
CA TRP B 184 -19.48 1.86 -6.25
C TRP B 184 -18.62 3.06 -5.97
N GLY B 185 -18.45 3.35 -4.68
CA GLY B 185 -17.68 4.49 -4.27
C GLY B 185 -17.06 4.24 -2.92
N VAL B 186 -15.99 4.99 -2.65
CA VAL B 186 -15.37 4.99 -1.34
C VAL B 186 -15.30 6.43 -0.89
N HIS B 187 -15.70 6.66 0.34
CA HIS B 187 -15.86 7.99 0.88
C HIS B 187 -14.61 8.38 1.63
N HIS B 188 -14.04 9.51 1.26
CA HIS B 188 -12.88 10.09 1.88
C HIS B 188 -13.36 11.26 2.73
N PRO B 189 -13.83 10.99 3.95
CA PRO B 189 -14.44 12.04 4.73
C PRO B 189 -13.41 13.04 5.20
N PRO B 190 -13.82 14.27 5.49
CA PRO B 190 -12.86 15.33 5.78
C PRO B 190 -12.24 15.26 7.16
N ASN B 191 -12.68 14.35 8.01
CA ASN B 191 -12.10 14.28 9.34
C ASN B 191 -12.47 12.95 9.97
N ILE B 192 -11.73 12.61 11.03
CA ILE B 192 -12.00 11.36 11.73
C ILE B 192 -13.37 11.34 12.37
N GLY B 193 -13.88 12.51 12.75
CA GLY B 193 -15.18 12.55 13.38
C GLY B 193 -16.28 12.06 12.46
N ASP B 194 -16.28 12.55 11.22
CA ASP B 194 -17.29 12.11 10.27
C ASP B 194 -17.12 10.66 9.91
N GLN B 195 -15.87 10.23 9.73
CA GLN B 195 -15.58 8.82 9.47
C GLN B 195 -16.19 7.94 10.53
N ARG B 196 -15.96 8.26 11.79
CA ARG B 196 -16.39 7.39 12.88
C ARG B 196 -17.84 7.63 13.28
N ALA B 197 -18.48 8.66 12.76
CA ALA B 197 -19.92 8.80 12.96
C ALA B 197 -20.70 8.09 11.88
N LEU B 198 -20.14 8.00 10.68
CA LEU B 198 -20.78 7.25 9.61
C LEU B 198 -20.47 5.77 9.73
N TYR B 199 -19.20 5.43 9.64
CA TYR B 199 -18.74 4.07 9.45
C TYR B 199 -18.18 3.44 10.71
N HIS B 200 -17.93 4.21 11.74
CA HIS B 200 -17.56 3.72 13.07
C HIS B 200 -16.23 2.98 13.09
N THR B 201 -15.43 3.09 12.03
CA THR B 201 -14.08 2.55 12.05
C THR B 201 -13.09 3.53 11.41
N GLU B 202 -11.88 3.52 11.94
CA GLU B 202 -10.84 4.46 11.58
C GLU B 202 -9.97 3.93 10.45
N ASN B 203 -9.41 2.73 10.63
CA ASN B 203 -8.56 2.11 9.62
C ASN B 203 -9.41 1.34 8.65
N ALA B 204 -10.32 2.03 7.98
CA ALA B 204 -11.32 1.36 7.18
C ALA B 204 -10.77 1.00 5.81
N TYR B 205 -11.37 -0.01 5.20
CA TYR B 205 -10.95 -0.49 3.89
C TYR B 205 -12.16 -0.94 3.09
N VAL B 206 -11.92 -1.09 1.81
CA VAL B 206 -12.89 -1.65 0.88
C VAL B 206 -12.14 -2.63 -0.01
N SER B 207 -12.86 -3.59 -0.55
CA SER B 207 -12.26 -4.62 -1.36
C SER B 207 -13.27 -5.11 -2.37
N VAL B 208 -12.84 -5.21 -3.61
CA VAL B 208 -13.71 -5.60 -4.70
C VAL B 208 -13.01 -6.64 -5.54
N VAL B 209 -13.67 -7.77 -5.76
CA VAL B 209 -13.03 -8.92 -6.37
C VAL B 209 -13.95 -9.53 -7.41
N SER B 210 -13.36 -10.00 -8.50
CA SER B 210 -14.04 -10.76 -9.53
C SER B 210 -12.98 -11.49 -10.34
N SER B 211 -13.43 -12.37 -11.23
CA SER B 211 -12.55 -13.35 -11.83
C SER B 211 -11.22 -12.76 -12.28
N HIS B 212 -11.23 -11.57 -12.84
CA HIS B 212 -10.01 -10.95 -13.32
C HIS B 212 -9.93 -9.49 -12.94
N TYR B 213 -10.38 -9.14 -11.72
CA TYR B 213 -10.29 -7.77 -11.24
C TYR B 213 -10.31 -7.81 -9.74
N SER B 214 -9.21 -7.42 -9.11
CA SER B 214 -9.18 -7.26 -7.67
C SER B 214 -8.57 -5.92 -7.35
N ARG B 215 -9.25 -5.16 -6.51
CA ARG B 215 -8.69 -3.91 -6.02
C ARG B 215 -9.09 -3.71 -4.58
N LYS B 216 -8.17 -3.13 -3.82
CA LYS B 216 -8.38 -2.84 -2.43
C LYS B 216 -8.12 -1.37 -2.19
N PHE B 217 -8.97 -0.76 -1.37
CA PHE B 217 -8.91 0.67 -1.12
C PHE B 217 -8.77 0.92 0.37
N THR B 218 -7.87 1.83 0.73
CA THR B 218 -7.84 2.42 2.05
C THR B 218 -8.05 3.92 1.85
N PRO B 219 -9.23 4.45 2.15
CA PRO B 219 -9.47 5.86 1.87
C PRO B 219 -8.87 6.76 2.93
N GLU B 220 -8.43 7.93 2.47
CA GLU B 220 -7.69 8.85 3.32
C GLU B 220 -8.64 9.88 3.91
N ILE B 221 -8.41 10.20 5.18
CA ILE B 221 -9.21 11.21 5.87
C ILE B 221 -8.58 12.56 5.60
N ALA B 222 -8.94 13.16 4.47
CA ALA B 222 -8.33 14.38 3.98
C ALA B 222 -9.32 15.53 4.03
N LYS B 223 -8.93 16.63 4.67
CA LYS B 223 -9.76 17.81 4.76
C LYS B 223 -9.57 18.71 3.54
N ARG B 224 -10.07 18.23 2.41
CA ARG B 224 -9.95 18.95 1.16
C ARG B 224 -10.75 20.24 1.21
N PRO B 225 -10.47 21.19 0.32
CA PRO B 225 -11.26 22.41 0.27
C PRO B 225 -12.69 22.15 -0.16
N LYS B 226 -13.58 23.02 0.30
CA LYS B 226 -14.99 22.86 0.00
C LYS B 226 -15.25 22.93 -1.49
N VAL B 227 -16.03 21.98 -1.99
CA VAL B 227 -16.60 22.01 -3.33
C VAL B 227 -18.04 21.54 -3.21
N ARG B 228 -18.93 22.18 -3.95
CA ARG B 228 -20.37 21.98 -3.80
C ARG B 228 -20.74 21.86 -2.34
N ASP B 229 -20.12 22.70 -1.52
CA ASP B 229 -20.43 22.85 -0.09
C ASP B 229 -19.91 21.71 0.75
N GLN B 230 -19.08 20.83 0.20
CA GLN B 230 -18.63 19.66 0.92
C GLN B 230 -17.13 19.48 0.76
N GLU B 231 -16.50 19.01 1.83
CA GLU B 231 -15.05 18.90 1.86
C GLU B 231 -14.57 17.52 1.43
N GLY B 232 -14.89 16.50 2.21
CA GLY B 232 -14.49 15.15 1.88
C GLY B 232 -15.08 14.74 0.55
N ARG B 233 -14.47 13.77 -0.10
CA ARG B 233 -14.83 13.41 -1.46
C ARG B 233 -15.37 11.98 -1.51
N ILE B 234 -15.87 11.61 -2.68
CA ILE B 234 -16.37 10.26 -2.92
C ILE B 234 -15.73 9.73 -4.18
N ASN B 235 -14.63 9.01 -4.03
CA ASN B 235 -13.97 8.46 -5.19
C ASN B 235 -14.79 7.32 -5.75
N TYR B 236 -15.16 7.44 -7.00
CA TYR B 236 -16.13 6.56 -7.63
C TYR B 236 -15.39 5.57 -8.50
N TYR B 237 -15.80 4.32 -8.47
CA TYR B 237 -15.11 3.25 -9.16
C TYR B 237 -16.12 2.42 -9.95
N TRP B 238 -15.66 1.91 -11.07
CA TRP B 238 -16.51 1.09 -11.92
C TRP B 238 -15.74 -0.11 -12.45
N THR B 239 -16.47 -1.21 -12.62
CA THR B 239 -15.92 -2.38 -13.27
C THR B 239 -17.00 -3.08 -14.09
N LEU B 240 -16.59 -3.58 -15.25
CA LEU B 240 -17.43 -4.50 -15.97
C LEU B 240 -17.29 -5.89 -15.36
N LEU B 241 -18.30 -6.71 -15.58
CA LEU B 241 -18.38 -8.00 -14.92
C LEU B 241 -18.98 -8.97 -15.92
N GLU B 242 -18.18 -9.95 -16.35
CA GLU B 242 -18.54 -10.77 -17.49
C GLU B 242 -19.72 -11.68 -17.16
N PRO B 243 -20.37 -12.23 -18.17
CA PRO B 243 -21.42 -13.21 -17.93
C PRO B 243 -20.88 -14.37 -17.09
N GLY B 244 -21.70 -14.84 -16.17
CA GLY B 244 -21.30 -15.91 -15.29
C GLY B 244 -20.25 -15.54 -14.27
N ASP B 245 -19.58 -14.41 -14.44
CA ASP B 245 -18.66 -13.95 -13.42
C ASP B 245 -19.43 -13.43 -12.22
N THR B 246 -18.75 -13.40 -11.08
CA THR B 246 -19.35 -12.93 -9.85
C THR B 246 -18.44 -11.89 -9.23
N ILE B 247 -19.05 -10.85 -8.68
CA ILE B 247 -18.33 -9.78 -8.00
C ILE B 247 -18.62 -9.84 -6.52
N ILE B 248 -17.56 -9.70 -5.73
CA ILE B 248 -17.59 -9.77 -4.28
C ILE B 248 -17.20 -8.41 -3.76
N PHE B 249 -18.08 -7.83 -2.94
CA PHE B 249 -17.79 -6.61 -2.21
C PHE B 249 -17.52 -6.94 -0.77
N GLU B 250 -16.54 -6.25 -0.21
CA GLU B 250 -16.20 -6.40 1.19
C GLU B 250 -15.81 -5.03 1.70
N ALA B 251 -16.10 -4.79 2.98
CA ALA B 251 -15.80 -3.48 3.52
C ALA B 251 -15.91 -3.50 5.02
N ASN B 252 -14.95 -2.90 5.69
CA ASN B 252 -15.09 -2.52 7.07
C ASN B 252 -15.76 -1.16 7.17
N GLY B 253 -15.88 -0.45 6.05
CA GLY B 253 -16.37 0.91 6.09
C GLY B 253 -16.17 1.63 4.77
N ASN B 254 -16.68 2.86 4.75
CA ASN B 254 -16.48 3.81 3.68
C ASN B 254 -16.96 3.29 2.34
N LEU B 255 -17.80 2.28 2.33
CA LEU B 255 -18.33 1.79 1.07
C LEU B 255 -19.59 2.56 0.71
N ILE B 256 -19.56 3.22 -0.45
CA ILE B 256 -20.76 3.75 -1.08
C ILE B 256 -21.26 2.64 -1.99
N ALA B 257 -22.07 1.75 -1.41
CA ALA B 257 -22.35 0.49 -2.04
C ALA B 257 -23.22 0.66 -3.28
N PRO B 258 -23.25 -0.34 -4.13
CA PRO B 258 -24.08 -0.29 -5.33
C PRO B 258 -25.53 -0.65 -5.01
N ARG B 259 -26.45 0.12 -5.56
CA ARG B 259 -27.85 -0.24 -5.54
C ARG B 259 -28.25 -0.87 -6.85
N TYR B 260 -28.05 -0.15 -7.93
CA TYR B 260 -28.34 -0.62 -9.27
C TYR B 260 -27.04 -0.87 -10.01
N ALA B 261 -27.19 -1.52 -11.17
CA ALA B 261 -26.07 -1.82 -12.03
C ALA B 261 -26.63 -2.20 -13.38
N PHE B 262 -25.87 -1.89 -14.40
CA PHE B 262 -26.33 -1.98 -15.78
C PHE B 262 -25.83 -3.27 -16.41
N ALA B 263 -26.75 -4.19 -16.65
CA ALA B 263 -26.50 -5.32 -17.52
C ALA B 263 -26.75 -4.83 -18.93
N LEU B 264 -25.67 -4.51 -19.64
CA LEU B 264 -25.73 -3.63 -20.78
C LEU B 264 -25.31 -4.33 -22.07
N SER B 265 -26.12 -4.12 -23.11
CA SER B 265 -25.88 -4.67 -24.44
C SER B 265 -24.84 -3.81 -25.14
N ARG B 266 -23.64 -4.36 -25.32
CA ARG B 266 -22.50 -3.55 -25.71
C ARG B 266 -22.74 -2.84 -27.04
N GLY B 267 -23.44 -3.49 -27.95
CA GLY B 267 -23.87 -2.81 -29.15
C GLY B 267 -22.78 -2.09 -29.94
N PHE B 268 -23.26 -1.32 -30.90
CA PHE B 268 -22.43 -0.50 -31.77
C PHE B 268 -23.30 0.63 -32.30
N GLY B 269 -22.69 1.55 -33.04
CA GLY B 269 -23.43 2.65 -33.61
C GLY B 269 -23.93 3.59 -32.53
N SER B 270 -23.02 4.04 -31.68
CA SER B 270 -23.37 4.86 -30.53
C SER B 270 -22.19 5.76 -30.22
N GLY B 271 -22.35 6.59 -29.20
CA GLY B 271 -21.30 7.50 -28.81
C GLY B 271 -21.85 8.70 -28.09
N ILE B 272 -20.95 9.39 -27.40
CA ILE B 272 -21.29 10.55 -26.58
C ILE B 272 -21.06 11.79 -27.41
N ILE B 273 -22.10 12.22 -28.15
CA ILE B 273 -22.03 13.52 -28.78
C ILE B 273 -22.05 14.60 -27.72
N ASN B 274 -21.39 15.70 -28.00
CA ASN B 274 -21.41 16.87 -27.14
C ASN B 274 -21.76 18.07 -27.98
N SER B 275 -22.85 18.75 -27.62
CA SER B 275 -23.28 19.93 -28.35
C SER B 275 -24.49 20.52 -27.65
N ASN B 276 -24.72 21.80 -27.90
CA ASN B 276 -25.92 22.51 -27.45
C ASN B 276 -26.77 22.77 -28.69
N ALA B 277 -28.01 22.29 -28.67
CA ALA B 277 -28.89 22.46 -29.82
C ALA B 277 -30.27 21.97 -29.46
N PRO B 278 -31.27 22.28 -30.28
CA PRO B 278 -32.63 21.79 -30.03
C PRO B 278 -32.74 20.30 -30.27
N MET B 279 -33.73 19.68 -29.61
CA MET B 279 -33.95 18.25 -29.64
C MET B 279 -35.15 17.85 -30.50
N ASP B 280 -35.55 18.69 -31.45
CA ASP B 280 -36.77 18.41 -32.21
C ASP B 280 -36.61 17.13 -33.02
N GLU B 281 -37.74 16.46 -33.25
CA GLU B 281 -37.73 15.20 -33.97
C GLU B 281 -37.51 15.45 -35.45
N CYS B 282 -36.56 14.71 -36.02
CA CYS B 282 -36.22 14.80 -37.43
C CYS B 282 -35.38 13.58 -37.78
N ASP B 283 -35.29 13.28 -39.07
CA ASP B 283 -34.81 11.99 -39.55
C ASP B 283 -33.65 12.15 -40.51
N ALA B 284 -32.59 11.37 -40.28
CA ALA B 284 -31.51 11.20 -41.22
C ALA B 284 -30.60 10.09 -40.72
N LYS B 285 -29.96 9.41 -41.66
CA LYS B 285 -29.16 8.23 -41.32
C LYS B 285 -27.93 8.57 -40.51
N CYS B 286 -27.54 9.84 -40.43
CA CYS B 286 -26.31 10.24 -39.76
C CYS B 286 -26.53 11.47 -38.91
N GLN B 287 -25.98 11.45 -37.70
CA GLN B 287 -26.01 12.60 -36.82
C GLN B 287 -24.60 13.10 -36.59
N THR B 288 -24.46 14.41 -36.52
CA THR B 288 -23.30 15.13 -36.05
C THR B 288 -23.76 16.12 -35.01
N PRO B 289 -22.87 16.60 -34.15
CA PRO B 289 -23.32 17.35 -32.97
C PRO B 289 -24.14 18.60 -33.29
N GLN B 290 -23.80 19.31 -34.35
CA GLN B 290 -24.57 20.48 -34.75
C GLN B 290 -25.75 20.16 -35.65
N GLY B 291 -25.90 18.91 -36.10
CA GLY B 291 -27.03 18.56 -36.94
C GLY B 291 -26.89 17.22 -37.63
N ALA B 292 -28.01 16.72 -38.14
CA ALA B 292 -27.95 15.49 -38.92
C ALA B 292 -27.52 15.80 -40.35
N ILE B 293 -27.21 14.74 -41.08
CA ILE B 293 -26.80 14.84 -42.47
C ILE B 293 -27.70 13.94 -43.31
N ASN B 294 -28.29 14.52 -44.35
CA ASN B 294 -28.83 13.74 -45.45
C ASN B 294 -27.78 13.62 -46.54
N SER B 295 -27.80 12.50 -47.26
CA SER B 295 -26.72 12.15 -48.17
C SER B 295 -26.82 12.95 -49.46
N SER B 296 -26.32 14.19 -49.40
CA SER B 296 -25.99 14.92 -50.62
C SER B 296 -24.57 14.60 -51.07
N LEU B 297 -23.65 14.48 -50.12
CA LEU B 297 -22.29 14.05 -50.38
C LEU B 297 -21.88 13.13 -49.24
N PRO B 298 -20.87 12.28 -49.46
CA PRO B 298 -20.29 11.51 -48.35
C PRO B 298 -19.25 12.30 -47.57
N PHE B 299 -19.25 13.62 -47.73
CA PHE B 299 -18.26 14.49 -47.12
C PHE B 299 -18.87 15.27 -45.97
N GLN B 300 -18.15 15.33 -44.86
CA GLN B 300 -18.56 16.09 -43.68
C GLN B 300 -17.51 17.10 -43.32
N ASN B 301 -17.94 18.29 -42.91
CA ASN B 301 -17.10 19.31 -42.32
C ASN B 301 -17.44 19.59 -40.87
N VAL B 302 -18.51 19.01 -40.36
CA VAL B 302 -19.00 19.31 -39.03
C VAL B 302 -18.18 18.58 -37.98
N HIS B 303 -18.36 19.00 -36.72
CA HIS B 303 -17.60 18.59 -35.56
C HIS B 303 -17.24 17.12 -35.60
N PRO B 304 -16.01 16.74 -35.26
CA PRO B 304 -15.58 15.37 -35.50
C PRO B 304 -16.50 14.32 -34.91
N VAL B 305 -16.85 14.46 -33.64
CA VAL B 305 -17.48 13.38 -32.90
C VAL B 305 -18.81 13.09 -33.54
N THR B 306 -18.90 11.94 -34.21
CA THR B 306 -19.95 11.63 -35.15
C THR B 306 -20.51 10.26 -34.85
N ILE B 307 -21.77 10.05 -35.19
CA ILE B 307 -22.47 8.81 -34.89
C ILE B 307 -23.39 8.46 -36.04
N GLY B 308 -23.37 7.19 -36.43
CA GLY B 308 -24.28 6.66 -37.42
C GLY B 308 -23.61 6.38 -38.74
N GLU B 309 -24.45 6.03 -39.72
CA GLU B 309 -23.99 5.75 -41.08
C GLU B 309 -23.54 7.07 -41.70
N CYS B 310 -22.39 7.54 -41.23
CA CYS B 310 -22.00 8.92 -41.46
C CYS B 310 -20.95 9.05 -42.56
N PRO B 311 -20.96 10.19 -43.23
CA PRO B 311 -19.93 10.50 -44.23
C PRO B 311 -18.57 10.66 -43.57
N LYS B 312 -17.58 10.96 -44.39
CA LYS B 312 -16.22 11.08 -43.89
C LYS B 312 -15.88 12.52 -43.58
N TYR B 313 -15.07 12.70 -42.55
CA TYR B 313 -14.67 14.03 -42.14
C TYR B 313 -13.64 14.59 -43.10
N VAL B 314 -13.78 15.88 -43.42
CA VAL B 314 -12.73 16.64 -44.06
C VAL B 314 -12.74 18.03 -43.46
N ARG B 315 -11.78 18.84 -43.86
CA ARG B 315 -11.76 20.24 -43.50
C ARG B 315 -11.95 21.14 -44.70
N SER B 316 -11.89 20.58 -45.90
CA SER B 316 -12.03 21.36 -47.12
C SER B 316 -13.49 21.73 -47.34
N ALA B 317 -13.78 23.01 -47.35
CA ALA B 317 -15.13 23.49 -47.59
C ALA B 317 -15.62 23.05 -48.96
N GLY B 401 -17.07 9.38 -28.72
CA GLY B 401 -16.06 10.40 -28.50
C GLY B 401 -15.16 10.10 -27.33
N LYS B 402 -13.87 10.02 -27.61
CA LYS B 402 -12.88 9.66 -26.61
C LYS B 402 -12.37 10.90 -25.88
N GLU B 403 -11.93 10.69 -24.65
CA GLU B 403 -11.19 11.72 -23.94
C GLU B 403 -10.17 11.04 -23.05
N PHE B 404 -9.25 11.85 -22.53
CA PHE B 404 -8.16 11.37 -21.70
C PHE B 404 -7.85 12.44 -20.67
N ASN B 405 -7.18 12.04 -19.60
CA ASN B 405 -6.76 13.01 -18.60
C ASN B 405 -5.37 13.54 -18.91
N LYS B 406 -4.81 14.27 -17.95
CA LYS B 406 -3.57 14.99 -18.20
C LYS B 406 -2.38 14.05 -18.31
N LEU B 407 -2.39 12.94 -17.58
CA LEU B 407 -1.33 11.95 -17.64
C LEU B 407 -1.51 11.00 -18.79
N GLU B 408 -2.20 11.42 -19.83
CA GLU B 408 -2.40 10.64 -21.02
C GLU B 408 -2.26 11.53 -22.25
N ARG B 409 -1.46 12.59 -22.13
CA ARG B 409 -1.24 13.47 -23.27
C ARG B 409 -0.69 12.69 -24.45
N ARG B 410 0.29 11.82 -24.20
CA ARG B 410 0.77 10.94 -25.25
C ARG B 410 -0.39 10.31 -26.01
N MET B 411 -1.36 9.81 -25.25
CA MET B 411 -2.52 9.02 -25.80
C MET B 411 -3.41 9.97 -26.66
N GLU B 412 -3.57 11.20 -26.20
CA GLU B 412 -4.37 12.19 -26.92
C GLU B 412 -3.69 12.62 -28.21
N ASN B 413 -2.39 12.95 -28.12
CA ASN B 413 -1.65 13.26 -29.33
C ASN B 413 -1.63 12.07 -30.27
N LEU B 414 -1.69 10.86 -29.72
CA LEU B 414 -1.95 9.73 -30.59
C LEU B 414 -3.28 9.92 -31.30
N ASN B 415 -4.37 9.97 -30.51
CA ASN B 415 -5.69 10.07 -31.11
C ASN B 415 -5.77 11.24 -32.07
N LYS B 416 -5.38 12.42 -31.61
CA LYS B 416 -5.39 13.58 -32.50
C LYS B 416 -4.60 13.28 -33.76
N LYS B 417 -3.36 12.83 -33.60
CA LYS B 417 -2.58 12.48 -34.77
C LYS B 417 -3.30 11.44 -35.58
N VAL B 418 -3.80 10.38 -34.91
CA VAL B 418 -4.54 9.37 -35.62
C VAL B 418 -5.60 10.05 -36.45
N ASP B 419 -6.40 10.90 -35.82
CA ASP B 419 -7.44 11.60 -36.54
C ASP B 419 -6.84 12.44 -37.65
N ASP B 420 -5.89 13.32 -37.31
CA ASP B 420 -5.50 14.37 -38.24
C ASP B 420 -5.06 13.79 -39.57
N GLY B 421 -4.20 12.77 -39.52
CA GLY B 421 -3.71 12.21 -40.76
C GLY B 421 -4.83 11.68 -41.62
N PHE B 422 -5.74 10.91 -41.02
CA PHE B 422 -6.85 10.43 -41.81
C PHE B 422 -7.58 11.61 -42.42
N ILE B 423 -7.74 12.67 -41.64
CA ILE B 423 -8.49 13.83 -42.09
C ILE B 423 -7.84 14.48 -43.29
N ASP B 424 -6.51 14.41 -43.39
CA ASP B 424 -5.87 14.83 -44.62
C ASP B 424 -6.11 13.83 -45.73
N ILE B 425 -5.93 12.55 -45.42
CA ILE B 425 -6.05 11.50 -46.43
C ILE B 425 -7.42 11.54 -47.07
N TRP B 426 -8.43 11.98 -46.33
CA TRP B 426 -9.80 11.93 -46.82
C TRP B 426 -10.09 13.02 -47.85
N THR B 427 -9.20 13.99 -48.03
CA THR B 427 -9.50 15.13 -48.88
C THR B 427 -8.66 15.18 -50.15
N TYR B 428 -8.18 14.04 -50.63
CA TYR B 428 -7.55 14.01 -51.95
C TYR B 428 -8.62 13.88 -53.02
N HIS C 45 19.29 19.45 -47.61
CA HIS C 45 18.81 20.33 -46.52
C HIS C 45 19.94 21.17 -45.92
N ASN C 46 19.56 22.22 -45.21
CA ASN C 46 20.49 23.25 -44.75
C ASN C 46 21.52 22.72 -43.75
N GLY C 47 21.27 21.59 -43.11
CA GLY C 47 22.28 20.94 -42.30
C GLY C 47 22.60 21.59 -40.98
N LYS C 48 21.80 22.56 -40.53
CA LYS C 48 22.11 23.30 -39.32
C LYS C 48 20.86 23.43 -38.46
N LEU C 49 21.09 23.65 -37.17
CA LEU C 49 20.01 23.92 -36.22
C LEU C 49 19.56 25.38 -36.37
N CYS C 50 18.85 25.62 -37.46
CA CYS C 50 18.40 26.96 -37.82
C CYS C 50 17.34 27.46 -36.83
N LEU C 51 16.79 28.62 -37.15
CA LEU C 51 15.69 29.22 -36.41
C LEU C 51 14.43 29.17 -37.27
N LEU C 52 13.31 28.88 -36.63
CA LEU C 52 12.07 28.73 -37.40
C LEU C 52 11.55 30.08 -37.87
N LYS C 53 11.44 31.04 -36.96
CA LYS C 53 10.88 32.35 -37.28
C LYS C 53 11.71 33.47 -36.67
N GLY C 54 13.01 33.24 -36.49
CA GLY C 54 13.85 34.10 -35.70
C GLY C 54 13.87 33.78 -34.23
N ILE C 55 12.91 32.99 -33.75
CA ILE C 55 12.88 32.58 -32.36
C ILE C 55 13.78 31.37 -32.19
N ALA C 56 14.68 31.43 -31.22
CA ALA C 56 15.79 30.51 -31.16
C ALA C 56 15.44 29.25 -30.37
N PRO C 57 16.11 28.14 -30.67
CA PRO C 57 15.90 26.92 -29.92
C PRO C 57 16.45 27.01 -28.51
N LEU C 58 16.38 25.87 -27.83
CA LEU C 58 17.01 25.66 -26.55
C LEU C 58 18.02 24.54 -26.72
N GLN C 59 19.24 24.77 -26.27
CA GLN C 59 20.34 23.83 -26.43
C GLN C 59 20.73 23.30 -25.07
N LEU C 60 20.45 22.03 -24.83
CA LEU C 60 20.80 21.41 -23.57
C LEU C 60 22.15 20.75 -23.64
N GLY C 61 22.61 20.41 -24.85
CA GLY C 61 23.87 19.74 -25.02
C GLY C 61 24.04 18.55 -24.11
N ASN C 62 24.96 18.67 -23.16
CA ASN C 62 25.22 17.60 -22.22
C ASN C 62 24.17 17.53 -21.12
N CYS C 63 23.20 18.44 -21.15
CA CYS C 63 22.05 18.36 -20.28
C CYS C 63 21.00 17.45 -20.92
N SER C 64 19.96 17.11 -20.17
CA SER C 64 18.82 16.39 -20.73
C SER C 64 17.53 16.98 -20.20
N VAL C 65 16.43 16.63 -20.87
CA VAL C 65 15.13 17.11 -20.43
C VAL C 65 14.89 16.71 -18.99
N ALA C 66 15.41 15.56 -18.60
CA ALA C 66 15.29 15.14 -17.22
C ALA C 66 16.00 16.08 -16.29
N GLY C 67 17.17 16.57 -16.68
CA GLY C 67 17.96 17.43 -15.84
C GLY C 67 17.62 18.90 -16.01
N TRP C 68 17.40 19.29 -17.26
CA TRP C 68 16.91 20.62 -17.57
C TRP C 68 15.82 21.06 -16.60
N ILE C 69 14.73 20.31 -16.56
CA ILE C 69 13.63 20.66 -15.68
C ILE C 69 14.05 20.58 -14.23
N LEU C 70 14.76 19.53 -13.85
CA LEU C 70 15.27 19.48 -12.49
C LEU C 70 16.33 20.52 -12.23
N GLY C 71 16.83 21.19 -13.27
CA GLY C 71 17.88 22.15 -13.04
C GLY C 71 19.18 21.46 -12.68
N ASN C 72 19.81 20.82 -13.66
CA ASN C 72 21.03 20.10 -13.42
C ASN C 72 22.15 21.08 -13.07
N PRO C 73 22.89 20.85 -12.00
CA PRO C 73 23.92 21.82 -11.62
C PRO C 73 24.91 22.11 -12.75
N GLU C 74 25.31 21.09 -13.49
CA GLU C 74 26.17 21.29 -14.64
C GLU C 74 25.32 21.77 -15.80
N CYS C 75 24.57 22.85 -15.58
CA CYS C 75 23.67 23.32 -16.61
C CYS C 75 23.20 24.69 -16.20
N GLU C 76 23.20 25.62 -17.15
CA GLU C 76 22.66 26.94 -16.88
C GLU C 76 21.26 26.81 -16.28
N LEU C 77 20.88 27.78 -15.46
CA LEU C 77 19.47 27.90 -15.09
C LEU C 77 18.60 28.00 -16.32
N LEU C 78 19.20 28.23 -17.49
CA LEU C 78 18.51 28.35 -18.76
C LEU C 78 17.38 29.38 -18.70
N ILE C 79 17.50 30.30 -17.75
CA ILE C 79 16.66 31.49 -17.72
C ILE C 79 16.86 32.29 -18.99
N SER C 80 18.06 32.19 -19.58
CA SER C 80 18.31 32.84 -20.86
C SER C 80 17.38 32.35 -21.96
N ARG C 81 16.79 31.17 -21.80
CA ARG C 81 16.04 30.49 -22.86
C ARG C 81 14.66 30.07 -22.38
N GLU C 82 13.92 30.99 -21.77
CA GLU C 82 12.56 30.67 -21.34
C GLU C 82 11.55 30.74 -22.47
N SER C 83 12.01 30.75 -23.72
CA SER C 83 11.15 30.68 -24.89
C SER C 83 11.94 30.10 -26.03
N TRP C 84 11.29 29.30 -26.87
CA TRP C 84 12.01 28.68 -27.98
C TRP C 84 11.06 28.23 -29.07
N SER C 85 11.66 27.80 -30.18
CA SER C 85 10.94 27.07 -31.20
C SER C 85 11.04 25.58 -31.01
N TYR C 86 12.14 25.10 -30.43
CA TYR C 86 12.30 23.69 -30.20
C TYR C 86 13.44 23.40 -29.25
N ILE C 87 13.31 22.31 -28.54
CA ILE C 87 14.34 21.78 -27.67
C ILE C 87 15.25 20.88 -28.48
N VAL C 88 16.52 20.87 -28.10
CA VAL C 88 17.55 20.09 -28.78
C VAL C 88 18.16 19.16 -27.75
N GLU C 89 18.24 17.88 -28.10
CA GLU C 89 18.69 16.84 -27.20
C GLU C 89 19.73 16.00 -27.94
N LYS C 90 20.81 15.66 -27.26
CA LYS C 90 21.78 14.77 -27.86
C LYS C 90 21.33 13.33 -27.67
N PRO C 91 21.85 12.40 -28.46
CA PRO C 91 21.28 11.05 -28.47
C PRO C 91 21.21 10.41 -27.10
N ASN C 92 22.22 10.63 -26.27
CA ASN C 92 22.26 10.05 -24.93
C ASN C 92 23.08 10.95 -24.04
N PRO C 93 22.53 12.10 -23.66
CA PRO C 93 23.33 13.10 -22.94
C PRO C 93 23.79 12.58 -21.59
N GLU C 94 25.08 12.78 -21.32
CA GLU C 94 25.70 12.17 -20.15
C GLU C 94 25.14 12.75 -18.86
N ASN C 95 25.10 14.06 -18.75
CA ASN C 95 24.76 14.69 -17.48
C ASN C 95 23.29 15.13 -17.48
N GLY C 96 22.45 14.15 -17.17
CA GLY C 96 21.03 14.38 -16.98
C GLY C 96 20.75 14.57 -15.51
N THR C 97 20.11 13.60 -14.87
CA THR C 97 19.89 13.67 -13.44
C THR C 97 21.22 13.42 -12.76
N CYS C 98 21.78 14.46 -12.16
CA CYS C 98 23.07 14.30 -11.49
C CYS C 98 23.00 13.24 -10.40
N TYR C 99 21.81 12.94 -9.91
CA TYR C 99 21.63 11.95 -8.89
C TYR C 99 20.81 10.81 -9.46
N PRO C 100 21.20 9.57 -9.21
CA PRO C 100 20.50 8.45 -9.82
C PRO C 100 19.10 8.26 -9.27
N GLY C 101 18.20 7.87 -10.15
CA GLY C 101 16.85 7.52 -9.74
C GLY C 101 15.92 7.50 -10.93
N HIS C 102 14.70 7.07 -10.68
CA HIS C 102 13.72 6.84 -11.72
C HIS C 102 12.78 8.04 -11.81
N PHE C 103 12.66 8.60 -13.00
CA PHE C 103 11.93 9.84 -13.21
C PHE C 103 10.52 9.47 -13.64
N ALA C 104 9.61 9.39 -12.68
CA ALA C 104 8.29 8.83 -12.92
C ALA C 104 7.56 9.58 -14.03
N ASP C 105 6.92 8.81 -14.90
CA ASP C 105 6.18 9.37 -16.02
C ASP C 105 7.04 10.32 -16.82
N TYR C 106 8.31 9.97 -16.94
CA TYR C 106 9.24 10.75 -17.75
C TYR C 106 8.78 10.85 -19.18
N GLU C 107 8.31 9.74 -19.74
CA GLU C 107 7.98 9.71 -21.16
C GLU C 107 6.74 10.54 -21.45
N GLU C 108 6.01 10.91 -20.40
CA GLU C 108 4.82 11.76 -20.55
C GLU C 108 5.19 13.22 -20.37
N LEU C 109 6.08 13.50 -19.42
CA LEU C 109 6.58 14.84 -19.24
C LEU C 109 7.25 15.34 -20.49
N ARG C 110 8.09 14.51 -21.08
CA ARG C 110 8.70 14.90 -22.34
C ARG C 110 7.63 15.32 -23.35
N GLU C 111 6.51 14.61 -23.37
CA GLU C 111 5.50 14.89 -24.39
C GLU C 111 4.74 16.17 -24.09
N GLN C 112 4.41 16.39 -22.81
CA GLN C 112 3.67 17.61 -22.50
C GLN C 112 4.56 18.84 -22.63
N LEU C 113 5.87 18.67 -22.46
CA LEU C 113 6.80 19.75 -22.72
C LEU C 113 7.13 19.90 -24.19
N SER C 114 6.87 18.87 -24.98
CA SER C 114 7.09 19.00 -26.42
C SER C 114 6.23 20.12 -27.01
N SER C 115 4.97 20.21 -26.58
CA SER C 115 4.09 21.26 -27.09
C SER C 115 4.48 22.62 -26.54
N VAL C 116 5.01 22.64 -25.32
CA VAL C 116 5.28 23.90 -24.65
C VAL C 116 6.28 24.73 -25.46
N SER C 117 6.10 26.05 -25.42
CA SER C 117 7.00 26.97 -26.09
C SER C 117 7.52 28.07 -25.17
N SER C 118 7.13 28.10 -23.90
CA SER C 118 7.66 29.07 -22.96
C SER C 118 7.33 28.64 -21.54
N PHE C 119 8.12 29.13 -20.59
CA PHE C 119 7.86 28.90 -19.19
C PHE C 119 7.53 30.22 -18.50
N GLU C 120 7.48 30.13 -17.17
CA GLU C 120 7.77 31.25 -16.29
C GLU C 120 8.35 30.62 -15.03
N ARG C 121 9.67 30.52 -14.97
CA ARG C 121 10.36 29.78 -13.92
C ARG C 121 10.31 30.58 -12.63
N PHE C 122 9.18 30.48 -11.95
CA PHE C 122 9.01 31.18 -10.69
C PHE C 122 9.41 30.31 -9.51
N GLU C 123 9.80 30.96 -8.43
CA GLU C 123 10.18 30.28 -7.20
C GLU C 123 8.91 30.02 -6.40
N ILE C 124 8.17 29.02 -6.86
CA ILE C 124 6.95 28.54 -6.23
C ILE C 124 7.10 28.47 -4.73
N PHE C 125 8.33 28.27 -4.26
CA PHE C 125 8.64 28.32 -2.83
C PHE C 125 10.05 28.88 -2.68
N PRO C 126 10.19 30.12 -2.23
CA PRO C 126 11.53 30.67 -2.04
C PRO C 126 12.38 29.81 -1.12
N LYS C 127 13.63 29.64 -1.50
CA LYS C 127 14.55 28.84 -0.71
C LYS C 127 14.62 29.34 0.72
N GLU C 128 14.74 30.65 0.88
CA GLU C 128 14.62 31.29 2.19
C GLU C 128 13.18 31.75 2.40
N SER C 129 12.76 31.71 3.66
CA SER C 129 11.45 32.21 4.06
C SER C 129 10.30 31.27 3.73
N SER C 130 10.57 30.16 3.05
CA SER C 130 9.54 29.16 2.85
C SER C 130 9.69 27.99 3.82
N TRP C 131 10.92 27.72 4.26
CA TRP C 131 11.21 26.55 5.09
C TRP C 131 12.03 26.94 6.32
N PRO C 132 11.49 27.77 7.20
CA PRO C 132 12.26 28.21 8.36
C PRO C 132 12.70 27.09 9.28
N ASN C 133 11.99 25.96 9.31
CA ASN C 133 12.32 24.86 10.19
C ASN C 133 12.90 23.67 9.46
N HIS C 134 13.49 23.90 8.28
CA HIS C 134 14.15 22.86 7.52
C HIS C 134 15.48 23.36 6.99
N THR C 135 16.43 22.44 6.87
CA THR C 135 17.71 22.75 6.25
C THR C 135 17.57 22.59 4.74
N THR C 136 17.82 23.66 4.02
CA THR C 136 17.61 23.69 2.59
C THR C 136 18.88 23.50 1.79
N THR C 137 20.05 23.55 2.43
CA THR C 137 21.33 23.57 1.73
C THR C 137 21.91 22.18 1.52
N GLY C 138 21.07 21.15 1.45
CA GLY C 138 21.58 19.83 1.20
C GLY C 138 22.24 19.74 -0.16
N VAL C 139 23.29 18.92 -0.24
CA VAL C 139 24.05 18.75 -1.48
C VAL C 139 24.59 17.34 -1.52
N SER C 140 25.05 16.94 -2.70
CA SER C 140 25.62 15.62 -2.89
C SER C 140 26.83 15.71 -3.81
N ALA C 141 27.75 14.78 -3.60
CA ALA C 141 28.94 14.71 -4.45
C ALA C 141 28.57 14.34 -5.88
N SER C 142 27.55 13.51 -6.05
CA SER C 142 27.11 13.11 -7.37
C SER C 142 26.74 14.30 -8.23
N CYS C 143 26.33 15.40 -7.60
CA CYS C 143 25.88 16.59 -8.30
C CYS C 143 26.94 17.69 -8.27
N SER C 144 28.20 17.30 -8.39
CA SER C 144 29.30 18.24 -8.35
C SER C 144 29.21 19.24 -9.49
N HIS C 145 29.64 20.46 -9.20
CA HIS C 145 29.65 21.53 -10.20
C HIS C 145 30.75 22.51 -9.83
N ASN C 146 31.88 22.46 -10.54
CA ASN C 146 33.03 23.32 -10.27
C ASN C 146 33.43 23.26 -8.80
N GLY C 147 33.17 22.13 -8.16
CA GLY C 147 33.39 22.03 -6.74
C GLY C 147 33.01 20.65 -6.26
N GLU C 148 33.20 20.44 -4.96
CA GLU C 148 32.99 19.12 -4.39
C GLU C 148 31.53 18.69 -4.39
N SER C 149 30.59 19.63 -4.31
CA SER C 149 29.20 19.24 -4.19
C SER C 149 28.28 20.41 -4.50
N SER C 150 27.03 20.07 -4.79
CA SER C 150 25.96 21.01 -5.02
C SER C 150 24.65 20.22 -4.97
N PHE C 151 23.58 20.77 -5.52
CA PHE C 151 22.35 20.04 -5.74
C PHE C 151 21.59 20.74 -6.86
N TYR C 152 20.49 20.13 -7.27
CA TYR C 152 19.70 20.67 -8.36
C TYR C 152 19.30 22.10 -8.06
N LYS C 153 19.04 22.87 -9.12
CA LYS C 153 18.68 24.26 -8.97
C LYS C 153 17.18 24.49 -8.90
N ASN C 154 16.37 23.47 -9.20
CA ASN C 154 14.92 23.57 -9.12
C ASN C 154 14.32 22.65 -8.08
N LEU C 155 15.11 22.19 -7.12
CA LEU C 155 14.59 21.43 -6.00
C LEU C 155 15.45 21.68 -4.79
N LEU C 156 14.89 21.35 -3.64
CA LEU C 156 15.55 21.55 -2.35
C LEU C 156 15.54 20.25 -1.59
N TRP C 157 16.73 19.75 -1.29
CA TRP C 157 16.91 18.53 -0.54
C TRP C 157 16.69 18.84 0.93
N LEU C 158 15.44 19.00 1.29
CA LEU C 158 15.11 19.34 2.66
C LEU C 158 15.61 18.28 3.62
N THR C 159 16.30 18.74 4.65
CA THR C 159 16.73 17.90 5.74
C THR C 159 16.49 18.66 7.04
N GLY C 160 16.68 17.95 8.14
CA GLY C 160 16.31 18.51 9.42
C GLY C 160 17.16 19.70 9.79
N LYS C 161 16.56 20.58 10.58
CA LYS C 161 17.25 21.68 11.24
C LYS C 161 17.21 21.42 12.74
N ASN C 162 18.32 21.72 13.42
CA ASN C 162 18.44 21.39 14.83
C ASN C 162 18.07 19.92 15.08
N GLY C 163 18.34 19.08 14.10
CA GLY C 163 18.04 17.68 14.28
C GLY C 163 16.57 17.37 14.28
N LEU C 164 15.76 18.29 13.81
CA LEU C 164 14.32 18.14 13.78
C LEU C 164 13.84 18.29 12.34
N TYR C 165 12.96 17.39 11.92
CA TYR C 165 12.30 17.47 10.63
C TYR C 165 10.80 17.53 10.88
N PRO C 166 10.21 18.71 11.02
CA PRO C 166 8.80 18.79 11.38
C PRO C 166 7.90 18.43 10.22
N ASN C 167 6.81 17.74 10.52
CA ASN C 167 5.84 17.36 9.51
C ASN C 167 5.39 18.60 8.77
N LEU C 168 5.78 18.73 7.51
CA LEU C 168 5.49 19.92 6.75
C LEU C 168 4.18 19.78 6.00
N SER C 169 3.56 20.92 5.70
CA SER C 169 2.28 20.94 5.02
C SER C 169 2.21 22.07 4.01
N LYS C 170 3.35 22.55 3.55
CA LYS C 170 3.39 23.64 2.60
C LYS C 170 2.42 23.41 1.45
N SER C 171 1.87 24.51 0.94
CA SER C 171 0.89 24.44 -0.14
C SER C 171 0.99 25.71 -0.97
N TYR C 172 0.56 25.60 -2.21
CA TYR C 172 0.63 26.70 -3.16
C TYR C 172 -0.57 26.68 -4.08
N ALA C 173 -1.13 27.86 -4.33
CA ALA C 173 -2.34 28.01 -5.12
C ALA C 173 -2.01 28.74 -6.40
N ASN C 174 -2.39 28.16 -7.53
CA ASN C 174 -1.99 28.65 -8.84
C ASN C 174 -2.84 29.86 -9.22
N ASN C 175 -2.40 31.01 -8.71
CA ASN C 175 -3.04 32.28 -9.05
C ASN C 175 -2.51 32.89 -10.33
N LYS C 176 -1.67 32.17 -11.08
CA LYS C 176 -1.04 32.72 -12.25
C LYS C 176 -1.87 32.52 -13.51
N GLU C 177 -3.03 31.90 -13.40
CA GLU C 177 -3.98 31.77 -14.51
C GLU C 177 -3.41 30.96 -15.67
N LYS C 178 -2.39 30.16 -15.42
CA LYS C 178 -1.89 29.23 -16.41
C LYS C 178 -1.32 28.00 -15.70
N GLU C 179 -1.30 26.88 -16.42
CA GLU C 179 -0.94 25.61 -15.80
C GLU C 179 0.47 25.68 -15.24
N VAL C 180 0.66 25.03 -14.10
CA VAL C 180 1.93 25.03 -13.39
C VAL C 180 2.47 23.61 -13.35
N LEU C 181 3.67 23.44 -13.87
CA LEU C 181 4.37 22.16 -13.79
C LEU C 181 5.16 22.09 -12.49
N VAL C 182 4.71 21.30 -11.57
CA VAL C 182 5.40 21.10 -10.32
C VAL C 182 6.23 19.85 -10.39
N LEU C 183 7.41 19.92 -9.78
CA LEU C 183 8.33 18.79 -9.64
C LEU C 183 8.73 18.64 -8.20
N TRP C 184 8.81 17.39 -7.77
CA TRP C 184 9.40 17.08 -6.49
C TRP C 184 10.06 15.73 -6.59
N GLY C 185 10.56 15.25 -5.46
CA GLY C 185 11.24 13.98 -5.40
C GLY C 185 11.08 13.36 -4.04
N VAL C 186 11.25 12.05 -4.02
CA VAL C 186 11.29 11.30 -2.78
C VAL C 186 12.57 10.49 -2.78
N HIS C 187 13.29 10.56 -1.67
CA HIS C 187 14.62 10.01 -1.56
C HIS C 187 14.52 8.61 -0.97
N HIS C 188 15.09 7.65 -1.67
CA HIS C 188 15.17 6.27 -1.25
C HIS C 188 16.60 6.03 -0.80
N PRO C 189 16.92 6.36 0.44
CA PRO C 189 18.30 6.30 0.87
C PRO C 189 18.76 4.87 1.02
N PRO C 190 20.07 4.60 0.91
CA PRO C 190 20.55 3.23 0.87
C PRO C 190 20.55 2.52 2.20
N ASN C 191 20.24 3.20 3.30
CA ASN C 191 20.25 2.53 4.58
C ASN C 191 19.49 3.37 5.59
N ILE C 192 19.12 2.73 6.70
CA ILE C 192 18.39 3.44 7.74
C ILE C 192 19.23 4.54 8.35
N GLY C 193 20.55 4.39 8.36
CA GLY C 193 21.37 5.41 8.97
C GLY C 193 21.27 6.73 8.23
N ASP C 194 21.34 6.70 6.90
CA ASP C 194 21.23 7.92 6.14
C ASP C 194 19.83 8.51 6.24
N GLN C 195 18.82 7.65 6.18
CA GLN C 195 17.44 8.08 6.36
C GLN C 195 17.29 8.87 7.65
N ARG C 196 17.77 8.33 8.75
CA ARG C 196 17.55 8.94 10.05
C ARG C 196 18.55 10.04 10.36
N ALA C 197 19.60 10.19 9.55
CA ALA C 197 20.47 11.35 9.70
C ALA C 197 19.97 12.53 8.89
N LEU C 198 19.31 12.26 7.77
CA LEU C 198 18.72 13.33 6.99
C LEU C 198 17.36 13.74 7.55
N TYR C 199 16.43 12.79 7.57
CA TYR C 199 15.03 13.05 7.80
C TYR C 199 14.56 12.67 9.18
N HIS C 200 15.36 11.93 9.94
CA HIS C 200 15.11 11.64 11.35
C HIS C 200 13.85 10.83 11.59
N THR C 201 13.27 10.23 10.55
CA THR C 201 12.18 9.30 10.73
C THR C 201 12.34 8.09 9.83
N GLU C 202 11.87 6.95 10.33
CA GLU C 202 12.06 5.66 9.69
C GLU C 202 10.89 5.31 8.78
N ASN C 203 9.67 5.36 9.31
CA ASN C 203 8.48 5.05 8.54
C ASN C 203 7.98 6.31 7.85
N ALA C 204 8.84 6.88 7.01
CA ALA C 204 8.55 8.19 6.43
C ALA C 204 7.62 8.07 5.24
N TYR C 205 6.91 9.15 4.98
CA TYR C 205 5.96 9.21 3.88
C TYR C 205 5.97 10.59 3.25
N VAL C 206 5.39 10.64 2.06
CA VAL C 206 5.15 11.89 1.36
C VAL C 206 3.74 11.83 0.81
N SER C 207 3.15 12.98 0.58
CA SER C 207 1.78 13.06 0.13
C SER C 207 1.59 14.32 -0.69
N VAL C 208 0.97 14.17 -1.84
CA VAL C 208 0.80 15.28 -2.76
C VAL C 208 -0.64 15.28 -3.24
N VAL C 209 -1.31 16.41 -3.10
CA VAL C 209 -2.74 16.48 -3.34
C VAL C 209 -3.07 17.72 -4.15
N SER C 210 -4.04 17.59 -5.04
CA SER C 210 -4.61 18.68 -5.79
C SER C 210 -5.95 18.22 -6.35
N SER C 211 -6.70 19.16 -6.92
CA SER C 211 -8.11 18.94 -7.20
C SER C 211 -8.39 17.58 -7.80
N HIS C 212 -7.53 17.12 -8.70
CA HIS C 212 -7.74 15.83 -9.35
C HIS C 212 -6.46 15.02 -9.43
N TYR C 213 -5.63 15.08 -8.38
CA TYR C 213 -4.42 14.29 -8.34
C TYR C 213 -4.04 14.09 -6.88
N SER C 214 -4.09 12.85 -6.41
CA SER C 214 -3.59 12.54 -5.09
C SER C 214 -2.69 11.34 -5.20
N ARG C 215 -1.50 11.46 -4.62
CA ARG C 215 -0.60 10.32 -4.54
C ARG C 215 0.13 10.35 -3.22
N LYS C 216 0.37 9.17 -2.68
CA LYS C 216 1.08 9.00 -1.43
C LYS C 216 2.24 8.06 -1.65
N PHE C 217 3.39 8.39 -1.06
CA PHE C 217 4.61 7.63 -1.25
C PHE C 217 5.14 7.17 0.08
N THR C 218 5.55 5.92 0.15
CA THR C 218 6.38 5.42 1.23
C THR C 218 7.67 4.94 0.59
N PRO C 219 8.77 5.67 0.71
CA PRO C 219 9.99 5.27 0.02
C PRO C 219 10.73 4.17 0.74
N GLU C 220 11.36 3.30 -0.04
CA GLU C 220 11.98 2.11 0.49
C GLU C 220 13.45 2.36 0.74
N ILE C 221 13.96 1.83 1.85
CA ILE C 221 15.36 1.94 2.21
C ILE C 221 16.11 0.81 1.53
N ALA C 222 16.49 1.02 0.28
CA ALA C 222 17.06 -0.01 -0.56
C ALA C 222 18.52 0.31 -0.87
N LYS C 223 19.42 -0.63 -0.59
CA LYS C 223 20.83 -0.47 -0.87
C LYS C 223 21.16 -0.88 -2.30
N ARG C 224 20.70 -0.05 -3.23
CA ARG C 224 20.91 -0.30 -4.64
C ARG C 224 22.40 -0.21 -4.98
N PRO C 225 22.81 -0.76 -6.12
CA PRO C 225 24.20 -0.63 -6.53
C PRO C 225 24.57 0.79 -6.86
N LYS C 226 25.85 1.11 -6.68
CA LYS C 226 26.32 2.46 -6.92
C LYS C 226 26.12 2.87 -8.37
N VAL C 227 25.57 4.06 -8.54
CA VAL C 227 25.53 4.75 -9.83
C VAL C 227 25.87 6.20 -9.57
N ARG C 228 26.63 6.80 -10.48
CA ARG C 228 27.21 8.12 -10.27
C ARG C 228 27.68 8.29 -8.83
N ASP C 229 28.30 7.23 -8.31
CA ASP C 229 28.95 7.21 -7.01
C ASP C 229 27.97 7.17 -5.85
N GLN C 230 26.69 6.94 -6.11
CA GLN C 230 25.68 6.98 -5.06
C GLN C 230 24.76 5.79 -5.17
N GLU C 231 24.34 5.28 -4.01
CA GLU C 231 23.54 4.07 -3.95
C GLU C 231 22.05 4.35 -3.93
N GLY C 232 21.57 4.99 -2.88
CA GLY C 232 20.17 5.33 -2.79
C GLY C 232 19.76 6.23 -3.92
N ARG C 233 18.48 6.24 -4.26
CA ARG C 233 18.01 6.94 -5.44
C ARG C 233 17.07 8.07 -5.05
N ILE C 234 16.69 8.86 -6.06
CA ILE C 234 15.75 9.96 -5.87
C ILE C 234 14.66 9.82 -6.91
N ASN C 235 13.56 9.19 -6.56
CA ASN C 235 12.48 9.04 -7.50
C ASN C 235 11.79 10.37 -7.67
N TYR C 236 11.73 10.83 -8.92
CA TYR C 236 11.31 12.17 -9.24
C TYR C 236 9.90 12.12 -9.78
N TYR C 237 9.06 13.06 -9.35
CA TYR C 237 7.66 13.06 -9.69
C TYR C 237 7.25 14.43 -10.18
N TRP C 238 6.30 14.45 -11.11
CA TRP C 238 5.81 15.69 -11.67
C TRP C 238 4.31 15.66 -11.81
N THR C 239 3.69 16.83 -11.63
CA THR C 239 2.28 17.00 -11.89
C THR C 239 2.01 18.38 -12.47
N LEU C 240 1.09 18.43 -13.42
CA LEU C 240 0.55 19.70 -13.82
C LEU C 240 -0.51 20.12 -12.82
N LEU C 241 -0.76 21.43 -12.78
CA LEU C 241 -1.62 22.01 -11.75
C LEU C 241 -2.40 23.13 -12.41
N GLU C 242 -3.72 22.95 -12.52
CA GLU C 242 -4.52 23.81 -13.36
C GLU C 242 -4.61 25.21 -12.77
N PRO C 243 -5.02 26.18 -13.57
CA PRO C 243 -5.26 27.53 -13.03
C PRO C 243 -6.26 27.47 -11.89
N GLY C 244 -6.01 28.28 -10.86
CA GLY C 244 -6.87 28.29 -9.70
C GLY C 244 -6.81 27.05 -8.84
N ASP C 245 -6.24 25.96 -9.35
CA ASP C 245 -6.03 24.79 -8.52
C ASP C 245 -4.91 25.04 -7.54
N THR C 246 -4.92 24.27 -6.46
CA THR C 246 -3.91 24.38 -5.42
C THR C 246 -3.32 23.01 -5.15
N ILE C 247 -2.02 22.98 -4.94
CA ILE C 247 -1.30 21.75 -4.63
C ILE C 247 -0.81 21.80 -3.19
N ILE C 248 -1.00 20.69 -2.48
CA ILE C 248 -0.68 20.54 -1.08
C ILE C 248 0.41 19.49 -0.99
N PHE C 249 1.53 19.87 -0.39
CA PHE C 249 2.60 18.93 -0.08
C PHE C 249 2.57 18.63 1.40
N GLU C 250 2.82 17.38 1.72
CA GLU C 250 2.89 16.95 3.10
C GLU C 250 3.97 15.89 3.18
N ALA C 251 4.66 15.83 4.31
CA ALA C 251 5.75 14.88 4.43
C ALA C 251 6.18 14.78 5.88
N ASN C 252 6.39 13.54 6.32
CA ASN C 252 7.14 13.29 7.52
C ASN C 252 8.62 13.23 7.21
N GLY C 253 8.97 13.17 5.93
CA GLY C 253 10.35 12.95 5.54
C GLY C 253 10.51 12.65 4.08
N ASN C 254 11.77 12.51 3.69
CA ASN C 254 12.18 12.06 2.37
C ASN C 254 11.63 12.92 1.26
N LEU C 255 11.20 14.13 1.55
CA LEU C 255 10.73 15.00 0.49
C LEU C 255 11.88 15.80 -0.08
N ILE C 256 12.11 15.65 -1.37
CA ILE C 256 12.97 16.54 -2.13
C ILE C 256 12.04 17.63 -2.66
N ALA C 257 11.86 18.66 -1.85
CA ALA C 257 10.78 19.59 -2.06
C ALA C 257 11.02 20.46 -3.28
N PRO C 258 9.98 21.07 -3.79
CA PRO C 258 10.11 21.95 -4.96
C PRO C 258 10.60 23.32 -4.53
N ARG C 259 11.54 23.86 -5.30
CA ARG C 259 11.93 25.25 -5.16
C ARG C 259 11.25 26.10 -6.21
N TYR C 260 11.48 25.74 -7.47
CA TYR C 260 10.88 26.40 -8.60
C TYR C 260 9.83 25.52 -9.23
N ALA C 261 9.07 26.11 -10.13
CA ALA C 261 8.05 25.40 -10.86
C ALA C 261 7.64 26.26 -12.04
N PHE C 262 7.25 25.61 -13.11
CA PHE C 262 7.04 26.27 -14.39
C PHE C 262 5.56 26.53 -14.60
N ALA C 263 5.18 27.79 -14.54
CA ALA C 263 3.88 28.23 -15.04
C ALA C 263 4.03 28.43 -16.54
N LEU C 264 3.59 27.45 -17.30
CA LEU C 264 4.06 27.26 -18.66
C LEU C 264 2.93 27.41 -19.67
N SER C 265 3.22 28.18 -20.73
CA SER C 265 2.30 28.43 -21.84
C SER C 265 2.32 27.22 -22.76
N ARG C 266 1.22 26.46 -22.76
CA ARG C 266 1.24 25.14 -23.38
C ARG C 266 1.60 25.22 -24.87
N GLY C 267 1.15 26.26 -25.54
CA GLY C 267 1.62 26.50 -26.88
C GLY C 267 1.48 25.34 -27.85
N PHE C 268 2.10 25.54 -29.01
CA PHE C 268 2.14 24.58 -30.08
C PHE C 268 3.37 24.89 -30.93
N GLY C 269 3.62 24.03 -31.91
CA GLY C 269 4.76 24.25 -32.78
C GLY C 269 6.07 24.10 -32.05
N SER C 270 6.22 22.97 -31.37
CA SER C 270 7.39 22.71 -30.54
C SER C 270 7.64 21.21 -30.51
N GLY C 271 8.68 20.82 -29.78
CA GLY C 271 9.02 19.42 -29.70
C GLY C 271 10.48 19.23 -29.38
N ILE C 272 10.79 18.02 -28.93
CA ILE C 272 12.14 17.67 -28.49
C ILE C 272 12.84 17.01 -29.68
N ILE C 273 13.52 17.81 -30.50
CA ILE C 273 14.39 17.26 -31.50
C ILE C 273 15.57 16.61 -30.81
N ASN C 274 16.09 15.56 -31.42
CA ASN C 274 17.31 14.91 -30.95
C ASN C 274 18.26 14.79 -32.12
N SER C 275 19.45 15.36 -31.97
CA SER C 275 20.46 15.30 -33.03
C SER C 275 21.72 15.98 -32.54
N ASN C 276 22.84 15.62 -33.17
CA ASN C 276 24.12 16.27 -32.96
C ASN C 276 24.43 17.07 -34.20
N ALA C 277 24.64 18.38 -34.05
CA ALA C 277 24.90 19.23 -35.19
C ALA C 277 25.26 20.62 -34.70
N PRO C 278 25.80 21.46 -35.57
CA PRO C 278 26.12 22.84 -35.17
C PRO C 278 24.87 23.67 -34.95
N MET C 279 25.02 24.70 -34.14
CA MET C 279 23.93 25.58 -33.73
C MET C 279 23.95 26.94 -34.42
N ASP C 280 24.60 27.04 -35.58
CA ASP C 280 24.75 28.35 -36.23
C ASP C 280 23.40 28.93 -36.60
N GLU C 281 23.33 30.26 -36.62
CA GLU C 281 22.09 30.95 -36.93
C GLU C 281 21.80 30.85 -38.41
N CYS C 282 20.57 30.46 -38.73
CA CYS C 282 20.10 30.32 -40.10
C CYS C 282 18.58 30.22 -40.06
N ASP C 283 17.96 30.47 -41.20
CA ASP C 283 16.52 30.73 -41.27
C ASP C 283 15.83 29.78 -42.23
N ALA C 284 14.73 29.19 -41.77
CA ALA C 284 13.81 28.46 -42.64
C ALA C 284 12.58 28.11 -41.81
N LYS C 285 11.44 28.01 -42.49
CA LYS C 285 10.16 27.81 -41.82
C LYS C 285 10.06 26.44 -41.15
N CYS C 286 10.94 25.51 -41.47
CA CYS C 286 10.85 24.15 -40.96
C CYS C 286 12.21 23.65 -40.52
N GLN C 287 12.24 23.01 -39.35
CA GLN C 287 13.44 22.36 -38.86
C GLN C 287 13.23 20.85 -38.80
N THR C 288 14.27 20.11 -39.14
CA THR C 288 14.43 18.70 -38.90
C THR C 288 15.76 18.48 -38.21
N PRO C 289 15.95 17.36 -37.54
CA PRO C 289 17.10 17.22 -36.64
C PRO C 289 18.45 17.41 -37.33
N GLN C 290 18.60 16.94 -38.56
CA GLN C 290 19.85 17.12 -39.30
C GLN C 290 19.91 18.44 -40.05
N GLY C 291 18.83 19.22 -40.09
CA GLY C 291 18.87 20.48 -40.79
C GLY C 291 17.52 21.10 -41.04
N ALA C 292 17.50 22.38 -41.37
CA ALA C 292 16.25 23.01 -41.75
C ALA C 292 15.92 22.71 -43.20
N ILE C 293 14.70 23.06 -43.58
CA ILE C 293 14.20 22.86 -44.93
C ILE C 293 13.67 24.18 -45.46
N ASN C 294 14.17 24.58 -46.62
CA ASN C 294 13.50 25.58 -47.43
C ASN C 294 12.60 24.87 -48.43
N SER C 295 11.49 25.53 -48.78
CA SER C 295 10.42 24.88 -49.55
C SER C 295 10.80 24.79 -51.02
N SER C 296 11.60 23.77 -51.34
CA SER C 296 11.72 23.33 -52.72
C SER C 296 10.64 22.31 -53.05
N LEU C 297 10.34 21.42 -52.11
CA LEU C 297 9.25 20.47 -52.23
C LEU C 297 8.58 20.36 -50.87
N PRO C 298 7.33 19.91 -50.82
CA PRO C 298 6.70 19.60 -49.53
C PRO C 298 7.04 18.21 -49.03
N PHE C 299 8.11 17.62 -49.58
CA PHE C 299 8.51 16.25 -49.27
C PHE C 299 9.77 16.26 -48.41
N GLN C 300 9.75 15.43 -47.36
CA GLN C 300 10.90 15.27 -46.48
C GLN C 300 11.32 13.81 -46.44
N ASN C 301 12.63 13.59 -46.41
CA ASN C 301 13.22 12.28 -46.16
C ASN C 301 14.00 12.23 -44.87
N VAL C 302 14.18 13.37 -44.20
CA VAL C 302 15.01 13.45 -43.02
C VAL C 302 14.28 12.91 -41.80
N HIS C 303 15.05 12.69 -40.73
CA HIS C 303 14.65 12.03 -39.49
C HIS C 303 13.24 12.43 -39.10
N PRO C 304 12.42 11.47 -38.65
CA PRO C 304 11.00 11.78 -38.47
C PRO C 304 10.74 12.98 -37.58
N VAL C 305 11.36 13.02 -36.41
CA VAL C 305 10.97 13.96 -35.38
C VAL C 305 11.20 15.37 -35.91
N THR C 306 10.12 16.06 -36.19
CA THR C 306 10.13 17.27 -37.00
C THR C 306 9.34 18.35 -36.28
N ILE C 307 9.69 19.60 -36.55
CA ILE C 307 9.08 20.74 -35.88
C ILE C 307 8.93 21.88 -36.86
N GLY C 308 7.76 22.51 -36.86
CA GLY C 308 7.51 23.70 -37.63
C GLY C 308 6.59 23.45 -38.81
N GLU C 309 6.46 24.49 -39.64
CA GLU C 309 5.64 24.42 -40.84
C GLU C 309 6.36 23.51 -41.84
N CYS C 310 6.30 22.21 -41.54
CA CYS C 310 7.20 21.26 -42.18
C CYS C 310 6.51 20.45 -43.27
N PRO C 311 7.28 20.03 -44.26
CA PRO C 311 6.76 19.14 -45.30
C PRO C 311 6.41 17.78 -44.71
N LYS C 312 5.96 16.90 -45.59
CA LYS C 312 5.52 15.58 -45.16
C LYS C 312 6.64 14.57 -45.31
N TYR C 313 6.67 13.62 -44.37
CA TYR C 313 7.68 12.59 -44.39
C TYR C 313 7.40 11.57 -45.48
N VAL C 314 8.45 11.15 -46.17
CA VAL C 314 8.41 9.97 -47.02
C VAL C 314 9.74 9.26 -46.87
N ARG C 315 9.82 8.09 -47.49
CA ARG C 315 11.07 7.36 -47.58
C ARG C 315 11.60 7.30 -49.00
N SER C 316 10.79 7.69 -49.97
CA SER C 316 11.18 7.63 -51.37
C SER C 316 12.14 8.76 -51.68
N ALA C 317 13.35 8.42 -52.09
CA ALA C 317 14.34 9.41 -52.45
C ALA C 317 13.85 10.24 -53.63
N GLY C 401 8.54 14.84 -30.18
CA GLY C 401 8.96 13.46 -30.29
C GLY C 401 8.58 12.64 -29.08
N LYS C 402 7.80 11.58 -29.34
CA LYS C 402 7.30 10.74 -28.26
C LYS C 402 8.26 9.61 -27.96
N GLU C 403 8.20 9.14 -26.72
CA GLU C 403 8.88 7.91 -26.35
C GLU C 403 8.05 7.20 -25.30
N PHE C 404 8.41 5.94 -25.05
CA PHE C 404 7.70 5.10 -24.12
C PHE C 404 8.71 4.17 -23.46
N ASN C 405 8.34 3.61 -22.32
CA ASN C 405 9.20 2.65 -21.66
C ASN C 405 8.87 1.23 -22.12
N LYS C 406 9.46 0.25 -21.43
CA LYS C 406 9.38 -1.13 -21.89
C LYS C 406 7.99 -1.71 -21.72
N LEU C 407 7.28 -1.29 -20.68
CA LEU C 407 5.92 -1.75 -20.44
C LEU C 407 4.90 -0.97 -21.24
N GLU C 408 5.33 -0.41 -22.36
CA GLU C 408 4.45 0.30 -23.27
C GLU C 408 4.80 -0.04 -24.69
N ARG C 409 5.31 -1.25 -24.91
CA ARG C 409 5.64 -1.69 -26.26
C ARG C 409 4.42 -1.63 -27.15
N ARG C 410 3.28 -2.10 -26.65
CA ARG C 410 2.04 -1.97 -27.39
C ARG C 410 1.88 -0.55 -27.91
N MET C 411 2.13 0.42 -27.03
CA MET C 411 1.90 1.87 -27.33
C MET C 411 2.90 2.34 -28.43
N GLU C 412 4.14 1.84 -28.36
CA GLU C 412 5.15 2.18 -29.35
C GLU C 412 4.83 1.58 -30.70
N ASN C 413 4.50 0.29 -30.72
CA ASN C 413 4.09 -0.32 -31.97
C ASN C 413 2.83 0.34 -32.50
N LEU C 414 2.00 0.89 -31.61
CA LEU C 414 0.95 1.77 -32.10
C LEU C 414 1.58 2.94 -32.83
N ASN C 415 2.35 3.75 -32.10
CA ASN C 415 2.92 4.94 -32.69
C ASN C 415 3.67 4.62 -33.96
N LYS C 416 4.60 3.66 -33.89
CA LYS C 416 5.33 3.26 -35.09
C LYS C 416 4.36 2.91 -36.19
N LYS C 417 3.43 2.01 -35.90
CA LYS C 417 2.44 1.66 -36.92
C LYS C 417 1.71 2.91 -37.37
N VAL C 418 1.26 3.72 -36.41
CA VAL C 418 0.59 4.95 -36.77
C VAL C 418 1.46 5.69 -37.78
N ASP C 419 2.72 5.88 -37.43
CA ASP C 419 3.62 6.57 -38.33
C ASP C 419 3.73 5.82 -39.64
N ASP C 420 4.08 4.54 -39.58
CA ASP C 420 4.52 3.85 -40.79
C ASP C 420 3.47 3.93 -41.88
N GLY C 421 2.22 3.66 -41.52
CA GLY C 421 1.18 3.67 -42.53
C GLY C 421 1.07 5.02 -43.20
N PHE C 422 1.02 6.08 -42.39
CA PHE C 422 0.96 7.40 -42.99
C PHE C 422 2.13 7.58 -43.93
N ILE C 423 3.31 7.11 -43.52
CA ILE C 423 4.52 7.29 -44.29
C ILE C 423 4.43 6.60 -45.64
N ASP C 424 3.69 5.49 -45.71
CA ASP C 424 3.40 4.91 -47.01
C ASP C 424 2.39 5.76 -47.77
N ILE C 425 1.32 6.14 -47.08
CA ILE C 425 0.24 6.89 -47.72
C ILE C 425 0.76 8.17 -48.34
N TRP C 426 1.82 8.73 -47.77
CA TRP C 426 2.33 10.02 -48.22
C TRP C 426 3.10 9.92 -49.52
N THR C 427 3.44 8.73 -50.00
CA THR C 427 4.30 8.58 -51.15
C THR C 427 3.59 8.02 -52.38
N TYR C 428 2.29 8.20 -52.50
CA TYR C 428 1.61 7.86 -53.74
C TYR C 428 1.73 9.02 -54.72
N GLN D 3 -15.23 -32.41 14.53
CA GLN D 3 -14.74 -33.70 15.07
C GLN D 3 -13.98 -34.50 14.04
N LEU D 4 -13.31 -35.56 14.51
CA LEU D 4 -12.53 -36.43 13.67
C LEU D 4 -12.86 -37.87 14.04
N GLN D 5 -12.95 -38.74 13.04
CA GLN D 5 -13.22 -40.15 13.26
C GLN D 5 -12.09 -40.96 12.65
N GLN D 6 -11.83 -42.14 13.21
CA GLN D 6 -10.61 -42.85 12.90
C GLN D 6 -10.88 -44.34 12.71
N SER D 7 -9.93 -44.98 12.04
CA SER D 7 -9.96 -46.43 11.87
C SER D 7 -9.84 -47.12 13.22
N GLY D 8 -9.98 -48.44 13.19
CA GLY D 8 -10.01 -49.23 14.40
C GLY D 8 -8.66 -49.80 14.79
N PRO D 9 -8.61 -50.40 15.97
CA PRO D 9 -7.36 -51.01 16.42
C PRO D 9 -6.91 -52.11 15.49
N GLU D 10 -5.59 -52.32 15.43
CA GLU D 10 -5.01 -53.26 14.50
C GLU D 10 -3.86 -54.02 15.15
N LEU D 11 -3.71 -55.29 14.78
CA LEU D 11 -2.63 -56.14 15.25
C LEU D 11 -1.92 -56.71 14.03
N VAL D 12 -0.58 -56.69 14.04
CA VAL D 12 0.19 -57.14 12.88
C VAL D 12 1.55 -57.67 13.34
N LYS D 13 2.20 -58.40 12.44
CA LYS D 13 3.58 -58.83 12.64
C LYS D 13 4.53 -57.77 12.09
N PRO D 14 5.81 -57.85 12.44
CA PRO D 14 6.79 -56.89 11.91
C PRO D 14 6.89 -56.95 10.40
N GLY D 15 7.29 -55.83 9.80
CA GLY D 15 7.49 -55.73 8.37
C GLY D 15 6.23 -55.54 7.57
N ALA D 16 5.08 -55.90 8.11
CA ALA D 16 3.81 -55.79 7.39
C ALA D 16 3.33 -54.34 7.43
N SER D 17 3.41 -53.67 6.29
CA SER D 17 2.98 -52.28 6.20
C SER D 17 1.48 -52.18 6.46
N VAL D 18 1.04 -51.04 6.98
CA VAL D 18 -0.36 -50.89 7.37
C VAL D 18 -0.79 -49.44 7.30
N LYS D 19 -2.07 -49.23 7.04
CA LYS D 19 -2.63 -47.90 6.79
C LYS D 19 -3.66 -47.54 7.85
N ILE D 20 -3.53 -46.34 8.40
CA ILE D 20 -4.51 -45.72 9.28
C ILE D 20 -5.23 -44.64 8.50
N SER D 21 -6.46 -44.34 8.92
CA SER D 21 -7.26 -43.30 8.30
C SER D 21 -7.93 -42.44 9.37
N CYS D 22 -8.24 -41.21 9.00
CA CYS D 22 -9.14 -40.41 9.81
C CYS D 22 -9.86 -39.41 8.91
N LYS D 23 -11.13 -39.22 9.19
CA LYS D 23 -12.01 -38.43 8.34
C LYS D 23 -12.70 -37.37 9.18
N ALA D 24 -12.99 -36.24 8.54
CA ALA D 24 -13.50 -35.08 9.24
C ALA D 24 -15.01 -35.02 9.17
N SER D 25 -15.58 -34.19 10.03
CA SER D 25 -16.96 -33.76 9.90
C SER D 25 -17.15 -32.52 10.75
N GLY D 26 -18.07 -31.66 10.32
CA GLY D 26 -18.32 -30.43 11.03
C GLY D 26 -17.44 -29.28 10.61
N TYR D 27 -16.70 -29.42 9.53
CA TYR D 27 -15.92 -28.31 8.99
C TYR D 27 -15.49 -28.66 7.58
N SER D 28 -15.08 -27.63 6.84
CA SER D 28 -14.55 -27.82 5.50
C SER D 28 -13.20 -28.49 5.58
N PHE D 29 -13.12 -29.71 5.07
CA PHE D 29 -11.89 -30.50 5.20
C PHE D 29 -10.71 -29.82 4.54
N THR D 30 -10.92 -29.27 3.37
CA THR D 30 -9.81 -28.80 2.55
C THR D 30 -9.11 -27.60 3.15
N ASP D 31 -9.74 -26.90 4.08
CA ASP D 31 -9.24 -25.62 4.54
C ASP D 31 -8.12 -25.75 5.56
N TYR D 32 -8.15 -26.77 6.42
CA TYR D 32 -7.28 -26.83 7.59
C TYR D 32 -6.29 -27.97 7.43
N ASN D 33 -5.07 -27.76 7.90
CA ASN D 33 -3.98 -28.68 7.62
C ASN D 33 -4.02 -29.88 8.56
N MET D 34 -3.51 -31.02 8.10
CA MET D 34 -3.60 -32.28 8.81
C MET D 34 -2.24 -32.63 9.39
N ASN D 35 -2.20 -32.84 10.70
CA ASN D 35 -1.05 -33.39 11.39
C ASN D 35 -1.25 -34.88 11.63
N TRP D 36 -0.14 -35.56 11.88
CA TRP D 36 -0.18 -36.89 12.43
C TRP D 36 0.85 -36.98 13.55
N VAL D 37 0.51 -37.70 14.60
CA VAL D 37 1.27 -37.67 15.84
C VAL D 37 1.23 -39.02 16.54
N LYS D 38 2.39 -39.63 16.71
CA LYS D 38 2.47 -40.86 17.48
C LYS D 38 2.37 -40.57 18.97
N GLN D 39 1.96 -41.59 19.72
CA GLN D 39 2.00 -41.57 21.18
C GLN D 39 2.13 -43.03 21.62
N SER D 40 3.31 -43.41 22.08
CA SER D 40 3.44 -44.71 22.71
C SER D 40 2.77 -44.66 24.08
N ASP D 41 2.53 -45.85 24.64
CA ASP D 41 1.70 -45.95 25.84
C ASP D 41 2.33 -45.19 27.00
N GLY D 42 1.71 -44.09 27.40
CA GLY D 42 2.20 -43.32 28.52
C GLY D 42 3.51 -42.60 28.26
N LYS D 43 3.97 -42.57 27.02
CA LYS D 43 5.25 -42.01 26.67
C LYS D 43 5.07 -40.63 26.05
N SER D 44 6.17 -40.08 25.55
CA SER D 44 6.09 -38.86 24.77
C SER D 44 5.21 -39.08 23.55
N LEU D 45 4.72 -37.98 22.99
CA LEU D 45 3.94 -38.03 21.76
C LEU D 45 4.49 -36.96 20.83
N GLU D 46 4.69 -37.34 19.57
CA GLU D 46 5.62 -36.64 18.71
C GLU D 46 5.08 -36.48 17.31
N TRP D 47 5.58 -35.47 16.61
CA TRP D 47 4.95 -35.00 15.37
C TRP D 47 5.48 -35.77 14.18
N ILE D 48 4.61 -36.58 13.58
CA ILE D 48 4.98 -37.35 12.40
C ILE D 48 5.26 -36.41 11.24
N GLY D 49 4.35 -35.50 10.99
CA GLY D 49 4.37 -34.72 9.78
C GLY D 49 2.99 -34.26 9.41
N ILE D 50 2.94 -33.37 8.43
CA ILE D 50 1.68 -32.82 7.96
C ILE D 50 1.48 -33.15 6.51
N ILE D 51 0.21 -33.20 6.16
CA ILE D 51 -0.27 -33.10 4.79
C ILE D 51 -1.12 -31.85 4.71
N ASN D 52 -0.80 -31.01 3.73
CA ASN D 52 -1.63 -29.88 3.41
C ASN D 52 -2.68 -30.37 2.42
N PRO D 53 -3.92 -30.55 2.87
CA PRO D 53 -4.90 -31.21 1.99
C PRO D 53 -5.05 -30.53 0.65
N ASN D 54 -4.95 -29.21 0.62
CA ASN D 54 -5.26 -28.48 -0.60
C ASN D 54 -4.19 -28.68 -1.66
N TYR D 55 -2.93 -28.60 -1.26
CA TYR D 55 -1.82 -28.58 -2.22
C TYR D 55 -0.94 -29.81 -2.16
N GLY D 56 -1.22 -30.74 -1.26
CA GLY D 56 -0.46 -31.97 -1.22
C GLY D 56 0.99 -31.74 -0.88
N ILE D 57 1.26 -30.63 -0.21
CA ILE D 57 2.62 -30.33 0.24
C ILE D 57 2.85 -31.05 1.56
N ILE D 58 3.46 -32.21 1.50
CA ILE D 58 3.79 -32.96 2.69
C ILE D 58 5.03 -32.38 3.33
N SER D 59 5.16 -32.57 4.63
CA SER D 59 6.46 -32.44 5.25
C SER D 59 6.50 -33.37 6.45
N TYR D 60 7.69 -33.90 6.72
CA TYR D 60 7.87 -34.93 7.72
C TYR D 60 8.88 -34.49 8.76
N ASN D 61 8.79 -35.12 9.93
CA ASN D 61 9.89 -35.12 10.87
C ASN D 61 10.91 -36.15 10.42
N GLN D 62 12.18 -35.74 10.39
CA GLN D 62 13.20 -36.62 9.84
C GLN D 62 13.35 -37.91 10.64
N LYS D 63 12.82 -37.95 11.86
CA LYS D 63 12.78 -39.22 12.58
C LYS D 63 11.92 -40.23 11.84
N PHE D 64 10.82 -39.78 11.26
CA PHE D 64 9.84 -40.66 10.64
C PHE D 64 9.92 -40.68 9.13
N LYS D 65 10.64 -39.74 8.52
CA LYS D 65 10.72 -39.63 7.07
C LYS D 65 10.94 -40.99 6.43
N GLY D 66 10.07 -41.34 5.48
CA GLY D 66 10.16 -42.60 4.79
C GLY D 66 9.43 -43.71 5.52
N LYS D 67 9.67 -43.83 6.83
CA LYS D 67 8.96 -44.85 7.60
C LYS D 67 7.47 -44.59 7.64
N ALA D 68 7.07 -43.33 7.42
CA ALA D 68 5.68 -42.94 7.32
C ALA D 68 5.44 -42.21 6.01
N THR D 69 4.24 -42.38 5.46
CA THR D 69 3.84 -41.65 4.27
C THR D 69 2.42 -41.16 4.44
N LEU D 70 2.16 -39.91 4.12
CA LEU D 70 0.89 -39.27 4.38
C LEU D 70 0.22 -38.88 3.07
N THR D 71 -1.11 -39.00 3.03
CA THR D 71 -1.87 -38.57 1.87
C THR D 71 -3.28 -38.26 2.29
N VAL D 72 -4.09 -37.79 1.33
CA VAL D 72 -5.45 -37.38 1.59
C VAL D 72 -6.33 -37.66 0.39
N ASP D 73 -7.64 -37.68 0.64
CA ASP D 73 -8.66 -37.68 -0.40
C ASP D 73 -9.65 -36.57 -0.06
N GLN D 74 -9.80 -35.62 -0.99
CA GLN D 74 -10.73 -34.51 -0.79
C GLN D 74 -12.16 -35.02 -0.69
N SER D 75 -12.59 -35.81 -1.67
CA SER D 75 -13.98 -36.21 -1.76
C SER D 75 -14.42 -36.95 -0.50
N SER D 76 -13.58 -37.83 -0.01
CA SER D 76 -13.87 -38.56 1.22
C SER D 76 -13.65 -37.71 2.46
N SER D 77 -13.12 -36.50 2.32
CA SER D 77 -12.78 -35.67 3.47
C SER D 77 -11.89 -36.44 4.43
N THR D 78 -10.93 -37.18 3.88
CA THR D 78 -10.21 -38.18 4.65
C THR D 78 -8.71 -38.00 4.49
N ALA D 79 -7.97 -38.35 5.52
CA ALA D 79 -6.52 -38.42 5.49
C ALA D 79 -6.07 -39.84 5.83
N TYR D 80 -4.92 -40.22 5.27
CA TYR D 80 -4.40 -41.57 5.40
C TYR D 80 -2.92 -41.52 5.75
N MET D 81 -2.50 -42.42 6.63
CA MET D 81 -1.13 -42.52 7.10
C MET D 81 -0.66 -43.95 6.94
N GLN D 82 0.42 -44.14 6.20
CA GLN D 82 0.98 -45.45 5.91
C GLN D 82 2.25 -45.66 6.72
N LEU D 83 2.30 -46.78 7.43
CA LEU D 83 3.51 -47.25 8.09
C LEU D 83 4.15 -48.33 7.25
N ASN D 84 5.43 -48.14 6.95
CA ASN D 84 6.25 -49.08 6.21
C ASN D 84 7.31 -49.63 7.14
N SER D 85 7.68 -50.89 6.94
CA SER D 85 8.75 -51.54 7.71
C SER D 85 8.51 -51.37 9.21
N LEU D 86 7.39 -51.94 9.66
CA LEU D 86 7.01 -51.84 11.06
C LEU D 86 7.96 -52.62 11.95
N THR D 87 8.13 -52.15 13.17
CA THR D 87 8.85 -52.88 14.21
C THR D 87 8.11 -52.69 15.52
N SER D 88 8.61 -53.35 16.56
CA SER D 88 7.84 -53.49 17.80
C SER D 88 7.49 -52.14 18.40
N GLU D 89 8.43 -51.19 18.38
CA GLU D 89 8.20 -49.91 19.05
C GLU D 89 7.16 -49.06 18.34
N ASP D 90 6.64 -49.50 17.19
CA ASP D 90 5.53 -48.81 16.56
C ASP D 90 4.18 -49.20 17.15
N SER D 91 4.17 -50.06 18.17
CA SER D 91 2.93 -50.49 18.84
C SER D 91 2.46 -49.34 19.74
N ALA D 92 1.61 -48.50 19.20
CA ALA D 92 1.26 -47.27 19.88
C ALA D 92 -0.07 -46.73 19.35
N VAL D 93 -0.47 -45.57 19.89
CA VAL D 93 -1.67 -44.87 19.49
C VAL D 93 -1.26 -43.77 18.53
N TYR D 94 -1.79 -43.80 17.32
CA TYR D 94 -1.53 -42.78 16.33
C TYR D 94 -2.75 -41.87 16.29
N TYR D 95 -2.52 -40.58 16.49
CA TYR D 95 -3.52 -39.55 16.30
C TYR D 95 -3.32 -38.85 14.98
N CYS D 96 -4.41 -38.31 14.46
CA CYS D 96 -4.35 -37.29 13.45
C CYS D 96 -5.03 -36.06 14.03
N ALA D 97 -4.62 -34.90 13.56
CA ALA D 97 -5.08 -33.66 14.14
C ALA D 97 -5.14 -32.58 13.08
N ARG D 98 -5.50 -31.39 13.52
CA ARG D 98 -5.82 -30.32 12.61
C ARG D 98 -5.24 -29.01 13.13
N TRP D 99 -4.59 -28.27 12.25
CA TRP D 99 -4.12 -26.93 12.57
C TRP D 99 -5.26 -25.94 12.38
N GLY D 100 -5.86 -25.54 13.48
CA GLY D 100 -6.88 -24.50 13.40
C GLY D 100 -6.31 -23.21 12.86
N ASN D 101 -7.17 -22.44 12.21
CA ASN D 101 -6.76 -21.20 11.57
C ASN D 101 -7.05 -20.01 12.47
N SER D 102 -6.04 -19.17 12.65
CA SER D 102 -6.20 -17.94 13.41
C SER D 102 -5.09 -16.97 13.02
N PRO D 103 -5.36 -15.66 13.04
CA PRO D 103 -4.29 -14.70 12.77
C PRO D 103 -3.29 -14.60 13.91
N TYR D 104 -2.01 -14.56 13.55
CA TYR D 104 -0.91 -14.25 14.44
C TYR D 104 -0.59 -15.41 15.39
N TYR D 105 -1.43 -16.42 15.43
CA TYR D 105 -1.14 -17.61 16.21
C TYR D 105 -1.44 -18.83 15.35
N TYR D 106 -0.55 -19.81 15.37
CA TYR D 106 -0.74 -20.94 14.47
C TYR D 106 0.25 -22.02 14.84
N TYR D 107 0.09 -23.20 14.25
CA TYR D 107 0.79 -24.41 14.64
C TYR D 107 0.30 -25.02 15.94
N TYR D 108 -0.96 -24.74 16.30
CA TYR D 108 -1.68 -25.45 17.34
C TYR D 108 -2.58 -26.52 16.74
N MET D 109 -3.00 -27.44 17.59
CA MET D 109 -3.77 -28.61 17.15
C MET D 109 -5.05 -28.65 17.97
N ASP D 110 -6.09 -28.00 17.47
CA ASP D 110 -7.25 -27.70 18.28
C ASP D 110 -8.25 -28.85 18.38
N VAL D 111 -8.14 -29.86 17.53
CA VAL D 111 -9.00 -31.03 17.61
C VAL D 111 -8.24 -32.28 17.21
N TRP D 112 -8.63 -33.40 17.80
CA TRP D 112 -7.90 -34.65 17.70
C TRP D 112 -8.86 -35.79 17.41
N GLY D 113 -8.44 -36.71 16.56
CA GLY D 113 -9.10 -37.99 16.49
C GLY D 113 -8.88 -38.80 17.76
N LYS D 114 -9.68 -39.85 17.91
CA LYS D 114 -9.63 -40.63 19.15
C LYS D 114 -8.43 -41.55 19.21
N GLY D 115 -7.60 -41.57 18.17
CA GLY D 115 -6.38 -42.36 18.22
C GLY D 115 -6.60 -43.83 17.93
N THR D 116 -5.67 -44.42 17.17
CA THR D 116 -5.78 -45.82 16.78
C THR D 116 -4.60 -46.57 17.35
N THR D 117 -4.88 -47.65 18.10
CA THR D 117 -3.85 -48.54 18.60
C THR D 117 -3.45 -49.49 17.49
N VAL D 118 -2.36 -49.16 16.82
CA VAL D 118 -1.74 -50.09 15.90
C VAL D 118 -0.62 -50.82 16.64
N THR D 119 -0.66 -52.15 16.60
CA THR D 119 0.09 -52.98 17.53
C THR D 119 0.90 -54.01 16.76
N VAL D 120 2.13 -54.25 17.22
CA VAL D 120 3.04 -55.22 16.63
C VAL D 120 3.28 -56.32 17.66
N SER D 121 3.13 -57.56 17.24
CA SER D 121 3.30 -58.70 18.13
C SER D 121 3.74 -59.94 17.36
N GLN E 3 -15.67 26.17 23.72
CA GLN E 3 -16.84 26.27 24.64
C GLN E 3 -18.15 26.13 23.89
N LEU E 4 -19.23 25.97 24.65
CA LEU E 4 -20.57 25.82 24.12
C LEU E 4 -21.51 26.72 24.91
N GLN E 5 -22.44 27.36 24.23
CA GLN E 5 -23.42 28.22 24.87
C GLN E 5 -24.81 27.68 24.53
N GLN E 6 -25.77 27.92 25.42
CA GLN E 6 -27.05 27.24 25.35
C GLN E 6 -28.20 28.19 25.61
N SER E 7 -29.38 27.77 25.16
CA SER E 7 -30.60 28.50 25.45
C SER E 7 -30.89 28.51 26.95
N GLY E 8 -31.92 29.25 27.32
CA GLY E 8 -32.24 29.45 28.70
C GLY E 8 -33.27 28.50 29.24
N PRO E 9 -33.48 28.54 30.56
CA PRO E 9 -34.48 27.67 31.18
C PRO E 9 -35.87 27.92 30.62
N GLU E 10 -36.70 26.89 30.63
CA GLU E 10 -38.02 26.96 30.01
C GLU E 10 -39.03 26.20 30.87
N LEU E 11 -40.25 26.72 30.90
CA LEU E 11 -41.37 26.11 31.61
C LEU E 11 -42.52 25.93 30.61
N VAL E 12 -43.15 24.76 30.62
CA VAL E 12 -44.20 24.46 29.65
C VAL E 12 -45.19 23.45 30.25
N LYS E 13 -46.35 23.36 29.62
CA LYS E 13 -47.33 22.33 29.92
C LYS E 13 -47.06 21.09 29.08
N PRO E 14 -47.66 19.95 29.43
CA PRO E 14 -47.47 18.73 28.64
C PRO E 14 -47.98 18.90 27.21
N GLY E 15 -47.41 18.11 26.31
CA GLY E 15 -47.80 18.11 24.91
C GLY E 15 -47.23 19.24 24.09
N ALA E 16 -46.82 20.33 24.72
CA ALA E 16 -46.30 21.49 23.99
C ALA E 16 -44.85 21.24 23.60
N SER E 17 -44.64 21.02 22.31
CA SER E 17 -43.29 20.78 21.80
C SER E 17 -42.41 21.99 22.01
N VAL E 18 -41.11 21.77 22.17
CA VAL E 18 -40.20 22.87 22.50
C VAL E 18 -38.80 22.57 21.98
N LYS E 19 -38.06 23.64 21.68
CA LYS E 19 -36.75 23.53 21.04
C LYS E 19 -35.67 24.11 21.94
N ILE E 20 -34.59 23.35 22.11
CA ILE E 20 -33.37 23.79 22.76
C ILE E 20 -32.32 24.04 21.68
N SER E 21 -31.36 24.90 21.99
CA SER E 21 -30.27 25.22 21.09
C SER E 21 -28.95 25.24 21.85
N CYS E 22 -27.87 25.00 21.13
CA CYS E 22 -26.55 25.29 21.64
C CYS E 22 -25.61 25.58 20.49
N LYS E 23 -24.75 26.57 20.69
CA LYS E 23 -23.88 27.09 19.66
C LYS E 23 -22.44 27.08 20.13
N ALA E 24 -21.53 26.89 19.17
CA ALA E 24 -20.14 26.70 19.48
C ALA E 24 -19.36 28.01 19.41
N SER E 25 -18.16 27.98 19.97
CA SER E 25 -17.17 29.00 19.72
C SER E 25 -15.82 28.47 20.16
N GLY E 26 -14.78 28.94 19.49
CA GLY E 26 -13.44 28.48 19.80
C GLY E 26 -13.02 27.25 19.05
N TYR E 27 -13.79 26.82 18.04
CA TYR E 27 -13.40 25.70 17.20
C TYR E 27 -14.27 25.71 15.96
N SER E 28 -13.81 24.97 14.95
CA SER E 28 -14.57 24.81 13.73
C SER E 28 -15.78 23.92 14.00
N PHE E 29 -16.97 24.50 13.89
CA PHE E 29 -18.18 23.77 14.26
C PHE E 29 -18.37 22.52 13.42
N THR E 30 -18.12 22.63 12.12
CA THR E 30 -18.49 21.56 11.20
C THR E 30 -17.67 20.30 11.41
N ASP E 31 -16.54 20.39 12.09
CA ASP E 31 -15.60 19.28 12.13
C ASP E 31 -15.99 18.22 13.15
N TYR E 32 -16.59 18.59 14.28
CA TYR E 32 -16.75 17.68 15.40
C TYR E 32 -18.23 17.37 15.60
N ASN E 33 -18.52 16.14 15.98
CA ASN E 33 -19.90 15.65 15.99
C ASN E 33 -20.62 16.10 17.25
N MET E 34 -21.95 16.27 17.15
CA MET E 34 -22.75 16.82 18.22
C MET E 34 -23.56 15.71 18.88
N ASN E 35 -23.41 15.58 20.20
CA ASN E 35 -24.25 14.73 21.01
C ASN E 35 -25.32 15.56 21.69
N TRP E 36 -26.36 14.87 22.13
CA TRP E 36 -27.31 15.43 23.07
C TRP E 36 -27.59 14.42 24.15
N VAL E 37 -27.74 14.89 25.38
CA VAL E 37 -27.75 14.02 26.55
C VAL E 37 -28.68 14.58 27.62
N LYS E 38 -29.71 13.83 27.97
CA LYS E 38 -30.56 14.22 29.08
C LYS E 38 -29.88 13.95 30.41
N GLN E 39 -30.33 14.67 31.43
CA GLN E 39 -29.95 14.40 32.82
C GLN E 39 -31.10 14.91 33.68
N SER E 40 -31.88 13.99 34.24
CA SER E 40 -32.85 14.38 35.23
C SER E 40 -32.13 14.73 36.52
N ASP E 41 -32.84 15.42 37.42
CA ASP E 41 -32.21 16.00 38.59
C ASP E 41 -31.58 14.93 39.46
N GLY E 42 -30.25 14.89 39.51
CA GLY E 42 -29.56 13.93 40.34
C GLY E 42 -29.66 12.50 39.87
N LYS E 43 -30.20 12.28 38.69
CA LYS E 43 -30.45 10.95 38.19
C LYS E 43 -29.37 10.56 37.17
N SER E 44 -29.58 9.41 36.53
CA SER E 44 -28.74 9.03 35.40
C SER E 44 -28.82 10.08 34.32
N LEU E 45 -27.82 10.10 33.45
CA LEU E 45 -27.80 10.97 32.30
C LEU E 45 -27.43 10.15 31.08
N GLU E 46 -28.16 10.33 30.00
CA GLU E 46 -28.26 9.32 28.95
C GLU E 46 -28.24 9.93 27.57
N TRP E 47 -27.82 9.13 26.60
CA TRP E 47 -27.46 9.64 25.28
C TRP E 47 -28.67 9.72 24.38
N ILE E 48 -29.08 10.95 24.06
CA ILE E 48 -30.21 11.15 23.17
C ILE E 48 -29.88 10.65 21.78
N GLY E 49 -28.74 11.06 21.26
CA GLY E 49 -28.42 10.85 19.87
C GLY E 49 -27.47 11.91 19.39
N ILE E 50 -26.96 11.68 18.18
CA ILE E 50 -26.02 12.59 17.58
C ILE E 50 -26.57 13.13 16.28
N ILE E 51 -26.08 14.32 15.96
CA ILE E 51 -26.14 14.90 14.65
C ILE E 51 -24.70 15.07 14.18
N ASN E 52 -24.41 14.55 13.00
CA ASN E 52 -23.15 14.80 12.35
C ASN E 52 -23.31 16.08 11.56
N PRO E 53 -22.74 17.19 12.03
CA PRO E 53 -23.04 18.48 11.40
C PRO E 53 -22.75 18.49 9.91
N ASN E 54 -21.70 17.81 9.49
CA ASN E 54 -21.28 17.91 8.10
C ASN E 54 -22.24 17.23 7.16
N TYR E 55 -22.70 16.03 7.50
CA TYR E 55 -23.47 15.20 6.59
C TYR E 55 -24.91 15.01 7.01
N GLY E 56 -25.31 15.53 8.16
CA GLY E 56 -26.69 15.45 8.56
C GLY E 56 -27.12 14.02 8.82
N ILE E 57 -26.15 13.15 9.11
CA ILE E 57 -26.44 11.78 9.46
C ILE E 57 -26.80 11.71 10.93
N ILE E 58 -28.08 11.72 11.22
CA ILE E 58 -28.56 11.61 12.58
C ILE E 58 -28.50 10.15 13.01
N SER E 59 -28.38 9.94 14.31
CA SER E 59 -28.74 8.65 14.87
C SER E 59 -29.23 8.87 16.29
N TYR E 60 -30.17 8.04 16.70
CA TYR E 60 -30.85 8.21 17.97
C TYR E 60 -30.70 6.97 18.83
N ASN E 61 -30.87 7.16 20.12
CA ASN E 61 -31.15 6.06 21.02
C ASN E 61 -32.63 5.71 20.90
N GLN E 62 -32.93 4.43 20.76
CA GLN E 62 -34.29 4.02 20.50
C GLN E 62 -35.23 4.37 21.66
N LYS E 63 -34.68 4.67 22.83
CA LYS E 63 -35.53 5.20 23.90
C LYS E 63 -36.14 6.52 23.51
N PHE E 64 -35.38 7.37 22.81
CA PHE E 64 -35.80 8.71 22.49
C PHE E 64 -36.25 8.89 21.05
N LYS E 65 -35.99 7.91 20.19
CA LYS E 65 -36.32 8.00 18.78
C LYS E 65 -37.73 8.54 18.57
N GLY E 66 -37.84 9.59 17.78
CA GLY E 66 -39.12 10.21 17.51
C GLY E 66 -39.49 11.26 18.54
N LYS E 67 -39.37 10.91 19.82
CA LYS E 67 -39.66 11.88 20.87
C LYS E 67 -38.70 13.05 20.83
N ALA E 68 -37.53 12.86 20.24
CA ALA E 68 -36.55 13.91 20.03
C ALA E 68 -36.17 13.97 18.56
N THR E 69 -35.88 15.17 18.09
CA THR E 69 -35.38 15.36 16.73
C THR E 69 -34.24 16.36 16.76
N LEU E 70 -33.16 16.04 16.06
CA LEU E 70 -31.94 16.82 16.12
C LEU E 70 -31.64 17.42 14.75
N THR E 71 -31.09 18.64 14.75
CA THR E 71 -30.67 19.26 13.51
C THR E 71 -29.60 20.30 13.82
N VAL E 72 -29.09 20.92 12.77
CA VAL E 72 -28.01 21.89 12.90
C VAL E 72 -28.12 22.97 11.83
N ASP E 73 -27.44 24.08 12.08
CA ASP E 73 -27.20 25.12 11.10
C ASP E 73 -25.72 25.42 11.08
N GLN E 74 -25.09 25.25 9.91
CA GLN E 74 -23.67 25.52 9.76
C GLN E 74 -23.37 26.99 10.02
N SER E 75 -24.08 27.87 9.32
CA SER E 75 -23.76 29.29 9.36
C SER E 75 -23.82 29.83 10.77
N SER E 76 -24.83 29.43 11.52
CA SER E 76 -24.97 29.84 12.91
C SER E 76 -24.05 29.07 13.84
N SER E 77 -23.34 28.06 13.33
CA SER E 77 -22.51 27.21 14.18
C SER E 77 -23.33 26.64 15.32
N THR E 78 -24.56 26.24 15.02
CA THR E 78 -25.53 25.95 16.06
C THR E 78 -26.17 24.59 15.85
N ALA E 79 -26.54 23.95 16.94
CA ALA E 79 -27.31 22.72 16.93
C ALA E 79 -28.62 22.94 17.67
N TYR E 80 -29.65 22.21 17.26
CA TYR E 80 -31.00 22.34 17.79
C TYR E 80 -31.58 20.98 18.11
N MET E 81 -32.30 20.91 19.22
CA MET E 81 -32.93 19.68 19.70
C MET E 81 -34.39 19.96 19.98
N GLN E 82 -35.28 19.22 19.33
CA GLN E 82 -36.72 19.38 19.45
C GLN E 82 -37.30 18.26 20.29
N LEU E 83 -38.07 18.62 21.31
CA LEU E 83 -38.87 17.69 22.08
C LEU E 83 -40.31 17.75 21.60
N ASN E 84 -40.85 16.59 21.25
CA ASN E 84 -42.23 16.43 20.83
C ASN E 84 -42.96 15.61 21.89
N SER E 85 -44.24 15.91 22.08
CA SER E 85 -45.09 15.17 23.01
C SER E 85 -44.44 15.08 24.39
N LEU E 86 -44.24 16.25 24.99
CA LEU E 86 -43.60 16.31 26.29
C LEU E 86 -44.49 15.72 27.38
N THR E 87 -43.84 15.17 28.39
CA THR E 87 -44.54 14.74 29.61
C THR E 87 -43.67 15.09 30.80
N SER E 88 -44.19 14.80 32.00
CA SER E 88 -43.60 15.35 33.22
C SER E 88 -42.15 14.94 33.38
N GLU E 89 -41.83 13.68 33.07
CA GLU E 89 -40.48 13.19 33.32
C GLU E 89 -39.44 13.81 32.38
N ASP E 90 -39.86 14.64 31.42
CA ASP E 90 -38.91 15.39 30.61
C ASP E 90 -38.43 16.65 31.29
N SER E 91 -38.86 16.91 32.53
CA SER E 91 -38.44 18.08 33.30
C SER E 91 -37.02 17.82 33.81
N ALA E 92 -36.04 18.26 33.03
CA ALA E 92 -34.66 17.88 33.31
C ALA E 92 -33.70 18.88 32.65
N VAL E 93 -32.40 18.61 32.81
CA VAL E 93 -31.34 19.39 32.22
C VAL E 93 -30.89 18.66 30.97
N TYR E 94 -30.97 19.32 29.83
CA TYR E 94 -30.50 18.78 28.57
C TYR E 94 -29.17 19.42 28.25
N TYR E 95 -28.15 18.58 28.05
CA TYR E 95 -26.86 19.02 27.57
C TYR E 95 -26.72 18.71 26.10
N CYS E 96 -25.89 19.49 25.44
CA CYS E 96 -25.32 19.11 24.16
C CYS E 96 -23.82 19.05 24.34
N ALA E 97 -23.18 18.22 23.55
CA ALA E 97 -21.78 17.95 23.72
C ALA E 97 -21.13 17.67 22.38
N ARG E 98 -19.84 17.36 22.44
CA ARG E 98 -19.03 17.28 21.24
C ARG E 98 -18.10 16.09 21.34
N TRP E 99 -18.03 15.30 20.28
CA TRP E 99 -17.06 14.23 20.17
C TRP E 99 -15.73 14.79 19.69
N GLY E 100 -14.81 14.96 20.62
CA GLY E 100 -13.47 15.38 20.24
C GLY E 100 -12.82 14.37 19.32
N ASN E 101 -11.93 14.86 18.46
CA ASN E 101 -11.27 14.02 17.48
C ASN E 101 -9.91 13.58 17.99
N SER E 102 -9.65 12.28 17.90
CA SER E 102 -8.34 11.74 18.24
C SER E 102 -8.18 10.38 17.58
N PRO E 103 -6.97 10.00 17.21
CA PRO E 103 -6.76 8.67 16.65
C PRO E 103 -6.86 7.57 17.71
N TYR E 104 -7.54 6.50 17.34
CA TYR E 104 -7.59 5.25 18.11
C TYR E 104 -8.45 5.36 19.35
N TYR E 105 -8.88 6.57 19.70
CA TYR E 105 -9.80 6.75 20.81
C TYR E 105 -10.90 7.71 20.35
N TYR E 106 -12.14 7.39 20.67
CA TYR E 106 -13.22 8.21 20.15
C TYR E 106 -14.52 7.78 20.85
N TYR E 107 -15.57 8.57 20.64
CA TYR E 107 -16.82 8.46 21.37
C TYR E 107 -16.74 8.98 22.81
N TYR E 108 -15.80 9.89 23.06
CA TYR E 108 -15.76 10.68 24.28
C TYR E 108 -16.37 12.06 24.02
N MET E 109 -16.71 12.74 25.11
CA MET E 109 -17.41 14.01 25.05
C MET E 109 -16.61 15.02 25.85
N ASP E 110 -15.70 15.71 25.17
CA ASP E 110 -14.66 16.46 25.85
C ASP E 110 -15.10 17.85 26.30
N VAL E 111 -16.23 18.35 25.80
CA VAL E 111 -16.75 19.64 26.22
C VAL E 111 -18.27 19.61 26.22
N TRP E 112 -18.85 20.38 27.13
CA TRP E 112 -20.28 20.35 27.41
C TRP E 112 -20.82 21.76 27.48
N GLY E 113 -22.03 21.95 26.96
CA GLY E 113 -22.78 23.13 27.28
C GLY E 113 -23.24 23.12 28.74
N LYS E 114 -23.68 24.28 29.20
CA LYS E 114 -24.02 24.41 30.61
C LYS E 114 -25.36 23.79 30.94
N GLY E 115 -26.07 23.24 29.97
CA GLY E 115 -27.29 22.53 30.25
C GLY E 115 -28.49 23.44 30.42
N THR E 116 -29.62 23.03 29.88
CA THR E 116 -30.85 23.82 29.93
C THR E 116 -31.91 23.06 30.70
N THR E 117 -32.46 23.69 31.73
CA THR E 117 -33.57 23.12 32.49
C THR E 117 -34.85 23.39 31.72
N VAL E 118 -35.28 22.38 30.97
CA VAL E 118 -36.61 22.41 30.38
C VAL E 118 -37.57 21.67 31.31
N THR E 119 -38.66 22.32 31.67
CA THR E 119 -39.46 21.92 32.81
C THR E 119 -40.92 21.80 32.39
N VAL E 120 -41.60 20.79 32.91
CA VAL E 120 -43.00 20.53 32.64
C VAL E 120 -43.76 20.67 33.95
N SER E 121 -44.85 21.44 33.92
CA SER E 121 -45.63 21.69 35.12
C SER E 121 -47.08 21.99 34.76
N GLN F 3 35.67 -2.04 14.68
CA GLN F 3 36.58 -1.21 15.52
C GLN F 3 36.90 0.12 14.85
N LEU F 4 37.49 1.01 15.63
CA LEU F 4 37.88 2.34 15.18
C LEU F 4 39.30 2.62 15.66
N GLN F 5 40.11 3.24 14.81
CA GLN F 5 41.47 3.60 15.16
C GLN F 5 41.62 5.10 15.00
N GLN F 6 42.52 5.70 15.77
CA GLN F 6 42.55 7.15 15.91
C GLN F 6 43.98 7.66 15.88
N SER F 7 44.08 8.95 15.58
CA SER F 7 45.36 9.64 15.64
C SER F 7 45.90 9.66 17.06
N GLY F 8 47.12 10.16 17.19
CA GLY F 8 47.82 10.13 18.45
C GLY F 8 47.66 11.40 19.26
N PRO F 9 48.15 11.37 20.50
CA PRO F 9 48.09 12.56 21.35
C PRO F 9 48.84 13.73 20.75
N GLU F 10 48.38 14.94 21.07
CA GLU F 10 48.91 16.14 20.47
C GLU F 10 49.01 17.24 21.52
N LEU F 11 50.04 18.08 21.39
CA LEU F 11 50.26 19.23 22.24
C LEU F 11 50.42 20.45 21.36
N VAL F 12 49.75 21.56 21.72
CA VAL F 12 49.76 22.76 20.90
C VAL F 12 49.56 23.99 21.77
N LYS F 13 49.90 25.15 21.20
CA LYS F 13 49.59 26.43 21.80
C LYS F 13 48.20 26.91 21.37
N PRO F 14 47.64 27.90 22.05
CA PRO F 14 46.33 28.42 21.66
C PRO F 14 46.35 29.00 20.26
N GLY F 15 45.17 29.00 19.64
CA GLY F 15 44.99 29.55 18.31
C GLY F 15 45.44 28.65 17.18
N ALA F 16 46.31 27.69 17.45
CA ALA F 16 46.83 26.81 16.41
C ALA F 16 45.80 25.73 16.10
N SER F 17 45.17 25.83 14.94
CA SER F 17 44.18 24.85 14.53
C SER F 17 44.82 23.48 14.36
N VAL F 18 44.05 22.43 14.58
CA VAL F 18 44.60 21.08 14.56
C VAL F 18 43.53 20.07 14.15
N LYS F 19 43.97 18.98 13.53
CA LYS F 19 43.08 17.98 12.96
C LYS F 19 43.27 16.63 13.64
N ILE F 20 42.15 16.01 14.03
CA ILE F 20 42.09 14.64 14.51
C ILE F 20 41.50 13.78 13.41
N SER F 21 41.83 12.49 13.43
CA SER F 21 41.32 11.53 12.48
C SER F 21 40.90 10.26 13.19
N CYS F 22 39.97 9.53 12.57
CA CYS F 22 39.71 8.17 12.98
C CYS F 22 39.18 7.38 11.79
N LYS F 23 39.64 6.15 11.69
CA LYS F 23 39.38 5.31 10.54
C LYS F 23 38.78 3.98 10.99
N ALA F 24 37.94 3.42 10.13
CA ALA F 24 37.18 2.25 10.49
C ALA F 24 37.87 0.98 10.02
N SER F 25 37.41 -0.15 10.57
CA SER F 25 37.72 -1.45 10.00
C SER F 25 36.73 -2.45 10.59
N GLY F 26 36.42 -3.48 9.80
CA GLY F 26 35.47 -4.47 10.23
C GLY F 26 34.03 -4.15 9.89
N TYR F 27 33.80 -3.13 9.07
CA TYR F 27 32.46 -2.84 8.60
C TYR F 27 32.55 -1.89 7.42
N SER F 28 31.45 -1.79 6.68
CA SER F 28 31.36 -0.87 5.57
C SER F 28 31.29 0.55 6.10
N PHE F 29 32.32 1.34 5.83
CA PHE F 29 32.41 2.68 6.39
C PHE F 29 31.23 3.55 5.97
N THR F 30 30.86 3.47 4.71
CA THR F 30 29.92 4.43 4.15
C THR F 30 28.52 4.28 4.74
N ASP F 31 28.22 3.14 5.35
CA ASP F 31 26.86 2.83 5.73
C ASP F 31 26.43 3.51 7.01
N TYR F 32 27.32 3.69 7.98
CA TYR F 32 26.95 4.09 9.32
C TYR F 32 27.46 5.50 9.61
N ASN F 33 26.68 6.27 10.36
CA ASN F 33 26.96 7.70 10.52
C ASN F 33 28.02 7.93 11.57
N MET F 34 28.77 9.02 11.43
CA MET F 34 29.91 9.30 12.29
C MET F 34 29.55 10.43 13.25
N ASN F 35 29.73 10.16 14.54
CA ASN F 35 29.64 11.17 15.59
C ASN F 35 31.03 11.62 15.98
N TRP F 36 31.08 12.79 16.61
CA TRP F 36 32.27 13.20 17.33
C TRP F 36 31.84 13.76 18.67
N VAL F 37 32.64 13.48 19.70
CA VAL F 37 32.23 13.72 21.08
C VAL F 37 33.43 14.11 21.93
N LYS F 38 33.39 15.31 22.50
CA LYS F 38 34.43 15.71 23.44
C LYS F 38 34.23 15.03 24.78
N GLN F 39 35.32 14.94 25.54
CA GLN F 39 35.27 14.53 26.94
C GLN F 39 36.49 15.17 27.61
N SER F 40 36.24 16.19 28.42
CA SER F 40 37.30 16.70 29.26
C SER F 40 37.59 15.72 30.38
N ASP F 41 38.75 15.89 31.01
CA ASP F 41 39.24 14.89 31.96
C ASP F 41 38.26 14.72 33.12
N GLY F 42 37.60 13.56 33.17
CA GLY F 42 36.68 13.27 34.26
C GLY F 42 35.42 14.10 34.24
N LYS F 43 35.18 14.85 33.17
CA LYS F 43 34.06 15.76 33.10
C LYS F 43 32.95 15.16 32.25
N SER F 44 31.93 15.97 31.99
CA SER F 44 30.89 15.58 31.03
C SER F 44 31.52 15.32 29.68
N LEU F 45 30.81 14.57 28.84
CA LEU F 45 31.23 14.32 27.48
C LEU F 45 30.04 14.56 26.57
N GLU F 46 30.27 15.29 25.49
CA GLU F 46 29.20 15.99 24.81
C GLU F 46 29.34 15.90 23.30
N TRP F 47 28.21 16.06 22.61
CA TRP F 47 28.10 15.69 21.20
C TRP F 47 28.53 16.85 20.32
N ILE F 48 29.66 16.68 19.64
CA ILE F 48 30.14 17.71 18.73
C ILE F 48 29.20 17.86 17.56
N GLY F 49 28.85 16.76 16.94
CA GLY F 49 28.16 16.78 15.68
C GLY F 49 28.43 15.53 14.90
N ILE F 50 27.68 15.38 13.81
CA ILE F 50 27.82 14.22 12.96
C ILE F 50 28.20 14.64 11.57
N ILE F 51 28.87 13.72 10.91
CA ILE F 51 29.02 13.69 9.47
C ILE F 51 28.34 12.42 8.96
N ASN F 52 27.45 12.60 8.00
CA ASN F 52 26.87 11.48 7.30
C ASN F 52 27.81 11.14 6.16
N PRO F 53 28.57 10.06 6.28
CA PRO F 53 29.62 9.81 5.28
C PRO F 53 29.11 9.78 3.87
N ASN F 54 27.91 9.24 3.67
CA ASN F 54 27.42 9.01 2.32
C ASN F 54 27.07 10.33 1.62
N TYR F 55 26.39 11.23 2.31
CA TYR F 55 25.83 12.43 1.69
C TYR F 55 26.49 13.72 2.16
N GLY F 56 27.43 13.64 3.10
CA GLY F 56 28.14 14.83 3.51
C GLY F 56 27.23 15.83 4.18
N ILE F 57 26.12 15.34 4.72
CA ILE F 57 25.21 16.18 5.48
C ILE F 57 25.71 16.31 6.89
N ILE F 58 26.42 17.38 7.17
CA ILE F 58 26.92 17.64 8.50
C ILE F 58 25.80 18.21 9.36
N SER F 59 25.90 18.00 10.66
CA SER F 59 25.16 18.83 11.59
C SER F 59 25.95 18.95 12.87
N TYR F 60 25.82 20.09 13.52
CA TYR F 60 26.64 20.42 14.68
C TYR F 60 25.76 20.74 15.87
N ASN F 61 26.35 20.60 17.05
CA ASN F 61 25.81 21.22 18.24
C ASN F 61 26.21 22.69 18.23
N GLN F 62 25.24 23.57 18.48
CA GLN F 62 25.51 25.00 18.36
C GLN F 62 26.56 25.47 19.35
N LYS F 63 26.86 24.67 20.39
CA LYS F 63 27.99 25.01 21.25
C LYS F 63 29.29 24.99 20.47
N PHE F 64 29.43 24.03 19.55
CA PHE F 64 30.67 23.82 18.84
C PHE F 64 30.66 24.35 17.42
N LYS F 65 29.49 24.71 16.89
CA LYS F 65 29.36 25.17 15.52
C LYS F 65 30.43 26.18 15.16
N GLY F 66 31.16 25.90 14.09
CA GLY F 66 32.23 26.77 13.64
C GLY F 66 33.56 26.45 14.30
N LYS F 67 33.54 26.31 15.63
CA LYS F 67 34.77 25.96 16.34
C LYS F 67 35.26 24.59 15.94
N ALA F 68 34.37 23.74 15.44
CA ALA F 68 34.70 22.43 14.91
C ALA F 68 34.19 22.29 13.49
N THR F 69 34.91 21.54 12.68
CA THR F 69 34.47 21.23 11.33
C THR F 69 34.76 19.77 11.05
N LEU F 70 33.77 19.07 10.49
CA LEU F 70 33.84 17.63 10.30
C LEU F 70 33.84 17.29 8.81
N THR F 71 34.57 16.25 8.45
CA THR F 71 34.58 15.78 7.07
C THR F 71 34.99 14.32 7.04
N VAL F 72 34.98 13.75 5.86
CA VAL F 72 35.29 12.33 5.68
C VAL F 72 35.96 12.09 4.34
N ASP F 73 36.61 10.93 4.24
CA ASP F 73 37.10 10.39 2.99
C ASP F 73 36.61 8.96 2.88
N GLN F 74 35.86 8.68 1.81
CA GLN F 74 35.36 7.33 1.58
C GLN F 74 36.50 6.34 1.38
N SER F 75 37.39 6.66 0.46
CA SER F 75 38.42 5.71 0.05
C SER F 75 39.28 5.30 1.24
N SER F 76 39.65 6.27 2.08
CA SER F 76 40.42 5.99 3.28
C SER F 76 39.57 5.39 4.39
N SER F 77 38.25 5.32 4.21
CA SER F 77 37.36 4.87 5.28
C SER F 77 37.59 5.68 6.54
N THR F 78 37.78 6.98 6.38
CA THR F 78 38.29 7.80 7.46
C THR F 78 37.41 9.03 7.66
N ALA F 79 37.35 9.49 8.91
CA ALA F 79 36.71 10.73 9.27
C ALA F 79 37.73 11.66 9.92
N TYR F 80 37.50 12.97 9.76
CA TYR F 80 38.42 13.99 10.21
C TYR F 80 37.66 15.09 10.93
N MET F 81 38.23 15.58 12.02
CA MET F 81 37.65 16.64 12.84
C MET F 81 38.67 17.74 13.04
N GLN F 82 38.32 18.95 12.63
CA GLN F 82 39.19 20.11 12.71
C GLN F 82 38.75 21.02 13.84
N LEU F 83 39.71 21.37 14.70
CA LEU F 83 39.52 22.39 15.72
C LEU F 83 40.16 23.68 15.25
N ASN F 84 39.36 24.75 15.27
CA ASN F 84 39.79 26.09 14.93
C ASN F 84 39.75 26.95 16.19
N SER F 85 40.67 27.91 16.27
CA SER F 85 40.72 28.85 17.39
C SER F 85 40.68 28.11 18.72
N LEU F 86 41.72 27.32 18.94
CA LEU F 86 41.81 26.53 20.16
C LEU F 86 42.04 27.41 21.38
N THR F 87 41.53 26.96 22.52
CA THR F 87 41.83 27.58 23.80
C THR F 87 42.02 26.48 24.83
N SER F 88 42.35 26.89 26.05
CA SER F 88 42.84 25.94 27.05
C SER F 88 41.83 24.83 27.32
N GLU F 89 40.55 25.19 27.42
CA GLU F 89 39.53 24.20 27.80
C GLU F 89 39.30 23.15 26.72
N ASP F 90 39.94 23.27 25.56
CA ASP F 90 39.89 22.22 24.55
C ASP F 90 40.88 21.10 24.82
N SER F 91 41.63 21.18 25.92
CA SER F 91 42.61 20.15 26.30
C SER F 91 41.84 18.96 26.86
N ALA F 92 41.51 18.01 25.98
CA ALA F 92 40.61 16.93 26.36
C ALA F 92 40.78 15.74 25.43
N VAL F 93 39.97 14.71 25.67
CA VAL F 93 39.94 13.50 24.85
C VAL F 93 38.78 13.63 23.88
N TYR F 94 39.08 13.58 22.60
CA TYR F 94 38.06 13.61 21.57
C TYR F 94 37.86 12.19 21.06
N TYR F 95 36.61 11.73 21.13
CA TYR F 95 36.22 10.47 20.54
C TYR F 95 35.50 10.71 19.23
N CYS F 96 35.56 9.72 18.37
CA CYS F 96 34.65 9.59 17.26
C CYS F 96 33.90 8.29 17.44
N ALA F 97 32.69 8.24 16.93
CA ALA F 97 31.82 7.11 17.18
C ALA F 97 30.92 6.87 15.99
N ARG F 98 30.05 5.88 16.14
CA ARG F 98 29.27 5.40 15.02
C ARG F 98 27.85 5.11 15.48
N TRP F 99 26.88 5.58 14.69
CA TRP F 99 25.49 5.25 14.92
C TRP F 99 25.18 3.90 14.29
N GLY F 100 25.11 2.87 15.13
CA GLY F 100 24.71 1.58 14.63
C GLY F 100 23.30 1.62 14.06
N ASN F 101 23.05 0.74 13.10
CA ASN F 101 21.78 0.71 12.41
C ASN F 101 20.88 -0.37 13.03
N SER F 102 19.64 0.03 13.34
CA SER F 102 18.65 -0.90 13.82
C SER F 102 17.27 -0.31 13.61
N PRO F 103 16.26 -1.14 13.36
CA PRO F 103 14.90 -0.61 13.24
C PRO F 103 14.32 -0.18 14.58
N TYR F 104 13.66 0.97 14.56
CA TYR F 104 12.86 1.47 15.66
C TYR F 104 13.70 1.99 16.82
N TYR F 105 15.00 1.76 16.79
CA TYR F 105 15.90 2.31 17.79
C TYR F 105 17.10 2.88 17.07
N TYR F 106 17.54 4.07 17.47
CA TYR F 106 18.60 4.71 16.73
C TYR F 106 19.06 5.93 17.52
N TYR F 107 20.18 6.52 17.08
CA TYR F 107 20.89 7.55 17.82
C TYR F 107 21.67 7.01 19.03
N TYR F 108 22.03 5.74 18.99
CA TYR F 108 23.00 5.15 19.91
C TYR F 108 24.37 5.08 19.25
N MET F 109 25.38 4.90 20.08
CA MET F 109 26.77 4.94 19.64
C MET F 109 27.43 3.64 20.09
N ASP F 110 27.37 2.63 19.23
CA ASP F 110 27.68 1.27 19.66
C ASP F 110 29.16 0.95 19.66
N VAL F 111 30.00 1.77 19.03
CA VAL F 111 31.44 1.56 19.05
C VAL F 111 32.16 2.90 19.06
N TRP F 112 33.33 2.92 19.69
CA TRP F 112 34.06 4.14 19.97
C TRP F 112 35.52 3.94 19.61
N GLY F 113 36.12 4.98 19.06
CA GLY F 113 37.57 5.05 19.01
C GLY F 113 38.16 5.22 20.39
N LYS F 114 39.46 5.00 20.49
CA LYS F 114 40.12 5.03 21.78
C LYS F 114 40.34 6.44 22.30
N GLY F 115 39.96 7.45 21.53
CA GLY F 115 40.05 8.81 22.02
C GLY F 115 41.43 9.40 21.91
N THR F 116 41.51 10.68 21.51
CA THR F 116 42.77 11.36 21.32
C THR F 116 42.86 12.52 22.30
N THR F 117 43.94 12.55 23.09
CA THR F 117 44.21 13.68 23.98
C THR F 117 44.86 14.78 23.16
N VAL F 118 44.02 15.74 22.77
CA VAL F 118 44.55 16.97 22.19
C VAL F 118 44.65 18.01 23.31
N THR F 119 45.82 18.61 23.46
CA THR F 119 46.17 19.33 24.67
C THR F 119 46.67 20.72 24.30
N VAL F 120 46.29 21.70 25.11
CA VAL F 120 46.70 23.09 24.93
C VAL F 120 47.53 23.50 26.13
N SER F 121 48.70 24.08 25.87
CA SER F 121 49.60 24.47 26.94
C SER F 121 50.47 25.64 26.52
N GLU G 1 16.41 -29.22 14.82
CA GLU G 1 17.36 -29.04 15.95
C GLU G 1 16.64 -28.97 17.29
N ASN G 2 15.50 -28.29 17.31
CA ASN G 2 14.90 -27.89 18.57
C ASN G 2 14.36 -29.09 19.34
N VAL G 3 14.36 -28.95 20.66
CA VAL G 3 13.76 -29.91 21.57
C VAL G 3 13.48 -29.16 22.86
N LEU G 4 12.44 -29.60 23.57
CA LEU G 4 11.97 -28.89 24.75
C LEU G 4 11.93 -29.82 25.95
N THR G 5 12.21 -29.25 27.11
CA THR G 5 12.10 -29.95 28.38
C THR G 5 11.16 -29.17 29.27
N GLN G 6 10.26 -29.86 29.96
CA GLN G 6 9.31 -29.16 30.80
C GLN G 6 9.23 -29.83 32.17
N SER G 7 8.87 -29.03 33.15
CA SER G 7 8.98 -29.38 34.55
C SER G 7 7.77 -28.84 35.31
N PRO G 8 7.40 -29.48 36.43
CA PRO G 8 8.02 -30.73 36.92
C PRO G 8 7.58 -31.96 36.13
N ALA G 9 8.33 -33.05 36.25
CA ALA G 9 7.93 -34.29 35.61
C ALA G 9 6.58 -34.76 36.15
N ILE G 10 6.41 -34.73 37.47
CA ILE G 10 5.14 -35.01 38.11
C ILE G 10 4.94 -34.00 39.23
N MET G 11 3.72 -33.50 39.37
CA MET G 11 3.36 -32.63 40.48
C MET G 11 2.45 -33.38 41.44
N SER G 12 2.76 -33.26 42.73
CA SER G 12 1.82 -33.63 43.79
C SER G 12 1.18 -32.35 44.30
N ALA G 13 -0.14 -32.39 44.48
CA ALA G 13 -0.87 -31.16 44.78
C ALA G 13 -2.15 -31.52 45.53
N SER G 14 -2.90 -30.47 45.87
CA SER G 14 -4.18 -30.57 46.53
C SER G 14 -5.23 -29.77 45.77
N PRO G 15 -6.50 -30.14 45.87
CA PRO G 15 -7.53 -29.33 45.21
C PRO G 15 -7.55 -27.94 45.81
N GLY G 16 -7.90 -26.96 44.97
CA GLY G 16 -7.93 -25.58 45.43
C GLY G 16 -6.58 -24.90 45.47
N GLU G 17 -5.62 -25.36 44.66
CA GLU G 17 -4.24 -24.93 44.79
C GLU G 17 -3.72 -24.34 43.48
N LYS G 18 -2.74 -23.47 43.60
CA LYS G 18 -2.13 -22.78 42.48
C LYS G 18 -0.83 -23.46 42.06
N VAL G 19 -0.52 -23.36 40.77
CA VAL G 19 0.65 -24.02 40.19
C VAL G 19 1.11 -23.22 38.98
N THR G 20 2.39 -23.34 38.67
CA THR G 20 2.89 -22.99 37.35
C THR G 20 3.94 -24.02 36.93
N MET G 21 3.83 -24.47 35.69
CA MET G 21 4.75 -25.44 35.10
C MET G 21 5.46 -24.77 33.94
N THR G 22 6.66 -25.23 33.63
CA THR G 22 7.57 -24.51 32.76
C THR G 22 7.99 -25.39 31.59
N CYS G 23 8.04 -24.80 30.40
CA CYS G 23 8.59 -25.45 29.21
C CYS G 23 9.75 -24.60 28.72
N ARG G 24 10.92 -25.21 28.64
CA ARG G 24 12.14 -24.55 28.21
C ARG G 24 12.58 -25.13 26.88
N ALA G 25 12.93 -24.25 25.96
CA ALA G 25 13.29 -24.63 24.60
C ALA G 25 14.81 -24.61 24.43
N THR G 26 15.34 -25.67 23.83
CA THR G 26 16.75 -25.71 23.50
C THR G 26 17.13 -24.65 22.49
N SER G 27 16.15 -24.12 21.74
CA SER G 27 16.37 -23.04 20.80
C SER G 27 15.16 -22.12 20.85
N SER G 28 15.32 -20.94 20.27
CA SER G 28 14.34 -19.88 20.48
C SER G 28 13.01 -20.21 19.84
N VAL G 29 11.95 -19.75 20.49
CA VAL G 29 10.58 -19.95 20.04
C VAL G 29 9.84 -18.63 20.19
N SER G 30 9.11 -18.24 19.16
CA SER G 30 8.31 -17.03 19.27
C SER G 30 7.12 -17.27 20.18
N SER G 31 6.76 -16.27 20.96
CA SER G 31 5.63 -16.39 21.87
C SER G 31 4.33 -16.61 21.11
N SER G 32 4.31 -16.30 19.82
CA SER G 32 3.12 -16.51 19.00
C SER G 32 2.97 -17.95 18.54
N TYR G 33 3.95 -18.81 18.77
CA TYR G 33 3.93 -20.19 18.29
C TYR G 33 4.31 -21.17 19.39
N LEU G 34 3.74 -21.02 20.58
CA LEU G 34 3.86 -22.04 21.60
C LEU G 34 2.51 -22.26 22.25
N HIS G 35 2.25 -23.50 22.64
CA HIS G 35 0.88 -23.95 22.88
C HIS G 35 0.91 -25.08 23.91
N TRP G 36 -0.22 -25.29 24.56
CA TRP G 36 -0.32 -26.28 25.64
C TRP G 36 -1.59 -27.08 25.52
N TYR G 37 -1.47 -28.40 25.63
CA TYR G 37 -2.57 -29.33 25.45
C TYR G 37 -2.83 -30.14 26.70
N GLN G 38 -4.10 -30.20 27.07
CA GLN G 38 -4.62 -31.11 28.09
C GLN G 38 -4.56 -32.54 27.57
N GLN G 39 -4.34 -33.50 28.47
CA GLN G 39 -4.32 -34.90 28.06
C GLN G 39 -4.57 -35.78 29.27
N LYS G 40 -5.61 -36.60 29.22
CA LYS G 40 -6.01 -37.45 30.33
C LYS G 40 -5.99 -38.91 29.93
N SER G 41 -5.29 -39.71 30.74
CA SER G 41 -5.47 -41.17 30.77
C SER G 41 -5.52 -41.79 29.37
N GLY G 42 -4.64 -41.34 28.49
CA GLY G 42 -4.51 -41.95 27.19
C GLY G 42 -5.59 -41.60 26.19
N ALA G 43 -6.51 -40.72 26.54
CA ALA G 43 -7.53 -40.27 25.61
C ALA G 43 -6.89 -39.28 24.63
N SER G 44 -7.71 -38.73 23.75
CA SER G 44 -7.21 -37.70 22.86
C SER G 44 -6.93 -36.42 23.65
N PRO G 45 -5.74 -35.83 23.50
CA PRO G 45 -5.47 -34.54 24.13
C PRO G 45 -6.46 -33.47 23.70
N LYS G 46 -6.32 -32.31 24.31
CA LYS G 46 -7.16 -31.16 24.02
C LYS G 46 -6.32 -29.90 24.08
N LEU G 47 -6.65 -28.94 23.22
CA LEU G 47 -5.93 -27.68 23.17
C LEU G 47 -6.50 -26.69 24.18
N TRP G 48 -5.67 -26.28 25.15
CA TRP G 48 -6.14 -25.42 26.22
C TRP G 48 -5.38 -24.10 26.35
N ILE G 49 -4.20 -23.97 25.75
CA ILE G 49 -3.62 -22.66 25.48
C ILE G 49 -3.08 -22.66 24.07
N TYR G 50 -3.29 -21.55 23.35
CA TYR G 50 -2.93 -21.49 21.94
C TYR G 50 -2.17 -20.22 21.55
N GLY G 51 -1.72 -19.41 22.51
CA GLY G 51 -0.91 -18.26 22.17
C GLY G 51 0.14 -17.85 23.19
N THR G 52 0.56 -18.79 24.03
CA THR G 52 1.45 -18.55 25.16
C THR G 52 0.74 -17.85 26.31
N SER G 53 -0.41 -17.23 26.03
CA SER G 53 -1.27 -16.68 27.07
C SER G 53 -2.74 -16.81 26.74
N ASN G 54 -3.07 -17.10 25.50
CA ASN G 54 -4.43 -17.01 25.04
C ASN G 54 -5.12 -18.32 25.41
N LEU G 55 -6.39 -18.28 25.79
CA LEU G 55 -7.07 -19.47 26.30
C LEU G 55 -8.08 -19.96 25.29
N ALA G 56 -8.12 -21.29 25.10
CA ALA G 56 -9.02 -21.88 24.12
C ALA G 56 -10.45 -21.90 24.65
N SER G 57 -11.36 -22.33 23.79
CA SER G 57 -12.74 -22.51 24.19
C SER G 57 -12.88 -23.80 25.01
N GLY G 58 -13.75 -23.74 26.01
CA GLY G 58 -14.00 -24.89 26.85
C GLY G 58 -13.06 -25.04 28.02
N VAL G 59 -12.18 -24.07 28.26
CA VAL G 59 -11.23 -24.14 29.37
C VAL G 59 -11.42 -22.89 30.22
N PRO G 60 -11.49 -23.01 31.55
CA PRO G 60 -11.74 -21.83 32.38
C PRO G 60 -10.59 -20.84 32.36
N ALA G 61 -10.89 -19.62 32.82
CA ALA G 61 -9.94 -18.53 32.86
C ALA G 61 -8.71 -18.87 33.69
N ARG G 62 -8.88 -19.71 34.72
CA ARG G 62 -7.80 -20.07 35.61
C ARG G 62 -6.51 -20.33 34.84
N PHE G 63 -6.63 -21.13 33.80
CA PHE G 63 -5.50 -21.46 32.94
C PHE G 63 -4.94 -20.19 32.31
N SER G 64 -3.63 -20.03 32.41
CA SER G 64 -2.95 -18.83 31.98
C SER G 64 -1.57 -19.22 31.46
N GLY G 65 -0.89 -18.26 30.85
CA GLY G 65 0.42 -18.52 30.30
C GLY G 65 1.23 -17.27 30.13
N SER G 66 2.53 -17.48 29.90
CA SER G 66 3.44 -16.36 29.74
C SER G 66 4.78 -16.85 29.20
N GLY G 67 5.65 -15.91 28.85
CA GLY G 67 7.02 -16.24 28.54
C GLY G 67 7.51 -15.71 27.20
N SER G 68 8.76 -16.01 26.88
CA SER G 68 9.36 -15.54 25.64
C SER G 68 10.58 -16.38 25.33
N GLY G 69 11.04 -16.27 24.08
CA GLY G 69 12.28 -16.87 23.67
C GLY G 69 12.39 -18.34 23.99
N THR G 70 13.22 -18.66 24.96
CA THR G 70 13.54 -20.04 25.30
C THR G 70 12.84 -20.54 26.56
N SER G 71 11.97 -19.73 27.17
CA SER G 71 11.29 -20.13 28.38
C SER G 71 9.84 -19.69 28.34
N TYR G 72 8.94 -20.59 28.73
CA TYR G 72 7.51 -20.36 28.68
C TYR G 72 6.87 -21.04 29.87
N SER G 73 5.68 -20.60 30.22
CA SER G 73 5.04 -21.00 31.47
C SER G 73 3.54 -21.17 31.27
N LEU G 74 3.03 -22.27 31.80
CA LEU G 74 1.60 -22.51 31.97
C LEU G 74 1.30 -22.33 33.45
N THR G 75 0.11 -21.83 33.76
CA THR G 75 -0.22 -21.48 35.13
C THR G 75 -1.68 -21.78 35.42
N ILE G 76 -1.95 -22.32 36.60
CA ILE G 76 -3.30 -22.57 37.08
C ILE G 76 -3.46 -21.87 38.41
N SER G 77 -4.56 -21.13 38.56
CA SER G 77 -4.85 -20.52 39.85
C SER G 77 -5.46 -21.53 40.82
N THR G 78 -6.16 -22.54 40.29
CA THR G 78 -6.80 -23.55 41.10
C THR G 78 -6.83 -24.87 40.34
N VAL G 79 -6.29 -25.92 40.93
CA VAL G 79 -6.40 -27.26 40.37
C VAL G 79 -7.55 -27.97 41.06
N GLU G 80 -8.22 -28.84 40.30
CA GLU G 80 -9.23 -29.73 40.84
C GLU G 80 -8.96 -31.14 40.33
N ALA G 81 -9.30 -32.13 41.15
CA ALA G 81 -8.85 -33.50 40.90
C ALA G 81 -9.31 -34.01 39.55
N GLU G 82 -10.58 -33.78 39.20
CA GLU G 82 -11.09 -34.25 37.93
C GLU G 82 -10.74 -33.32 36.78
N ASP G 83 -10.26 -32.11 37.08
CA ASP G 83 -9.81 -31.20 36.03
C ASP G 83 -8.34 -31.41 35.67
N ALA G 84 -7.55 -31.99 36.58
CA ALA G 84 -6.12 -32.12 36.36
C ALA G 84 -5.81 -33.26 35.40
N ALA G 85 -4.64 -33.17 34.77
CA ALA G 85 -4.20 -34.17 33.81
C ALA G 85 -2.73 -33.93 33.49
N THR G 86 -2.25 -34.63 32.47
CA THR G 86 -0.94 -34.33 31.92
C THR G 86 -1.06 -33.18 30.92
N TYR G 87 -0.03 -32.36 30.88
CA TYR G 87 0.00 -31.17 30.04
C TYR G 87 1.21 -31.22 29.14
N TYR G 88 0.99 -31.02 27.85
CA TYR G 88 2.03 -31.16 26.84
C TYR G 88 2.30 -29.78 26.24
N CYS G 89 3.57 -29.38 26.21
CA CYS G 89 3.94 -28.13 25.56
C CYS G 89 4.40 -28.37 24.13
N GLN G 90 4.18 -27.37 23.29
CA GLN G 90 4.36 -27.51 21.86
C GLN G 90 4.83 -26.19 21.28
N GLN G 91 5.54 -26.26 20.17
CA GLN G 91 6.08 -25.06 19.56
C GLN G 91 6.35 -25.30 18.10
N TYR G 92 6.65 -24.21 17.41
CA TYR G 92 7.23 -24.23 16.07
C TYR G 92 8.55 -23.48 16.09
N SER G 93 9.59 -24.16 15.61
CA SER G 93 10.90 -23.54 15.50
C SER G 93 11.49 -24.03 14.19
N GLY G 94 10.69 -23.99 13.14
CA GLY G 94 10.87 -24.87 12.03
C GLY G 94 10.24 -26.21 12.39
N TYR G 95 10.46 -27.18 11.53
CA TYR G 95 10.01 -28.51 11.85
C TYR G 95 11.19 -29.36 12.31
N PRO G 96 10.95 -30.38 13.15
CA PRO G 96 9.65 -30.81 13.65
C PRO G 96 9.06 -29.94 14.75
N LEU G 97 7.74 -30.03 14.92
CA LEU G 97 7.05 -29.30 15.96
C LEU G 97 7.12 -30.08 17.26
N THR G 98 8.31 -30.53 17.62
CA THR G 98 8.40 -31.52 18.68
C THR G 98 7.81 -30.96 19.96
N PHE G 99 7.04 -31.79 20.64
CA PHE G 99 6.44 -31.38 21.88
C PHE G 99 7.42 -31.59 23.02
N GLY G 100 7.06 -31.08 24.18
CA GLY G 100 7.72 -31.48 25.40
C GLY G 100 6.95 -32.61 26.03
N ALA G 101 7.65 -33.69 26.35
CA ALA G 101 7.01 -34.81 27.02
C ALA G 101 6.19 -34.30 28.20
N GLY G 102 4.94 -34.71 28.25
CA GLY G 102 3.97 -34.11 29.15
C GLY G 102 4.35 -34.19 30.62
N THR G 103 4.19 -33.08 31.33
CA THR G 103 4.17 -33.14 32.78
C THR G 103 2.84 -33.73 33.25
N LYS G 104 2.88 -34.33 34.44
CA LYS G 104 1.78 -35.14 34.94
C LYS G 104 1.35 -34.63 36.31
N LEU G 105 0.05 -34.65 36.58
CA LEU G 105 -0.49 -34.29 37.89
C LEU G 105 -0.96 -35.54 38.60
N GLU G 106 -0.43 -35.79 39.80
CA GLU G 106 -0.85 -36.92 40.61
C GLU G 106 -2.08 -36.59 41.45
N LEU G 107 -2.43 -35.31 41.56
CA LEU G 107 -3.61 -34.87 42.31
C LEU G 107 -4.75 -35.87 42.27
N GLU H 1 -28.39 -2.96 22.99
CA GLU H 1 -28.41 -4.04 24.01
C GLU H 1 -27.64 -3.64 25.27
N ASN H 2 -26.52 -2.97 25.08
CA ASN H 2 -25.57 -2.82 26.16
C ASN H 2 -26.09 -1.91 27.25
N VAL H 3 -25.63 -2.17 28.47
CA VAL H 3 -25.89 -1.33 29.64
C VAL H 3 -24.79 -1.64 30.64
N LEU H 4 -24.45 -0.64 31.44
CA LEU H 4 -23.33 -0.72 32.34
C LEU H 4 -23.76 -0.44 33.77
N THR H 5 -23.12 -1.13 34.71
CA THR H 5 -23.31 -0.89 36.13
C THR H 5 -21.95 -0.57 36.75
N GLN H 6 -21.91 0.44 37.61
CA GLN H 6 -20.65 0.81 38.21
C GLN H 6 -20.81 0.99 39.70
N SER H 7 -19.70 0.79 40.40
CA SER H 7 -19.67 0.65 41.84
C SER H 7 -18.44 1.34 42.41
N PRO H 8 -18.51 1.79 43.67
CA PRO H 8 -19.70 1.77 44.51
C PRO H 8 -20.71 2.83 44.13
N ALA H 9 -21.96 2.66 44.58
CA ALA H 9 -22.97 3.69 44.34
C ALA H 9 -22.56 5.00 45.00
N ILE H 10 -22.10 4.94 46.25
CA ILE H 10 -21.54 6.08 46.95
C ILE H 10 -20.32 5.61 47.71
N MET H 11 -19.26 6.43 47.69
CA MET H 11 -18.06 6.17 48.48
C MET H 11 -17.98 7.17 49.63
N SER H 12 -17.70 6.66 50.82
CA SER H 12 -17.28 7.48 51.94
C SER H 12 -15.76 7.37 52.04
N ALA H 13 -15.09 8.51 52.23
CA ALA H 13 -13.64 8.54 52.14
C ALA H 13 -13.11 9.71 52.97
N SER H 14 -11.78 9.82 52.98
CA SER H 14 -11.07 10.89 53.65
C SER H 14 -10.10 11.55 52.67
N PRO H 15 -9.76 12.81 52.87
CA PRO H 15 -8.75 13.44 52.01
C PRO H 15 -7.41 12.71 52.15
N GLY H 16 -6.66 12.68 51.05
CA GLY H 16 -5.38 12.01 51.07
C GLY H 16 -5.47 10.51 50.91
N GLU H 17 -6.52 9.99 50.28
CA GLU H 17 -6.82 8.57 50.27
C GLU H 17 -6.93 8.05 48.84
N LYS H 18 -6.65 6.76 48.69
CA LYS H 18 -6.67 6.10 47.40
C LYS H 18 -7.98 5.33 47.21
N VAL H 19 -8.39 5.21 45.94
CA VAL H 19 -9.66 4.57 45.59
C VAL H 19 -9.54 3.98 44.20
N THR H 20 -10.35 2.97 43.93
CA THR H 20 -10.66 2.57 42.57
C THR H 20 -12.13 2.20 42.49
N MET H 21 -12.78 2.69 41.44
CA MET H 21 -14.19 2.42 41.17
C MET H 21 -14.29 1.67 39.86
N THR H 22 -15.34 0.87 39.72
CA THR H 22 -15.41 -0.12 38.65
C THR H 22 -16.66 0.10 37.81
N CYS H 23 -16.51 -0.04 36.50
CA CYS H 23 -17.63 -0.04 35.56
C CYS H 23 -17.62 -1.38 34.84
N ARG H 24 -18.73 -2.11 34.94
CA ARG H 24 -18.89 -3.41 34.33
C ARG H 24 -19.93 -3.33 33.24
N ALA H 25 -19.61 -3.91 32.09
CA ALA H 25 -20.47 -3.84 30.92
C ALA H 25 -21.23 -5.15 30.74
N THR H 26 -22.54 -5.03 30.49
CA THR H 26 -23.35 -6.20 30.19
C THR H 26 -22.91 -6.86 28.89
N SER H 27 -22.20 -6.14 28.03
CA SER H 27 -21.65 -6.70 26.81
C SER H 27 -20.28 -6.07 26.57
N SER H 28 -19.53 -6.68 25.66
CA SER H 28 -18.12 -6.35 25.54
C SER H 28 -17.92 -4.93 25.03
N VAL H 29 -16.85 -4.31 25.51
CA VAL H 29 -16.46 -2.96 25.14
C VAL H 29 -14.96 -2.95 24.90
N SER H 30 -14.54 -2.34 23.80
CA SER H 30 -13.12 -2.23 23.53
C SER H 30 -12.51 -1.21 24.48
N SER H 31 -11.28 -1.48 24.92
CA SER H 31 -10.59 -0.57 25.81
C SER H 31 -10.34 0.78 25.16
N SER H 32 -10.42 0.84 23.84
CA SER H 32 -10.24 2.10 23.13
C SER H 32 -11.48 2.97 23.12
N TYR H 33 -12.62 2.48 23.59
CA TYR H 33 -13.87 3.21 23.57
C TYR H 33 -14.57 3.17 24.90
N LEU H 34 -13.87 3.42 25.99
CA LEU H 34 -14.51 3.64 27.28
C LEU H 34 -13.85 4.82 27.97
N HIS H 35 -14.65 5.58 28.71
CA HIS H 35 -14.30 6.94 29.08
C HIS H 35 -14.98 7.28 30.40
N TRP H 36 -14.44 8.27 31.10
CA TRP H 36 -14.91 8.65 32.43
C TRP H 36 -15.00 10.16 32.56
N TYR H 37 -16.13 10.64 33.06
CA TYR H 37 -16.41 12.06 33.17
C TYR H 37 -16.62 12.47 34.61
N GLN H 38 -15.95 13.57 34.99
CA GLN H 38 -16.19 14.28 36.23
C GLN H 38 -17.54 14.97 36.17
N GLN H 39 -18.20 15.10 37.32
CA GLN H 39 -19.49 15.78 37.35
C GLN H 39 -19.78 16.22 38.78
N LYS H 40 -19.96 17.53 38.98
CA LYS H 40 -20.18 18.11 40.30
C LYS H 40 -21.52 18.83 40.36
N SER H 41 -22.32 18.48 41.37
CA SER H 41 -23.43 19.30 41.84
C SER H 41 -24.29 19.84 40.71
N GLY H 42 -24.57 19.00 39.72
CA GLY H 42 -25.49 19.37 38.67
C GLY H 42 -24.94 20.30 37.61
N ALA H 43 -23.66 20.63 37.68
CA ALA H 43 -23.04 21.45 36.66
C ALA H 43 -22.79 20.58 35.42
N SER H 44 -22.16 21.17 34.42
CA SER H 44 -21.80 20.39 33.26
C SER H 44 -20.65 19.43 33.62
N PRO H 45 -20.78 18.15 33.29
CA PRO H 45 -19.67 17.22 33.51
C PRO H 45 -18.41 17.65 32.77
N LYS H 46 -17.35 16.89 33.00
CA LYS H 46 -16.07 17.14 32.38
C LYS H 46 -15.42 15.80 32.05
N LEU H 47 -14.67 15.78 30.94
CA LEU H 47 -13.99 14.56 30.51
C LEU H 47 -12.63 14.45 31.17
N TRP H 48 -12.43 13.39 31.96
CA TRP H 48 -11.21 13.25 32.72
C TRP H 48 -10.45 11.96 32.45
N ILE H 49 -11.07 10.95 31.84
CA ILE H 49 -10.34 9.88 31.17
C ILE H 49 -10.98 9.61 29.83
N TYR H 50 -10.15 9.38 28.81
CA TYR H 50 -10.63 9.25 27.45
C TYR H 50 -10.05 8.06 26.68
N GLY H 51 -9.35 7.16 27.35
CA GLY H 51 -8.89 5.95 26.68
C GLY H 51 -8.78 4.70 27.52
N THR H 52 -9.54 4.65 28.60
CA THR H 52 -9.48 3.59 29.61
C THR H 52 -8.25 3.72 30.50
N SER H 53 -7.24 4.47 30.04
CA SER H 53 -6.10 4.81 30.87
C SER H 53 -5.57 6.19 30.60
N ASN H 54 -5.98 6.81 29.51
CA ASN H 54 -5.36 8.03 29.04
C ASN H 54 -6.02 9.17 29.79
N LEU H 55 -5.25 10.21 30.14
CA LEU H 55 -5.78 11.27 30.99
C LEU H 55 -5.97 12.55 30.18
N ALA H 56 -7.10 13.22 30.40
CA ALA H 56 -7.42 14.42 29.65
C ALA H 56 -6.60 15.60 30.16
N SER H 57 -6.74 16.72 29.48
CA SER H 57 -6.11 17.95 29.92
C SER H 57 -6.88 18.56 31.09
N GLY H 58 -6.15 19.14 32.03
CA GLY H 58 -6.77 19.76 33.17
C GLY H 58 -7.03 18.84 34.33
N VAL H 59 -6.59 17.58 34.26
CA VAL H 59 -6.81 16.62 35.34
C VAL H 59 -5.46 16.08 35.77
N PRO H 60 -5.18 16.00 37.08
CA PRO H 60 -3.86 15.55 37.51
C PRO H 60 -3.60 14.08 37.18
N ALA H 61 -2.33 13.70 37.25
CA ALA H 61 -1.86 12.36 36.96
C ALA H 61 -2.52 11.31 37.85
N ARG H 62 -2.86 11.71 39.08
CA ARG H 62 -3.46 10.80 40.05
C ARG H 62 -4.50 9.91 39.39
N PHE H 63 -5.39 10.54 38.64
CA PHE H 63 -6.44 9.84 37.91
C PHE H 63 -5.83 8.85 36.93
N SER H 64 -6.32 7.62 36.98
CA SER H 64 -5.76 6.53 36.21
C SER H 64 -6.89 5.58 35.83
N GLY H 65 -6.59 4.65 34.94
CA GLY H 65 -7.60 3.71 34.51
C GLY H 65 -7.00 2.43 33.96
N SER H 66 -7.86 1.44 33.80
CA SER H 66 -7.42 0.15 33.30
C SER H 66 -8.63 -0.71 32.94
N GLY H 67 -8.36 -1.85 32.33
CA GLY H 67 -9.38 -2.86 32.12
C GLY H 67 -9.53 -3.33 30.69
N SER H 68 -10.48 -4.23 30.46
CA SER H 68 -10.71 -4.78 29.15
C SER H 68 -12.09 -5.42 29.10
N GLY H 69 -12.55 -5.69 27.87
CA GLY H 69 -13.76 -6.44 27.67
C GLY H 69 -14.95 -5.88 28.41
N THR H 70 -15.37 -6.61 29.45
CA THR H 70 -16.58 -6.30 30.18
C THR H 70 -16.31 -5.64 31.53
N SER H 71 -15.06 -5.35 31.86
CA SER H 71 -14.75 -4.75 33.14
C SER H 71 -13.69 -3.68 32.98
N TYR H 72 -13.90 -2.54 33.63
CA TYR H 72 -13.01 -1.39 33.51
C TYR H 72 -12.95 -0.68 34.86
N SER H 73 -11.90 0.09 35.06
CA SER H 73 -11.60 0.65 36.36
C SER H 73 -11.06 2.07 36.22
N LEU H 74 -11.58 2.95 37.06
CA LEU H 74 -11.05 4.28 37.30
C LEU H 74 -10.36 4.23 38.65
N THR H 75 -9.28 4.99 38.80
CA THR H 75 -8.46 4.91 40.01
C THR H 75 -7.93 6.29 40.37
N ILE H 76 -7.92 6.59 41.67
CA ILE H 76 -7.35 7.82 42.19
C ILE H 76 -6.34 7.43 43.25
N SER H 77 -5.15 8.03 43.17
CA SER H 77 -4.15 7.80 44.23
C SER H 77 -4.43 8.67 45.44
N THR H 78 -5.08 9.81 45.25
CA THR H 78 -5.40 10.72 46.34
C THR H 78 -6.67 11.48 46.01
N VAL H 79 -7.65 11.41 46.89
CA VAL H 79 -8.86 12.21 46.77
C VAL H 79 -8.71 13.44 47.64
N GLU H 80 -9.31 14.54 47.18
CA GLU H 80 -9.42 15.76 47.97
C GLU H 80 -10.85 16.25 47.91
N ALA H 81 -11.29 16.88 49.00
CA ALA H 81 -12.71 17.16 49.17
C ALA H 81 -13.26 18.01 48.04
N GLU H 82 -12.56 19.06 47.64
CA GLU H 82 -13.04 19.92 46.57
C GLU H 82 -12.73 19.35 45.19
N ASP H 83 -11.89 18.32 45.11
CA ASP H 83 -11.63 17.66 43.83
C ASP H 83 -12.61 16.53 43.55
N ALA H 84 -13.24 15.98 44.59
CA ALA H 84 -14.11 14.83 44.42
C ALA H 84 -15.45 15.23 43.85
N ALA H 85 -16.12 14.26 43.22
CA ALA H 85 -17.42 14.48 42.61
C ALA H 85 -18.02 13.14 42.23
N THR H 86 -19.11 13.19 41.47
CA THR H 86 -19.64 12.00 40.85
C THR H 86 -18.90 11.72 39.55
N TYR H 87 -18.73 10.44 39.26
CA TYR H 87 -17.97 9.99 38.10
C TYR H 87 -18.84 9.09 37.25
N TYR H 88 -18.92 9.39 35.96
CA TYR H 88 -19.80 8.68 35.04
C TYR H 88 -18.96 7.91 34.05
N CYS H 89 -19.24 6.61 33.90
CA CYS H 89 -18.55 5.81 32.90
C CYS H 89 -19.36 5.74 31.62
N GLN H 90 -18.64 5.59 30.51
CA GLN H 90 -19.23 5.70 29.19
C GLN H 90 -18.51 4.77 28.24
N GLN H 91 -19.20 4.36 27.20
CA GLN H 91 -18.64 3.41 26.26
C GLN H 91 -19.36 3.51 24.92
N TYR H 92 -18.78 2.84 23.93
CA TYR H 92 -19.43 2.55 22.68
C TYR H 92 -19.46 1.05 22.45
N SER H 93 -20.64 0.51 22.21
CA SER H 93 -20.81 -0.89 21.91
C SER H 93 -21.84 -0.99 20.81
N GLY H 94 -21.69 -0.15 19.81
CA GLY H 94 -22.81 0.27 19.01
C GLY H 94 -23.53 1.39 19.77
N TYR H 95 -24.66 1.78 19.23
CA TYR H 95 -25.47 2.74 19.95
C TYR H 95 -26.63 2.04 20.65
N PRO H 96 -27.14 2.59 21.75
CA PRO H 96 -26.73 3.85 22.37
C PRO H 96 -25.41 3.80 23.15
N LEU H 97 -24.81 4.96 23.35
CA LEU H 97 -23.58 5.07 24.11
C LEU H 97 -23.93 5.17 25.58
N THR H 98 -24.78 4.29 26.06
CA THR H 98 -25.37 4.52 27.36
C THR H 98 -24.28 4.58 28.41
N PHE H 99 -24.41 5.54 29.33
CA PHE H 99 -23.46 5.69 30.39
C PHE H 99 -23.81 4.76 31.53
N GLY H 100 -22.90 4.66 32.49
CA GLY H 100 -23.23 4.09 33.77
C GLY H 100 -23.62 5.19 34.71
N ALA H 101 -24.79 5.04 35.34
CA ALA H 101 -25.22 6.02 36.31
C ALA H 101 -24.09 6.31 37.28
N GLY H 102 -23.80 7.60 37.46
CA GLY H 102 -22.60 8.02 38.14
C GLY H 102 -22.45 7.52 39.56
N THR H 103 -21.27 7.02 39.90
CA THR H 103 -20.92 6.85 41.31
C THR H 103 -20.65 8.21 41.93
N LYS H 104 -20.84 8.29 43.24
CA LYS H 104 -20.84 9.55 43.97
C LYS H 104 -19.85 9.48 45.13
N LEU H 105 -19.16 10.58 45.39
CA LEU H 105 -18.26 10.69 46.52
C LEU H 105 -18.88 11.59 47.58
N GLU H 106 -19.02 11.04 48.80
CA GLU H 106 -19.54 11.82 49.92
C GLU H 106 -18.45 12.61 50.62
N LEU H 107 -17.18 12.31 50.34
CA LEU H 107 -16.04 13.02 50.91
C LEU H 107 -16.32 14.50 51.19
N GLU I 1 17.47 22.71 22.84
CA GLU I 1 16.86 23.09 24.15
C GLU I 1 17.15 22.04 25.22
N ASN I 2 17.10 20.77 24.83
CA ASN I 2 17.04 19.70 25.83
C ASN I 2 18.36 19.58 26.58
N VAL I 3 18.24 19.11 27.82
CA VAL I 3 19.36 18.78 28.68
C VAL I 3 18.85 17.81 29.72
N LEU I 4 19.72 16.93 30.18
CA LEU I 4 19.34 15.85 31.08
C LEU I 4 20.16 15.88 32.35
N THR I 5 19.52 15.51 33.44
CA THR I 5 20.18 15.35 34.73
C THR I 5 19.96 13.93 35.22
N GLN I 6 21.00 13.29 35.74
CA GLN I 6 20.86 11.93 36.19
C GLN I 6 21.48 11.76 37.56
N SER I 7 20.95 10.78 38.28
CA SER I 7 21.20 10.60 39.70
C SER I 7 21.32 9.13 40.03
N PRO I 8 22.06 8.78 41.09
CA PRO I 8 22.84 9.72 41.90
C PRO I 8 24.12 10.17 41.22
N ALA I 9 24.72 11.26 41.70
CA ALA I 9 26.00 11.70 41.16
C ALA I 9 27.06 10.62 41.39
N ILE I 10 27.12 10.07 42.60
CA ILE I 10 27.97 8.94 42.92
C ILE I 10 27.19 7.98 43.78
N MET I 11 27.35 6.69 43.51
CA MET I 11 26.77 5.64 44.34
C MET I 11 27.85 4.94 45.13
N SER I 12 27.60 4.75 46.43
CA SER I 12 28.37 3.82 47.24
C SER I 12 27.57 2.54 47.37
N ALA I 13 28.24 1.40 47.20
CA ALA I 13 27.54 0.13 47.11
C ALA I 13 28.46 -1.00 47.54
N SER I 14 27.91 -2.21 47.50
CA SER I 14 28.64 -3.43 47.82
C SER I 14 28.45 -4.43 46.69
N PRO I 15 29.38 -5.35 46.49
CA PRO I 15 29.18 -6.39 45.49
C PRO I 15 27.97 -7.24 45.83
N GLY I 16 27.29 -7.72 44.80
CA GLY I 16 26.10 -8.53 45.03
C GLY I 16 24.85 -7.74 45.31
N GLU I 17 24.78 -6.48 44.88
CA GLU I 17 23.74 -5.56 45.30
C GLU I 17 22.97 -5.01 44.10
N LYS I 18 21.73 -4.62 44.34
CA LYS I 18 20.84 -4.10 43.32
C LYS I 18 20.79 -2.58 43.37
N VAL I 19 20.56 -1.98 42.21
CA VAL I 19 20.56 -0.52 42.06
C VAL I 19 19.65 -0.15 40.91
N THR I 20 19.12 1.07 40.97
CA THR I 20 18.58 1.74 39.79
C THR I 20 18.97 3.21 39.83
N MET I 21 19.42 3.71 38.68
CA MET I 21 19.82 5.10 38.52
C MET I 21 18.90 5.73 37.49
N THR I 22 18.71 7.04 37.60
CA THR I 22 17.64 7.72 36.89
C THR I 22 18.19 8.84 36.02
N CYS I 23 17.67 8.97 34.80
CA CYS I 23 17.97 10.08 33.92
C CYS I 23 16.66 10.81 33.63
N ARG I 24 16.62 12.09 33.96
CA ARG I 24 15.45 12.93 33.77
C ARG I 24 15.74 13.97 32.70
N ALA I 25 14.80 14.14 31.79
CA ALA I 25 14.97 15.03 30.65
C ALA I 25 14.21 16.33 30.88
N THR I 26 14.88 17.45 30.61
CA THR I 26 14.23 18.74 30.68
C THR I 26 13.12 18.86 29.65
N SER I 27 13.14 18.04 28.60
CA SER I 27 12.08 18.00 27.61
C SER I 27 11.87 16.55 27.20
N SER I 28 10.77 16.31 26.51
CA SER I 28 10.31 14.95 26.28
C SER I 28 11.26 14.19 25.38
N VAL I 29 11.37 12.89 25.64
CA VAL I 29 12.22 11.98 24.89
C VAL I 29 11.43 10.71 24.64
N SER I 30 11.44 10.22 23.40
CA SER I 30 10.77 8.97 23.11
C SER I 30 11.56 7.81 23.70
N SER I 31 10.86 6.81 24.20
CA SER I 31 11.52 5.65 24.78
C SER I 31 12.34 4.90 23.75
N SER I 32 12.09 5.14 22.47
CA SER I 32 12.85 4.50 21.41
C SER I 32 14.19 5.18 21.14
N TYR I 33 14.45 6.33 21.75
CA TYR I 33 15.67 7.09 21.50
C TYR I 33 16.33 7.52 22.79
N LEU I 34 16.48 6.62 23.74
CA LEU I 34 17.31 6.88 24.91
C LEU I 34 18.16 5.66 25.21
N HIS I 35 19.37 5.91 25.69
CA HIS I 35 20.43 4.91 25.62
C HIS I 35 21.39 5.14 26.78
N TRP I 36 22.14 4.10 27.13
CA TRP I 36 23.04 4.14 28.29
C TRP I 36 24.36 3.49 27.96
N TYR I 37 25.45 4.18 28.29
CA TYR I 37 26.80 3.74 27.96
C TYR I 37 27.63 3.52 29.21
N GLN I 38 28.31 2.38 29.24
CA GLN I 38 29.35 2.06 30.21
C GLN I 38 30.56 2.93 29.94
N GLN I 39 31.30 3.28 31.00
CA GLN I 39 32.52 4.08 30.83
C GLN I 39 33.39 3.91 32.05
N LYS I 40 34.62 3.44 31.85
CA LYS I 40 35.55 3.16 32.93
C LYS I 40 36.83 3.98 32.77
N SER I 41 37.18 4.69 33.83
CA SER I 41 38.54 5.21 34.05
C SER I 41 39.11 5.88 32.80
N GLY I 42 38.29 6.66 32.11
CA GLY I 42 38.77 7.45 31.00
C GLY I 42 38.99 6.69 29.71
N ALA I 43 38.67 5.40 29.67
CA ALA I 43 38.77 4.64 28.45
C ALA I 43 37.60 5.01 27.53
N SER I 44 37.51 4.34 26.40
CA SER I 44 36.38 4.56 25.53
C SER I 44 35.12 3.95 26.16
N PRO I 45 34.03 4.71 26.25
CA PRO I 45 32.77 4.14 26.72
C PRO I 45 32.32 2.96 25.89
N LYS I 46 31.24 2.35 26.34
CA LYS I 46 30.64 1.21 25.66
C LYS I 46 29.13 1.31 25.75
N LEU I 47 28.45 0.84 24.71
CA LEU I 47 27.00 0.87 24.66
C LEU I 47 26.41 -0.37 25.32
N TRP I 48 25.65 -0.16 26.41
CA TRP I 48 25.13 -1.28 27.17
C TRP I 48 23.61 -1.29 27.30
N ILE I 49 22.92 -0.20 27.02
CA ILE I 49 21.49 -0.24 26.71
C ILE I 49 21.23 0.65 25.51
N TYR I 50 20.37 0.18 24.61
CA TYR I 50 20.13 0.87 23.36
C TYR I 50 18.66 1.03 22.99
N GLY I 51 17.73 0.74 23.90
CA GLY I 51 16.33 0.99 23.62
C GLY I 51 15.47 1.36 24.80
N THR I 52 16.07 1.89 25.85
CA THR I 52 15.43 2.18 27.14
C THR I 52 15.17 0.91 27.94
N SER I 53 15.18 -0.25 27.28
CA SER I 53 15.12 -1.53 27.96
C SER I 53 15.94 -2.59 27.28
N ASN I 54 16.37 -2.36 26.06
CA ASN I 54 16.96 -3.39 25.23
C ASN I 54 18.43 -3.46 25.61
N LEU I 55 19.01 -4.67 25.62
CA LEU I 55 20.38 -4.83 26.10
C LEU I 55 21.31 -5.13 24.94
N ALA I 56 22.49 -4.50 24.97
CA ALA I 56 23.44 -4.67 23.89
C ALA I 56 24.14 -6.02 24.01
N SER I 57 24.98 -6.30 23.02
CA SER I 57 25.81 -7.50 23.06
C SER I 57 26.99 -7.27 23.98
N GLY I 58 27.37 -8.32 24.70
CA GLY I 58 28.50 -8.25 25.62
C GLY I 58 28.16 -7.77 27.00
N VAL I 59 26.88 -7.55 27.30
CA VAL I 59 26.48 -7.08 28.62
C VAL I 59 25.47 -8.05 29.21
N PRO I 60 25.62 -8.46 30.47
CA PRO I 60 24.71 -9.47 31.02
C PRO I 60 23.28 -8.97 31.16
N ALA I 61 22.37 -9.92 31.34
CA ALA I 61 20.94 -9.65 31.46
C ALA I 61 20.64 -8.72 32.63
N ARG I 62 21.46 -8.79 33.68
CA ARG I 62 21.24 -7.98 34.88
C ARG I 62 20.84 -6.57 34.52
N PHE I 63 21.60 -5.97 33.62
CA PHE I 63 21.34 -4.62 33.14
C PHE I 63 19.96 -4.55 32.50
N SER I 64 19.19 -3.56 32.92
CA SER I 64 17.80 -3.42 32.52
C SER I 64 17.47 -1.95 32.45
N GLY I 65 16.31 -1.64 31.89
CA GLY I 65 15.91 -0.25 31.77
C GLY I 65 14.41 -0.10 31.63
N SER I 66 13.96 1.14 31.78
CA SER I 66 12.53 1.43 31.69
C SER I 66 12.33 2.93 31.61
N GLY I 67 11.07 3.32 31.37
CA GLY I 67 10.69 4.71 31.49
C GLY I 67 9.99 5.28 30.27
N SER I 68 9.65 6.57 30.33
CA SER I 68 8.94 7.22 29.23
C SER I 68 9.08 8.72 29.38
N GLY I 69 8.76 9.43 28.31
CA GLY I 69 8.68 10.86 28.33
C GLY I 69 9.91 11.54 28.89
N THR I 70 9.79 12.09 30.08
CA THR I 70 10.84 12.89 30.69
C THR I 70 11.61 12.15 31.78
N SER I 71 11.33 10.86 32.01
CA SER I 71 12.01 10.12 33.05
C SER I 71 12.34 8.72 32.55
N TYR I 72 13.56 8.28 32.82
CA TYR I 72 14.05 6.99 32.36
C TYR I 72 14.96 6.41 33.44
N SER I 73 15.14 5.10 33.39
CA SER I 73 15.81 4.39 34.46
C SER I 73 16.68 3.27 33.90
N LEU I 74 17.90 3.20 34.43
CA LEU I 74 18.80 2.07 34.25
C LEU I 74 18.79 1.29 35.56
N THR I 75 18.93 -0.03 35.47
CA THR I 75 18.78 -0.89 36.64
C THR I 75 19.75 -2.05 36.56
N ILE I 76 20.34 -2.38 37.71
CA ILE I 76 21.24 -3.53 37.84
C ILE I 76 20.69 -4.39 38.97
N SER I 77 20.59 -5.70 38.71
CA SER I 77 20.19 -6.61 39.77
C SER I 77 21.37 -6.95 40.67
N THR I 78 22.58 -6.89 40.13
CA THR I 78 23.79 -7.21 40.90
C THR I 78 24.95 -6.39 40.35
N VAL I 79 25.60 -5.64 41.22
CA VAL I 79 26.82 -4.94 40.86
C VAL I 79 28.01 -5.77 41.31
N GLU I 80 29.09 -5.70 40.54
CA GLU I 80 30.36 -6.29 40.92
C GLU I 80 31.46 -5.25 40.72
N ALA I 81 32.49 -5.33 41.57
CA ALA I 81 33.46 -4.24 41.65
C ALA I 81 34.13 -3.98 40.31
N GLU I 82 34.56 -5.03 39.62
CA GLU I 82 35.23 -4.86 38.34
C GLU I 82 34.25 -4.64 37.20
N ASP I 83 32.95 -4.90 37.43
CA ASP I 83 31.94 -4.63 36.42
C ASP I 83 31.41 -3.20 36.50
N ALA I 84 31.53 -2.56 37.65
CA ALA I 84 30.95 -1.24 37.84
C ALA I 84 31.79 -0.15 37.17
N ALA I 85 31.15 0.96 36.88
CA ALA I 85 31.81 2.09 36.23
C ALA I 85 30.88 3.30 36.27
N THR I 86 31.26 4.34 35.53
CA THR I 86 30.36 5.45 35.30
C THR I 86 29.42 5.12 34.16
N TYR I 87 28.20 5.62 34.26
CA TYR I 87 27.15 5.33 33.29
C TYR I 87 26.60 6.64 32.76
N TYR I 88 26.53 6.77 31.44
CA TYR I 88 26.15 8.00 30.79
C TYR I 88 24.82 7.77 30.07
N CYS I 89 23.85 8.64 30.32
CA CYS I 89 22.58 8.57 29.61
C CYS I 89 22.57 9.51 28.42
N GLN I 90 21.81 9.10 27.40
CA GLN I 90 21.84 9.76 26.11
C GLN I 90 20.46 9.70 25.49
N GLN I 91 20.17 10.67 24.62
CA GLN I 91 18.87 10.75 24.01
C GLN I 91 18.95 11.53 22.71
N TYR I 92 17.85 11.48 21.97
CA TYR I 92 17.60 12.38 20.86
C TYR I 92 16.30 13.13 21.11
N SER I 93 16.38 14.45 21.03
CA SER I 93 15.20 15.29 21.18
C SER I 93 15.34 16.41 20.16
N GLY I 94 15.69 16.04 18.95
CA GLY I 94 16.39 16.94 18.07
C GLY I 94 17.86 16.93 18.44
N TYR I 95 18.60 17.81 17.82
CA TYR I 95 19.99 17.97 18.22
C TYR I 95 20.15 19.20 19.09
N PRO I 96 21.15 19.22 19.98
CA PRO I 96 22.16 18.19 20.19
C PRO I 96 21.68 16.96 20.94
N LEU I 97 22.40 15.85 20.77
CA LEU I 97 22.10 14.61 21.47
C LEU I 97 22.74 14.65 22.84
N THR I 98 22.55 15.73 23.56
CA THR I 98 23.37 15.95 24.74
C THR I 98 23.18 14.80 25.72
N PHE I 99 24.28 14.35 26.30
CA PHE I 99 24.22 13.27 27.26
C PHE I 99 23.91 13.85 28.63
N GLY I 100 23.63 12.95 29.56
CA GLY I 100 23.66 13.31 30.97
C GLY I 100 25.03 13.01 31.53
N ALA I 101 25.63 14.00 32.18
CA ALA I 101 26.92 13.78 32.81
C ALA I 101 26.87 12.51 33.64
N GLY I 102 27.84 11.64 33.42
CA GLY I 102 27.78 10.29 33.94
C GLY I 102 27.67 10.18 35.44
N THR I 103 26.77 9.32 35.92
CA THR I 103 26.82 8.89 37.31
C THR I 103 27.99 7.93 37.49
N LYS I 104 28.49 7.86 38.71
CA LYS I 104 29.73 7.16 39.02
C LYS I 104 29.50 6.17 40.15
N LEU I 105 30.15 5.01 40.06
CA LEU I 105 30.10 4.00 41.10
C LEU I 105 31.43 3.97 41.85
N GLU I 106 31.37 4.15 43.17
CA GLU I 106 32.56 4.08 44.00
C GLU I 106 32.87 2.66 44.43
N LEU I 107 31.93 1.73 44.25
CA LEU I 107 32.11 0.32 44.57
C LEU I 107 33.55 -0.15 44.39
#